data_2I4R
# 
_entry.id   2I4R 
# 
_audit_conform.dict_name       mmcif_pdbx.dic 
_audit_conform.dict_version    5.397 
_audit_conform.dict_location   http://mmcif.pdb.org/dictionaries/ascii/mmcif_pdbx.dic 
# 
loop_
_database_2.database_id 
_database_2.database_code 
_database_2.pdbx_database_accession 
_database_2.pdbx_DOI 
PDB   2I4R         pdb_00002i4r 10.2210/pdb2i4r/pdb 
RCSB  RCSB039135   ?            ?                   
WWPDB D_1000039135 ?            ?                   
# 
loop_
_pdbx_audit_revision_history.ordinal 
_pdbx_audit_revision_history.data_content_type 
_pdbx_audit_revision_history.major_revision 
_pdbx_audit_revision_history.minor_revision 
_pdbx_audit_revision_history.revision_date 
1 'Structure model' 1 0 2006-08-29 
2 'Structure model' 1 1 2008-05-01 
3 'Structure model' 1 2 2011-07-13 
4 'Structure model' 1 3 2024-10-09 
# 
_pdbx_audit_revision_details.ordinal             1 
_pdbx_audit_revision_details.revision_ordinal    1 
_pdbx_audit_revision_details.data_content_type   'Structure model' 
_pdbx_audit_revision_details.provider            repository 
_pdbx_audit_revision_details.type                'Initial release' 
_pdbx_audit_revision_details.description         ? 
_pdbx_audit_revision_details.details             ? 
# 
loop_
_pdbx_audit_revision_group.ordinal 
_pdbx_audit_revision_group.revision_ordinal 
_pdbx_audit_revision_group.data_content_type 
_pdbx_audit_revision_group.group 
1 2 'Structure model' 'Version format compliance' 
2 3 'Structure model' 'Derived calculations'      
3 3 'Structure model' 'Version format compliance' 
4 4 'Structure model' 'Data collection'           
5 4 'Structure model' 'Database references'       
6 4 'Structure model' 'Derived calculations'      
7 4 'Structure model' 'Structure summary'         
# 
loop_
_pdbx_audit_revision_category.ordinal 
_pdbx_audit_revision_category.revision_ordinal 
_pdbx_audit_revision_category.data_content_type 
_pdbx_audit_revision_category.category 
1 4 'Structure model' chem_comp_atom            
2 4 'Structure model' chem_comp_bond            
3 4 'Structure model' database_2                
4 4 'Structure model' pdbx_entry_details        
5 4 'Structure model' pdbx_modification_feature 
6 4 'Structure model' struct_conn               
7 4 'Structure model' struct_ref_seq_dif        
# 
loop_
_pdbx_audit_revision_item.ordinal 
_pdbx_audit_revision_item.revision_ordinal 
_pdbx_audit_revision_item.data_content_type 
_pdbx_audit_revision_item.item 
1 4 'Structure model' '_database_2.pdbx_DOI'                
2 4 'Structure model' '_database_2.pdbx_database_accession' 
3 4 'Structure model' '_struct_conn.pdbx_leaving_atom_flag' 
4 4 'Structure model' '_struct_ref_seq_dif.details'         
# 
_pdbx_database_status.status_code                     REL 
_pdbx_database_status.entry_id                        2I4R 
_pdbx_database_status.recvd_initial_deposition_date   2006-08-22 
_pdbx_database_status.deposit_site                    RCSB 
_pdbx_database_status.process_site                    RCSB 
_pdbx_database_status.status_code_sf                  REL 
_pdbx_database_status.status_code_mr                  ? 
_pdbx_database_status.SG_entry                        Y 
_pdbx_database_status.pdb_format_compatible           Y 
_pdbx_database_status.status_code_cs                  ? 
_pdbx_database_status.status_code_nmr_data            ? 
_pdbx_database_status.methods_development_category    ? 
# 
_pdbx_database_related.db_name        TargetDB 
_pdbx_database_related.db_id          GR52A 
_pdbx_database_related.details        . 
_pdbx_database_related.content_type   unspecified 
# 
loop_
_audit_author.name 
_audit_author.pdbx_ordinal 
'Vorobiev, S.M.'                                  1  
'Su, M.'                                          2  
'Seetharaman, J.'                                 3  
'Zhao, L.'                                        4  
'Fang, Y.'                                        5  
'Cunningham, K.'                                  6  
'Ma, L.-C.'                                       7  
'Xiao, R.'                                        8  
'Acton, T.B.'                                     9  
'Montelione, G.T.'                                10 
'Hunt, J.F.'                                      11 
'Tong, L.'                                        12 
'Northeast Structural Genomics Consortium (NESG)' 13 
# 
_citation.id                        primary 
_citation.title                     'Crystal structure of the V-type ATP synthase subunit F from Archaeoglobus fulgidus' 
_citation.journal_abbrev            'To be Published' 
_citation.journal_volume            ? 
_citation.page_first                ? 
_citation.page_last                 ? 
_citation.year                      ? 
_citation.journal_id_ASTM           ? 
_citation.country                   ? 
_citation.journal_id_ISSN           ? 
_citation.journal_id_CSD            0353 
_citation.book_publisher            ? 
_citation.pdbx_database_id_PubMed   ? 
_citation.pdbx_database_id_DOI      ? 
# 
loop_
_citation_author.citation_id 
_citation_author.name 
_citation_author.ordinal 
_citation_author.identifier_ORCID 
primary 'Vorobiev, S.M.'   1  ? 
primary 'Su, M.'           2  ? 
primary 'Seetharaman, J.'  3  ? 
primary 'Zhao, L.'         4  ? 
primary 'Fang, Y.'         5  ? 
primary 'Cunningham, K.'   6  ? 
primary 'Ma, L.-C.'        7  ? 
primary 'Acton, T.B.'      8  ? 
primary 'Montelione, G.T.' 9  ? 
primary 'Hunt, J.F.'       10 ? 
primary 'Tong, L.'         11 ? 
# 
loop_
_entity.id 
_entity.type 
_entity.src_method 
_entity.pdbx_description 
_entity.formula_weight 
_entity.pdbx_number_of_molecules 
_entity.pdbx_ec 
_entity.pdbx_mutation 
_entity.pdbx_fragment 
_entity.details 
1 polymer man 'V-type ATP synthase subunit F' 11664.771 2 3.6.3.14 I51M ? ? 
2 water   nat water                           18.015    9 ?        ?    ? ? 
# 
_entity_name_com.entity_id   1 
_entity_name_com.name        'V-type ATPase subunit F' 
# 
_entity_poly.entity_id                      1 
_entity_poly.type                           'polypeptide(L)' 
_entity_poly.nstd_linkage                   no 
_entity_poly.nstd_monomer                   yes 
_entity_poly.pdbx_seq_one_letter_code       
;(MSE)GHHHHHHSH(MSE)LAVVGDPDFTIGF(MSE)LAGISDIYEVTSDEEIVKAVEDVLKRDDVGVVI(MSE)KQEYL
KKLPPVLRREIDEKVEPTFVSVGGTGGVEEIREKIRKA
;
_entity_poly.pdbx_seq_one_letter_code_can   
;MGHHHHHHSHMLAVVGDPDFTIGFMLAGISDIYEVTSDEEIVKAVEDVLKRDDVGVVIMKQEYLKKLPPVLRREIDEKVE
PTFVSVGGTGGVEEIREKIRKA
;
_entity_poly.pdbx_strand_id                 A,B 
_entity_poly.pdbx_target_identifier         GR52A 
# 
_pdbx_entity_nonpoly.entity_id   2 
_pdbx_entity_nonpoly.name        water 
_pdbx_entity_nonpoly.comp_id     HOH 
# 
loop_
_entity_poly_seq.entity_id 
_entity_poly_seq.num 
_entity_poly_seq.mon_id 
_entity_poly_seq.hetero 
1 1   MSE n 
1 2   GLY n 
1 3   HIS n 
1 4   HIS n 
1 5   HIS n 
1 6   HIS n 
1 7   HIS n 
1 8   HIS n 
1 9   SER n 
1 10  HIS n 
1 11  MSE n 
1 12  LEU n 
1 13  ALA n 
1 14  VAL n 
1 15  VAL n 
1 16  GLY n 
1 17  ASP n 
1 18  PRO n 
1 19  ASP n 
1 20  PHE n 
1 21  THR n 
1 22  ILE n 
1 23  GLY n 
1 24  PHE n 
1 25  MSE n 
1 26  LEU n 
1 27  ALA n 
1 28  GLY n 
1 29  ILE n 
1 30  SER n 
1 31  ASP n 
1 32  ILE n 
1 33  TYR n 
1 34  GLU n 
1 35  VAL n 
1 36  THR n 
1 37  SER n 
1 38  ASP n 
1 39  GLU n 
1 40  GLU n 
1 41  ILE n 
1 42  VAL n 
1 43  LYS n 
1 44  ALA n 
1 45  VAL n 
1 46  GLU n 
1 47  ASP n 
1 48  VAL n 
1 49  LEU n 
1 50  LYS n 
1 51  ARG n 
1 52  ASP n 
1 53  ASP n 
1 54  VAL n 
1 55  GLY n 
1 56  VAL n 
1 57  VAL n 
1 58  ILE n 
1 59  MSE n 
1 60  LYS n 
1 61  GLN n 
1 62  GLU n 
1 63  TYR n 
1 64  LEU n 
1 65  LYS n 
1 66  LYS n 
1 67  LEU n 
1 68  PRO n 
1 69  PRO n 
1 70  VAL n 
1 71  LEU n 
1 72  ARG n 
1 73  ARG n 
1 74  GLU n 
1 75  ILE n 
1 76  ASP n 
1 77  GLU n 
1 78  LYS n 
1 79  VAL n 
1 80  GLU n 
1 81  PRO n 
1 82  THR n 
1 83  PHE n 
1 84  VAL n 
1 85  SER n 
1 86  VAL n 
1 87  GLY n 
1 88  GLY n 
1 89  THR n 
1 90  GLY n 
1 91  GLY n 
1 92  VAL n 
1 93  GLU n 
1 94  GLU n 
1 95  ILE n 
1 96  ARG n 
1 97  GLU n 
1 98  LYS n 
1 99  ILE n 
1 100 ARG n 
1 101 LYS n 
1 102 ALA n 
# 
_entity_src_gen.entity_id                          1 
_entity_src_gen.pdbx_src_id                        1 
_entity_src_gen.pdbx_alt_source_flag               sample 
_entity_src_gen.pdbx_seq_type                      ? 
_entity_src_gen.pdbx_beg_seq_num                   ? 
_entity_src_gen.pdbx_end_seq_num                   ? 
_entity_src_gen.gene_src_common_name               ? 
_entity_src_gen.gene_src_genus                     Archaeoglobus 
_entity_src_gen.pdbx_gene_src_gene                 atpF 
_entity_src_gen.gene_src_species                   ? 
_entity_src_gen.gene_src_strain                    ? 
_entity_src_gen.gene_src_tissue                    ? 
_entity_src_gen.gene_src_tissue_fraction           ? 
_entity_src_gen.gene_src_details                   ? 
_entity_src_gen.pdbx_gene_src_fragment             ? 
_entity_src_gen.pdbx_gene_src_scientific_name      'Archaeoglobus fulgidus' 
_entity_src_gen.pdbx_gene_src_ncbi_taxonomy_id     2234 
_entity_src_gen.pdbx_gene_src_variant              ? 
_entity_src_gen.pdbx_gene_src_cell_line            ? 
_entity_src_gen.pdbx_gene_src_atcc                 49558 
_entity_src_gen.pdbx_gene_src_organ                ? 
_entity_src_gen.pdbx_gene_src_organelle            ? 
_entity_src_gen.pdbx_gene_src_cell                 ? 
_entity_src_gen.pdbx_gene_src_cellular_location    ? 
_entity_src_gen.host_org_common_name               ? 
_entity_src_gen.pdbx_host_org_scientific_name      'Escherichia coli' 
_entity_src_gen.pdbx_host_org_ncbi_taxonomy_id     562 
_entity_src_gen.host_org_genus                     Escherichia 
_entity_src_gen.pdbx_host_org_gene                 ? 
_entity_src_gen.pdbx_host_org_organ                ? 
_entity_src_gen.host_org_species                   ? 
_entity_src_gen.pdbx_host_org_tissue               ? 
_entity_src_gen.pdbx_host_org_tissue_fraction      ? 
_entity_src_gen.pdbx_host_org_strain               'BL21(DE3) + Magic' 
_entity_src_gen.pdbx_host_org_variant              ? 
_entity_src_gen.pdbx_host_org_cell_line            ? 
_entity_src_gen.pdbx_host_org_atcc                 ? 
_entity_src_gen.pdbx_host_org_culture_collection   ? 
_entity_src_gen.pdbx_host_org_cell                 ? 
_entity_src_gen.pdbx_host_org_organelle            ? 
_entity_src_gen.pdbx_host_org_cellular_location    ? 
_entity_src_gen.pdbx_host_org_vector_type          plasmid 
_entity_src_gen.pdbx_host_org_vector               ? 
_entity_src_gen.host_org_details                   ? 
_entity_src_gen.expression_system_id               ? 
_entity_src_gen.plasmid_name                       pET15 
_entity_src_gen.plasmid_details                    ? 
_entity_src_gen.pdbx_description                   ? 
# 
loop_
_chem_comp.id 
_chem_comp.type 
_chem_comp.mon_nstd_flag 
_chem_comp.name 
_chem_comp.pdbx_synonyms 
_chem_comp.formula 
_chem_comp.formula_weight 
ALA 'L-peptide linking' y ALANINE          ? 'C3 H7 N O2'     89.093  
ARG 'L-peptide linking' y ARGININE         ? 'C6 H15 N4 O2 1' 175.209 
ASP 'L-peptide linking' y 'ASPARTIC ACID'  ? 'C4 H7 N O4'     133.103 
GLN 'L-peptide linking' y GLUTAMINE        ? 'C5 H10 N2 O3'   146.144 
GLU 'L-peptide linking' y 'GLUTAMIC ACID'  ? 'C5 H9 N O4'     147.129 
GLY 'peptide linking'   y GLYCINE          ? 'C2 H5 N O2'     75.067  
HIS 'L-peptide linking' y HISTIDINE        ? 'C6 H10 N3 O2 1' 156.162 
HOH non-polymer         . WATER            ? 'H2 O'           18.015  
ILE 'L-peptide linking' y ISOLEUCINE       ? 'C6 H13 N O2'    131.173 
LEU 'L-peptide linking' y LEUCINE          ? 'C6 H13 N O2'    131.173 
LYS 'L-peptide linking' y LYSINE           ? 'C6 H15 N2 O2 1' 147.195 
MET 'L-peptide linking' y METHIONINE       ? 'C5 H11 N O2 S'  149.211 
MSE 'L-peptide linking' n SELENOMETHIONINE ? 'C5 H11 N O2 Se' 196.106 
PHE 'L-peptide linking' y PHENYLALANINE    ? 'C9 H11 N O2'    165.189 
PRO 'L-peptide linking' y PROLINE          ? 'C5 H9 N O2'     115.130 
SER 'L-peptide linking' y SERINE           ? 'C3 H7 N O3'     105.093 
THR 'L-peptide linking' y THREONINE        ? 'C4 H9 N O3'     119.119 
TYR 'L-peptide linking' y TYROSINE         ? 'C9 H11 N O3'    181.189 
VAL 'L-peptide linking' y VALINE           ? 'C5 H11 N O2'    117.146 
# 
loop_
_pdbx_poly_seq_scheme.asym_id 
_pdbx_poly_seq_scheme.entity_id 
_pdbx_poly_seq_scheme.seq_id 
_pdbx_poly_seq_scheme.mon_id 
_pdbx_poly_seq_scheme.ndb_seq_num 
_pdbx_poly_seq_scheme.pdb_seq_num 
_pdbx_poly_seq_scheme.auth_seq_num 
_pdbx_poly_seq_scheme.pdb_mon_id 
_pdbx_poly_seq_scheme.auth_mon_id 
_pdbx_poly_seq_scheme.pdb_strand_id 
_pdbx_poly_seq_scheme.pdb_ins_code 
_pdbx_poly_seq_scheme.hetero 
A 1 1   MSE 1   -10 ?  ?   ?   A . n 
A 1 2   GLY 2   -9  ?  ?   ?   A . n 
A 1 3   HIS 3   -8  ?  ?   ?   A . n 
A 1 4   HIS 4   -7  ?  ?   ?   A . n 
A 1 5   HIS 5   -6  ?  ?   ?   A . n 
A 1 6   HIS 6   -5  ?  ?   ?   A . n 
A 1 7   HIS 7   -4  ?  ?   ?   A . n 
A 1 8   HIS 8   -3  ?  ?   ?   A . n 
A 1 9   SER 9   -2  -2 SER SER A . n 
A 1 10  HIS 10  -1  -1 HIS HIS A . n 
A 1 11  MSE 11  0   0  MSE MSE A . n 
A 1 12  LEU 12  4   4  LEU LEU A . n 
A 1 13  ALA 13  5   5  ALA ALA A . n 
A 1 14  VAL 14  6   6  VAL VAL A . n 
A 1 15  VAL 15  7   7  VAL VAL A . n 
A 1 16  GLY 16  8   8  GLY GLY A . n 
A 1 17  ASP 17  9   9  ASP ASP A . n 
A 1 18  PRO 18  10  10 PRO PRO A . n 
A 1 19  ASP 19  11  11 ASP ASP A . n 
A 1 20  PHE 20  12  12 PHE PHE A . n 
A 1 21  THR 21  13  13 THR THR A . n 
A 1 22  ILE 22  14  14 ILE ILE A . n 
A 1 23  GLY 23  15  15 GLY GLY A . n 
A 1 24  PHE 24  16  16 PHE PHE A . n 
A 1 25  MSE 25  17  17 MSE MSE A . n 
A 1 26  LEU 26  18  18 LEU LEU A . n 
A 1 27  ALA 27  19  19 ALA ALA A . n 
A 1 28  GLY 28  20  20 GLY GLY A . n 
A 1 29  ILE 29  21  21 ILE ILE A . n 
A 1 30  SER 30  22  22 SER SER A . n 
A 1 31  ASP 31  23  23 ASP ASP A . n 
A 1 32  ILE 32  24  24 ILE ILE A . n 
A 1 33  TYR 33  25  25 TYR TYR A . n 
A 1 34  GLU 34  26  26 GLU GLU A . n 
A 1 35  VAL 35  27  27 VAL VAL A . n 
A 1 36  THR 36  28  28 THR THR A . n 
A 1 37  SER 37  29  29 SER SER A . n 
A 1 38  ASP 38  30  30 ASP ASP A . n 
A 1 39  GLU 39  31  31 GLU GLU A . n 
A 1 40  GLU 40  32  32 GLU GLU A . n 
A 1 41  ILE 41  33  33 ILE ILE A . n 
A 1 42  VAL 42  34  34 VAL VAL A . n 
A 1 43  LYS 43  35  35 LYS LYS A . n 
A 1 44  ALA 44  36  36 ALA ALA A . n 
A 1 45  VAL 45  37  37 VAL VAL A . n 
A 1 46  GLU 46  38  38 GLU GLU A . n 
A 1 47  ASP 47  39  39 ASP ASP A . n 
A 1 48  VAL 48  40  40 VAL VAL A . n 
A 1 49  LEU 49  41  41 LEU LEU A . n 
A 1 50  LYS 50  42  42 LYS LYS A . n 
A 1 51  ARG 51  43  43 ARG ARG A . n 
A 1 52  ASP 52  44  44 ASP ASP A . n 
A 1 53  ASP 53  45  45 ASP ASP A . n 
A 1 54  VAL 54  46  46 VAL VAL A . n 
A 1 55  GLY 55  47  47 GLY GLY A . n 
A 1 56  VAL 56  48  48 VAL VAL A . n 
A 1 57  VAL 57  49  49 VAL VAL A . n 
A 1 58  ILE 58  50  50 ILE ILE A . n 
A 1 59  MSE 59  51  51 MSE MSE A . n 
A 1 60  LYS 60  52  52 LYS LYS A . n 
A 1 61  GLN 61  53  53 GLN GLN A . n 
A 1 62  GLU 62  54  54 GLU GLU A . n 
A 1 63  TYR 63  55  55 TYR TYR A . n 
A 1 64  LEU 64  56  56 LEU ALA A . n 
A 1 65  LYS 65  57  57 LYS LYS A . n 
A 1 66  LYS 66  58  58 LYS LYS A . n 
A 1 67  LEU 67  59  59 LEU LEU A . n 
A 1 68  PRO 68  60  60 PRO PRO A . n 
A 1 69  PRO 69  61  61 PRO PRO A . n 
A 1 70  VAL 70  62  62 VAL VAL A . n 
A 1 71  LEU 71  63  63 LEU LEU A . n 
A 1 72  ARG 72  64  64 ARG ARG A . n 
A 1 73  ARG 73  65  65 ARG ALA A . n 
A 1 74  GLU 74  66  66 GLU ALA A . n 
A 1 75  ILE 75  67  67 ILE ILE A . n 
A 1 76  ASP 76  68  68 ASP ASP A . n 
A 1 77  GLU 77  69  69 GLU ALA A . n 
A 1 78  LYS 78  70  70 LYS LYS A . n 
A 1 79  VAL 79  71  71 VAL ALA A . n 
A 1 80  GLU 80  72  72 GLU ALA A . n 
A 1 81  PRO 81  73  73 PRO PRO A . n 
A 1 82  THR 82  74  74 THR THR A . n 
A 1 83  PHE 83  75  75 PHE PHE A . n 
A 1 84  VAL 84  76  76 VAL VAL A . n 
A 1 85  SER 85  77  77 SER SER A . n 
A 1 86  VAL 86  78  78 VAL VAL A . n 
A 1 87  GLY 87  79  79 GLY GLY A . n 
A 1 88  GLY 88  80  ?  ?   ?   A . n 
A 1 89  THR 89  81  ?  ?   ?   A . n 
A 1 90  GLY 90  82  ?  ?   ?   A . n 
A 1 91  GLY 91  83  ?  ?   ?   A . n 
A 1 92  VAL 92  84  ?  ?   ?   A . n 
A 1 93  GLU 93  85  ?  ?   ?   A . n 
A 1 94  GLU 94  86  ?  ?   ?   A . n 
A 1 95  ILE 95  87  ?  ?   ?   A . n 
A 1 96  ARG 96  88  ?  ?   ?   A . n 
A 1 97  GLU 97  89  ?  ?   ?   A . n 
A 1 98  LYS 98  90  ?  ?   ?   A . n 
A 1 99  ILE 99  91  ?  ?   ?   A . n 
A 1 100 ARG 100 92  ?  ?   ?   A . n 
A 1 101 LYS 101 93  ?  ?   ?   A . n 
A 1 102 ALA 102 94  ?  ?   ?   A . n 
B 1 1   MSE 1   -10 ?  ?   ?   B . n 
B 1 2   GLY 2   -9  ?  ?   ?   B . n 
B 1 3   HIS 3   -8  ?  ?   ?   B . n 
B 1 4   HIS 4   -7  ?  ?   ?   B . n 
B 1 5   HIS 5   -6  ?  ?   ?   B . n 
B 1 6   HIS 6   -5  ?  ?   ?   B . n 
B 1 7   HIS 7   -4  ?  ?   ?   B . n 
B 1 8   HIS 8   -3  -3 HIS HIS B . n 
B 1 9   SER 9   -2  -2 SER SER B . n 
B 1 10  HIS 10  -1  -1 HIS HIS B . n 
B 1 11  MSE 11  0   0  MSE MSE B . n 
B 1 12  LEU 12  4   4  LEU LEU B . n 
B 1 13  ALA 13  5   5  ALA ALA B . n 
B 1 14  VAL 14  6   6  VAL VAL B . n 
B 1 15  VAL 15  7   7  VAL VAL B . n 
B 1 16  GLY 16  8   8  GLY GLY B . n 
B 1 17  ASP 17  9   9  ASP ASP B . n 
B 1 18  PRO 18  10  10 PRO PRO B . n 
B 1 19  ASP 19  11  11 ASP ASP B . n 
B 1 20  PHE 20  12  12 PHE PHE B . n 
B 1 21  THR 21  13  13 THR ALA B . n 
B 1 22  ILE 22  14  14 ILE ILE B . n 
B 1 23  GLY 23  15  15 GLY GLY B . n 
B 1 24  PHE 24  16  16 PHE PHE B . n 
B 1 25  MSE 25  17  17 MSE MSE B . n 
B 1 26  LEU 26  18  18 LEU LEU B . n 
B 1 27  ALA 27  19  19 ALA ALA B . n 
B 1 28  GLY 28  20  20 GLY GLY B . n 
B 1 29  ILE 29  21  21 ILE ILE B . n 
B 1 30  SER 30  22  22 SER SER B . n 
B 1 31  ASP 31  23  23 ASP ASP B . n 
B 1 32  ILE 32  24  24 ILE ILE B . n 
B 1 33  TYR 33  25  25 TYR TYR B . n 
B 1 34  GLU 34  26  26 GLU GLU B . n 
B 1 35  VAL 35  27  27 VAL VAL B . n 
B 1 36  THR 36  28  28 THR THR B . n 
B 1 37  SER 37  29  29 SER SER B . n 
B 1 38  ASP 38  30  30 ASP ASP B . n 
B 1 39  GLU 39  31  31 GLU GLU B . n 
B 1 40  GLU 40  32  32 GLU GLU B . n 
B 1 41  ILE 41  33  33 ILE ILE B . n 
B 1 42  VAL 42  34  34 VAL VAL B . n 
B 1 43  LYS 43  35  35 LYS LYS B . n 
B 1 44  ALA 44  36  36 ALA ALA B . n 
B 1 45  VAL 45  37  37 VAL VAL B . n 
B 1 46  GLU 46  38  38 GLU GLU B . n 
B 1 47  ASP 47  39  39 ASP ASP B . n 
B 1 48  VAL 48  40  40 VAL VAL B . n 
B 1 49  LEU 49  41  41 LEU LEU B . n 
B 1 50  LYS 50  42  42 LYS LYS B . n 
B 1 51  ARG 51  43  43 ARG ARG B . n 
B 1 52  ASP 52  44  44 ASP ASP B . n 
B 1 53  ASP 53  45  45 ASP ASP B . n 
B 1 54  VAL 54  46  46 VAL VAL B . n 
B 1 55  GLY 55  47  47 GLY GLY B . n 
B 1 56  VAL 56  48  48 VAL VAL B . n 
B 1 57  VAL 57  49  49 VAL VAL B . n 
B 1 58  ILE 58  50  50 ILE ILE B . n 
B 1 59  MSE 59  51  51 MSE MSE B . n 
B 1 60  LYS 60  52  52 LYS LYS B . n 
B 1 61  GLN 61  53  53 GLN GLN B . n 
B 1 62  GLU 62  54  54 GLU GLU B . n 
B 1 63  TYR 63  55  55 TYR TYR B . n 
B 1 64  LEU 64  56  56 LEU LEU B . n 
B 1 65  LYS 65  57  57 LYS ALA B . n 
B 1 66  LYS 66  58  58 LYS LYS B . n 
B 1 67  LEU 67  59  59 LEU LEU B . n 
B 1 68  PRO 68  60  60 PRO PRO B . n 
B 1 69  PRO 69  61  61 PRO PRO B . n 
B 1 70  VAL 70  62  62 VAL VAL B . n 
B 1 71  LEU 71  63  63 LEU LEU B . n 
B 1 72  ARG 72  64  64 ARG ALA B . n 
B 1 73  ARG 73  65  65 ARG ARG B . n 
B 1 74  GLU 74  66  66 GLU ALA B . n 
B 1 75  ILE 75  67  67 ILE ILE B . n 
B 1 76  ASP 76  68  68 ASP ASP B . n 
B 1 77  GLU 77  69  69 GLU ALA B . n 
B 1 78  LYS 78  70  70 LYS LYS B . n 
B 1 79  VAL 79  71  71 VAL ALA B . n 
B 1 80  GLU 80  72  72 GLU ALA B . n 
B 1 81  PRO 81  73  73 PRO PRO B . n 
B 1 82  THR 82  74  74 THR THR B . n 
B 1 83  PHE 83  75  75 PHE PHE B . n 
B 1 84  VAL 84  76  76 VAL VAL B . n 
B 1 85  SER 85  77  77 SER SER B . n 
B 1 86  VAL 86  78  78 VAL VAL B . n 
B 1 87  GLY 87  79  79 GLY GLY B . n 
B 1 88  GLY 88  80  ?  ?   ?   B . n 
B 1 89  THR 89  81  ?  ?   ?   B . n 
B 1 90  GLY 90  82  ?  ?   ?   B . n 
B 1 91  GLY 91  83  ?  ?   ?   B . n 
B 1 92  VAL 92  84  ?  ?   ?   B . n 
B 1 93  GLU 93  85  ?  ?   ?   B . n 
B 1 94  GLU 94  86  ?  ?   ?   B . n 
B 1 95  ILE 95  87  ?  ?   ?   B . n 
B 1 96  ARG 96  88  ?  ?   ?   B . n 
B 1 97  GLU 97  89  ?  ?   ?   B . n 
B 1 98  LYS 98  90  ?  ?   ?   B . n 
B 1 99  ILE 99  91  ?  ?   ?   B . n 
B 1 100 ARG 100 92  ?  ?   ?   B . n 
B 1 101 LYS 101 93  ?  ?   ?   B . n 
B 1 102 ALA 102 94  ?  ?   ?   B . n 
# 
loop_
_pdbx_nonpoly_scheme.asym_id 
_pdbx_nonpoly_scheme.entity_id 
_pdbx_nonpoly_scheme.mon_id 
_pdbx_nonpoly_scheme.ndb_seq_num 
_pdbx_nonpoly_scheme.pdb_seq_num 
_pdbx_nonpoly_scheme.auth_seq_num 
_pdbx_nonpoly_scheme.pdb_mon_id 
_pdbx_nonpoly_scheme.auth_mon_id 
_pdbx_nonpoly_scheme.pdb_strand_id 
_pdbx_nonpoly_scheme.pdb_ins_code 
C 2 HOH 1 101 101 HOH WAT A . 
C 2 HOH 2 102 102 HOH WAT A . 
D 2 HOH 1 104 104 HOH WAT B . 
D 2 HOH 2 105 105 HOH WAT B . 
D 2 HOH 3 106 106 HOH WAT B . 
D 2 HOH 4 107 107 HOH WAT B . 
D 2 HOH 5 108 108 HOH WAT B . 
D 2 HOH 6 109 109 HOH WAT B . 
D 2 HOH 7 110 110 HOH WAT B . 
# 
loop_
_pdbx_unobs_or_zero_occ_atoms.id 
_pdbx_unobs_or_zero_occ_atoms.PDB_model_num 
_pdbx_unobs_or_zero_occ_atoms.polymer_flag 
_pdbx_unobs_or_zero_occ_atoms.occupancy_flag 
_pdbx_unobs_or_zero_occ_atoms.auth_asym_id 
_pdbx_unobs_or_zero_occ_atoms.auth_comp_id 
_pdbx_unobs_or_zero_occ_atoms.auth_seq_id 
_pdbx_unobs_or_zero_occ_atoms.PDB_ins_code 
_pdbx_unobs_or_zero_occ_atoms.auth_atom_id 
_pdbx_unobs_or_zero_occ_atoms.label_alt_id 
_pdbx_unobs_or_zero_occ_atoms.label_asym_id 
_pdbx_unobs_or_zero_occ_atoms.label_comp_id 
_pdbx_unobs_or_zero_occ_atoms.label_seq_id 
_pdbx_unobs_or_zero_occ_atoms.label_atom_id 
1  1 Y 1 A LEU 56 ? CG  ? A LEU 64 CG  
2  1 Y 1 A LEU 56 ? CD1 ? A LEU 64 CD1 
3  1 Y 1 A LEU 56 ? CD2 ? A LEU 64 CD2 
4  1 Y 1 A ARG 65 ? CG  ? A ARG 73 CG  
5  1 Y 1 A ARG 65 ? CD  ? A ARG 73 CD  
6  1 Y 1 A ARG 65 ? NE  ? A ARG 73 NE  
7  1 Y 1 A ARG 65 ? CZ  ? A ARG 73 CZ  
8  1 Y 1 A ARG 65 ? NH1 ? A ARG 73 NH1 
9  1 Y 1 A ARG 65 ? NH2 ? A ARG 73 NH2 
10 1 Y 1 A GLU 66 ? CG  ? A GLU 74 CG  
11 1 Y 1 A GLU 66 ? CD  ? A GLU 74 CD  
12 1 Y 1 A GLU 66 ? OE1 ? A GLU 74 OE1 
13 1 Y 1 A GLU 66 ? OE2 ? A GLU 74 OE2 
14 1 Y 1 A GLU 69 ? CG  ? A GLU 77 CG  
15 1 Y 1 A GLU 69 ? CD  ? A GLU 77 CD  
16 1 Y 1 A GLU 69 ? OE1 ? A GLU 77 OE1 
17 1 Y 1 A GLU 69 ? OE2 ? A GLU 77 OE2 
18 1 Y 1 A VAL 71 ? CG1 ? A VAL 79 CG1 
19 1 Y 1 A VAL 71 ? CG2 ? A VAL 79 CG2 
20 1 Y 1 A GLU 72 ? CG  ? A GLU 80 CG  
21 1 Y 1 A GLU 72 ? CD  ? A GLU 80 CD  
22 1 Y 1 A GLU 72 ? OE1 ? A GLU 80 OE1 
23 1 Y 1 A GLU 72 ? OE2 ? A GLU 80 OE2 
24 1 Y 1 B THR 13 ? OG1 ? B THR 21 OG1 
25 1 Y 1 B THR 13 ? CG2 ? B THR 21 CG2 
26 1 Y 1 B LYS 57 ? CG  ? B LYS 65 CG  
27 1 Y 1 B LYS 57 ? CD  ? B LYS 65 CD  
28 1 Y 1 B LYS 57 ? CE  ? B LYS 65 CE  
29 1 Y 1 B LYS 57 ? NZ  ? B LYS 65 NZ  
30 1 Y 1 B ARG 64 ? CG  ? B ARG 72 CG  
31 1 Y 1 B ARG 64 ? CD  ? B ARG 72 CD  
32 1 Y 1 B ARG 64 ? NE  ? B ARG 72 NE  
33 1 Y 1 B ARG 64 ? CZ  ? B ARG 72 CZ  
34 1 Y 1 B ARG 64 ? NH1 ? B ARG 72 NH1 
35 1 Y 1 B ARG 64 ? NH2 ? B ARG 72 NH2 
36 1 Y 1 B GLU 66 ? CG  ? B GLU 74 CG  
37 1 Y 1 B GLU 66 ? CD  ? B GLU 74 CD  
38 1 Y 1 B GLU 66 ? OE1 ? B GLU 74 OE1 
39 1 Y 1 B GLU 66 ? OE2 ? B GLU 74 OE2 
40 1 Y 1 B GLU 69 ? CG  ? B GLU 77 CG  
41 1 Y 1 B GLU 69 ? CD  ? B GLU 77 CD  
42 1 Y 1 B GLU 69 ? OE1 ? B GLU 77 OE1 
43 1 Y 1 B GLU 69 ? OE2 ? B GLU 77 OE2 
44 1 Y 1 B VAL 71 ? CG1 ? B VAL 79 CG1 
45 1 Y 1 B VAL 71 ? CG2 ? B VAL 79 CG2 
46 1 Y 1 B GLU 72 ? CG  ? B GLU 80 CG  
47 1 Y 1 B GLU 72 ? CD  ? B GLU 80 CD  
48 1 Y 1 B GLU 72 ? OE1 ? B GLU 80 OE1 
49 1 Y 1 B GLU 72 ? OE2 ? B GLU 80 OE2 
# 
loop_
_software.name 
_software.classification 
_software.version 
_software.citation_id 
_software.pdbx_ordinal 
CNS       refinement        1.1 ? 1 
HKL-2000  'data collection' .   ? 2 
DENZO     'data reduction'  .   ? 3 
SCALEPACK 'data scaling'    .   ? 4 
SHELXD    phasing           .   ? 5 
SHELXE    'model building'  .   ? 6 
SOLVE     phasing           .   ? 7 
RESOLVE   phasing           .   ? 8 
# 
_cell.entry_id           2I4R 
_cell.length_a           47.398 
_cell.length_b           77.827 
_cell.length_c           117.786 
_cell.angle_alpha        90.00 
_cell.angle_beta         90.00 
_cell.angle_gamma        90.00 
_cell.Z_PDB              16 
_cell.pdbx_unique_axis   ? 
_cell.length_a_esd       ? 
_cell.length_b_esd       ? 
_cell.length_c_esd       ? 
_cell.angle_alpha_esd    ? 
_cell.angle_beta_esd     ? 
_cell.angle_gamma_esd    ? 
# 
_symmetry.entry_id                         2I4R 
_symmetry.space_group_name_H-M             'I 2 2 2' 
_symmetry.pdbx_full_space_group_name_H-M   ? 
_symmetry.cell_setting                     ? 
_symmetry.Int_Tables_number                23 
_symmetry.space_group_name_Hall            ? 
# 
_exptl.entry_id          2I4R 
_exptl.method            'X-RAY DIFFRACTION' 
_exptl.crystals_number   1 
# 
_exptl_crystal.id                    1 
_exptl_crystal.density_meas          ? 
_exptl_crystal.density_Matthews      2.33 
_exptl_crystal.density_percent_sol   47.15 
_exptl_crystal.description           ? 
_exptl_crystal.F_000                 ? 
_exptl_crystal.preparation           ? 
# 
_exptl_crystal_grow.crystal_id      1 
_exptl_crystal_grow.method          'VAPOR DIFFUSION, HANGING DROP' 
_exptl_crystal_grow.temp            293 
_exptl_crystal_grow.temp_details    ? 
_exptl_crystal_grow.pH              6.0 
_exptl_crystal_grow.pdbx_details    
'15-20% PEG 1000, 150 mM KH(2)PO(4), 0.1 M MES, pH 6.0, VAPOR DIFFUSION, HANGING DROP, temperature 293K' 
_exptl_crystal_grow.pdbx_pH_range   . 
# 
_diffrn.id                     1 
_diffrn.ambient_temp           100 
_diffrn.ambient_temp_details   ? 
_diffrn.crystal_id             1 
# 
_diffrn_detector.diffrn_id              1 
_diffrn_detector.detector               CCD 
_diffrn_detector.type                   'ADSC QUANTUM 4' 
_diffrn_detector.pdbx_collection_date   2006-07-13 
_diffrn_detector.details                ? 
# 
_diffrn_radiation.diffrn_id                        1 
_diffrn_radiation.wavelength_id                    1 
_diffrn_radiation.pdbx_monochromatic_or_laue_m_l   M 
_diffrn_radiation.monochromator                    ? 
_diffrn_radiation.pdbx_diffrn_protocol             MAD 
_diffrn_radiation.pdbx_scattering_type             x-ray 
# 
loop_
_diffrn_radiation_wavelength.id 
_diffrn_radiation_wavelength.wavelength 
_diffrn_radiation_wavelength.wt 
1 0.97900 1.0 
2 0.97918 1.0 
3 0.96774 1.0 
# 
_diffrn_source.diffrn_id                   1 
_diffrn_source.source                      SYNCHROTRON 
_diffrn_source.type                        'NSLS BEAMLINE X4A' 
_diffrn_source.pdbx_synchrotron_site       NSLS 
_diffrn_source.pdbx_synchrotron_beamline   X4A 
_diffrn_source.pdbx_wavelength             ? 
_diffrn_source.pdbx_wavelength_list        '0.97900, 0.97918, 0.96774' 
# 
_reflns.entry_id                     2I4R 
_reflns.observed_criterion_sigma_I   0.0 
_reflns.observed_criterion_sigma_F   0.0 
_reflns.d_resolution_low             30.0 
_reflns.d_resolution_high            2.8 
_reflns.number_obs                   10674 
_reflns.number_all                   10771 
_reflns.percent_possible_obs         99.1 
_reflns.pdbx_Rmerge_I_obs            0.062 
_reflns.pdbx_Rsym_value              ? 
_reflns.pdbx_netI_over_sigmaI        ? 
_reflns.B_iso_Wilson_estimate        10.2 
_reflns.pdbx_redundancy              4.0 
_reflns.R_free_details               ? 
_reflns.limit_h_max                  ? 
_reflns.limit_h_min                  ? 
_reflns.limit_k_max                  ? 
_reflns.limit_k_min                  ? 
_reflns.limit_l_max                  ? 
_reflns.limit_l_min                  ? 
_reflns.observed_criterion_F_max     ? 
_reflns.observed_criterion_F_min     ? 
_reflns.pdbx_chi_squared             ? 
_reflns.pdbx_scaling_rejects         ? 
_reflns.pdbx_ordinal                 1 
_reflns.pdbx_diffrn_id               1 
# 
_reflns_shell.d_res_high             2.8 
_reflns_shell.d_res_low              2.9 
_reflns_shell.percent_possible_all   100 
_reflns_shell.Rmerge_I_obs           0.688 
_reflns_shell.pdbx_Rsym_value        ? 
_reflns_shell.meanI_over_sigI_obs    2.06 
_reflns_shell.pdbx_redundancy        4.0 
_reflns_shell.percent_possible_obs   ? 
_reflns_shell.number_unique_all      1068 
_reflns_shell.number_measured_all    ? 
_reflns_shell.number_measured_obs    ? 
_reflns_shell.number_unique_obs      ? 
_reflns_shell.pdbx_chi_squared       ? 
_reflns_shell.pdbx_ordinal           1 
_reflns_shell.pdbx_diffrn_id         1 
# 
_refine.entry_id                                 2I4R 
_refine.ls_number_reflns_obs                     8474 
_refine.ls_number_reflns_all                     ? 
_refine.pdbx_ls_sigma_I                          ? 
_refine.pdbx_ls_sigma_F                          2.0 
_refine.pdbx_data_cutoff_high_absF               205705.82 
_refine.pdbx_data_cutoff_low_absF                0.000000 
_refine.pdbx_data_cutoff_high_rms_absF           ? 
_refine.ls_d_res_low                             29.14 
_refine.ls_d_res_high                            2.80 
_refine.ls_percent_reflns_obs                    81.7 
_refine.ls_R_factor_obs                          0.227 
_refine.ls_R_factor_all                          ? 
_refine.ls_R_factor_R_work                       0.227 
_refine.ls_R_factor_R_free                       0.255 
_refine.ls_R_factor_R_free_error                 0.013 
_refine.ls_R_factor_R_free_error_details         ? 
_refine.ls_percent_reflns_R_free                 4.5 
_refine.ls_number_reflns_R_free                  380 
_refine.ls_number_parameters                     ? 
_refine.ls_number_restraints                     ? 
_refine.occupancy_min                            ? 
_refine.occupancy_max                            ? 
_refine.correlation_coeff_Fo_to_Fc               ? 
_refine.correlation_coeff_Fo_to_Fc_free          ? 
_refine.B_iso_mean                               71.8 
_refine.aniso_B[1][1]                            32.15 
_refine.aniso_B[2][2]                            3.86 
_refine.aniso_B[3][3]                            -36.01 
_refine.aniso_B[1][2]                            0.00 
_refine.aniso_B[1][3]                            0.00 
_refine.aniso_B[2][3]                            0.00 
_refine.solvent_model_details                    'FLAT MODEL' 
_refine.solvent_model_param_ksol                 0.257732 
_refine.solvent_model_param_bsol                 23.8787 
_refine.pdbx_solvent_vdw_probe_radii             ? 
_refine.pdbx_solvent_ion_probe_radii             ? 
_refine.pdbx_solvent_shrinkage_radii             ? 
_refine.pdbx_ls_cross_valid_method               THROUGHOUT 
_refine.details                                  ? 
_refine.pdbx_starting_model                      ? 
_refine.pdbx_method_to_determine_struct          MAD 
_refine.pdbx_isotropic_thermal_model             RESTRAINED 
_refine.pdbx_stereochemistry_target_values       'Engh & Huber' 
_refine.pdbx_stereochem_target_val_spec_case     ? 
_refine.pdbx_R_Free_selection_details            RANDOM 
_refine.pdbx_overall_ESU_R                       ? 
_refine.pdbx_overall_ESU_R_Free                  ? 
_refine.overall_SU_ML                            ? 
_refine.overall_SU_B                             ? 
_refine.ls_redundancy_reflns_obs                 ? 
_refine.B_iso_min                                ? 
_refine.B_iso_max                                ? 
_refine.overall_SU_R_Cruickshank_DPI             ? 
_refine.overall_SU_R_free                        ? 
_refine.ls_wR_factor_R_free                      ? 
_refine.ls_wR_factor_R_work                      ? 
_refine.overall_FOM_free_R_set                   ? 
_refine.overall_FOM_work_R_set                   ? 
_refine.pdbx_refine_id                           'X-RAY DIFFRACTION' 
_refine.pdbx_diffrn_id                           1 
_refine.pdbx_TLS_residual_ADP_flag               ? 
_refine.pdbx_overall_phase_error                 ? 
_refine.pdbx_overall_SU_R_free_Cruickshank_DPI   ? 
_refine.pdbx_overall_SU_R_Blow_DPI               ? 
_refine.pdbx_overall_SU_R_free_Blow_DPI          ? 
# 
_refine_analyze.entry_id                        2I4R 
_refine_analyze.Luzzati_coordinate_error_obs    0.36 
_refine_analyze.Luzzati_sigma_a_obs             0.50 
_refine_analyze.Luzzati_d_res_low_obs           5.00 
_refine_analyze.Luzzati_coordinate_error_free   0.37 
_refine_analyze.Luzzati_sigma_a_free            0.75 
_refine_analyze.Luzzati_d_res_low_free          ? 
_refine_analyze.number_disordered_residues      ? 
_refine_analyze.occupancy_sum_hydrogen          ? 
_refine_analyze.occupancy_sum_non_hydrogen      ? 
_refine_analyze.pdbx_Luzzati_d_res_high_obs     ? 
_refine_analyze.pdbx_refine_id                  'X-RAY DIFFRACTION' 
# 
_refine_hist.pdbx_refine_id                   'X-RAY DIFFRACTION' 
_refine_hist.cycle_id                         LAST 
_refine_hist.pdbx_number_atoms_protein        1197 
_refine_hist.pdbx_number_atoms_nucleic_acid   0 
_refine_hist.pdbx_number_atoms_ligand         0 
_refine_hist.number_atoms_solvent             9 
_refine_hist.number_atoms_total               1206 
_refine_hist.d_res_high                       2.80 
_refine_hist.d_res_low                        29.14 
# 
loop_
_refine_ls_restr.type 
_refine_ls_restr.dev_ideal 
_refine_ls_restr.dev_ideal_target 
_refine_ls_restr.weight 
_refine_ls_restr.number 
_refine_ls_restr.pdbx_refine_id 
_refine_ls_restr.pdbx_restraint_function 
c_bond_d           0.008 ? ? ? 'X-RAY DIFFRACTION' ? 
c_angle_deg        1.5   ? ? ? 'X-RAY DIFFRACTION' ? 
c_dihedral_angle_d 23.8  ? ? ? 'X-RAY DIFFRACTION' ? 
c_improper_angle_d 0.99  ? ? ? 'X-RAY DIFFRACTION' ? 
# 
_refine_ls_shell.pdbx_total_number_of_bins_used   6 
_refine_ls_shell.d_res_high                       2.80 
_refine_ls_shell.d_res_low                        2.98 
_refine_ls_shell.number_reflns_R_work             932 
_refine_ls_shell.R_factor_R_work                  0.315 
_refine_ls_shell.percent_reflns_obs               55.2 
_refine_ls_shell.R_factor_R_free                  0.354 
_refine_ls_shell.R_factor_R_free_error            0.071 
_refine_ls_shell.percent_reflns_R_free            2.6 
_refine_ls_shell.number_reflns_R_free             25 
_refine_ls_shell.number_reflns_all                ? 
_refine_ls_shell.R_factor_all                     ? 
_refine_ls_shell.number_reflns_obs                ? 
_refine_ls_shell.redundancy_reflns_obs            ? 
_refine_ls_shell.pdbx_refine_id                   'X-RAY DIFFRACTION' 
# 
loop_
_pdbx_xplor_file.serial_no 
_pdbx_xplor_file.param_file 
_pdbx_xplor_file.topol_file 
_pdbx_xplor_file.pdbx_refine_id 
1 protein_rep.param protein.top 'X-RAY DIFFRACTION' 
2 water_rep.param   water.top   'X-RAY DIFFRACTION' 
3 ion.param         ion.top     'X-RAY DIFFRACTION' 
# 
_struct.entry_id                  2I4R 
_struct.title                     
'Crystal structure of the V-type ATP synthase subunit F from Archaeoglobus fulgidus. NESG target GR52A.' 
_struct.pdbx_model_details        ? 
_struct.pdbx_CASP_flag            ? 
_struct.pdbx_model_type_details   ? 
# 
_struct_keywords.entry_id        2I4R 
_struct_keywords.pdbx_keywords   HYDROLASE 
_struct_keywords.text            
;NESG, GR52A, ATP synthesis, Hydrolase, Structural Genomics, PSI-2, Protein Structure Initiative, Northeast Structural Genomics Consortium
;
# 
loop_
_struct_asym.id 
_struct_asym.pdbx_blank_PDB_chainid_flag 
_struct_asym.pdbx_modified 
_struct_asym.entity_id 
_struct_asym.details 
A N N 1 ? 
B N N 1 ? 
C N N 2 ? 
D N N 2 ? 
# 
_struct_ref.id                         1 
_struct_ref.db_name                    UNP 
_struct_ref.db_code                    VATF_ARCFU 
_struct_ref.pdbx_db_accession          O29102 
_struct_ref.entity_id                  1 
_struct_ref.pdbx_align_begin           4 
_struct_ref.pdbx_db_isoform            ? 
_struct_ref.pdbx_seq_one_letter_code   ? 
# 
loop_
_struct_ref_seq.align_id 
_struct_ref_seq.ref_id 
_struct_ref_seq.pdbx_PDB_id_code 
_struct_ref_seq.pdbx_strand_id 
_struct_ref_seq.seq_align_beg 
_struct_ref_seq.pdbx_seq_align_beg_ins_code 
_struct_ref_seq.seq_align_end 
_struct_ref_seq.pdbx_seq_align_end_ins_code 
_struct_ref_seq.pdbx_db_accession 
_struct_ref_seq.db_align_beg 
_struct_ref_seq.pdbx_db_align_beg_ins_code 
_struct_ref_seq.db_align_end 
_struct_ref_seq.pdbx_db_align_end_ins_code 
_struct_ref_seq.pdbx_auth_seq_align_beg 
_struct_ref_seq.pdbx_auth_seq_align_end 
1 1 2I4R A 12 ? 102 ? O29102 4 ? 94 ? 4 94 
2 1 2I4R B 12 ? 102 ? O29102 4 ? 94 ? 4 94 
# 
loop_
_struct_ref_seq_dif.align_id 
_struct_ref_seq_dif.pdbx_pdb_id_code 
_struct_ref_seq_dif.mon_id 
_struct_ref_seq_dif.pdbx_pdb_strand_id 
_struct_ref_seq_dif.seq_num 
_struct_ref_seq_dif.pdbx_pdb_ins_code 
_struct_ref_seq_dif.pdbx_seq_db_name 
_struct_ref_seq_dif.pdbx_seq_db_accession_code 
_struct_ref_seq_dif.db_mon_id 
_struct_ref_seq_dif.pdbx_seq_db_seq_num 
_struct_ref_seq_dif.details 
_struct_ref_seq_dif.pdbx_auth_seq_num 
_struct_ref_seq_dif.pdbx_ordinal 
1 2I4R MSE A 1  ? UNP O29102 ?   ?  'cloning artifact' -10 1  
1 2I4R GLY A 2  ? UNP O29102 ?   ?  'cloning artifact' -9  2  
1 2I4R HIS A 3  ? UNP O29102 ?   ?  'expression tag'   -8  3  
1 2I4R HIS A 4  ? UNP O29102 ?   ?  'expression tag'   -7  4  
1 2I4R HIS A 5  ? UNP O29102 ?   ?  'expression tag'   -6  5  
1 2I4R HIS A 6  ? UNP O29102 ?   ?  'expression tag'   -5  6  
1 2I4R HIS A 7  ? UNP O29102 ?   ?  'expression tag'   -4  7  
1 2I4R HIS A 8  ? UNP O29102 ?   ?  'expression tag'   -3  8  
1 2I4R SER A 9  ? UNP O29102 ?   ?  'cloning artifact' -2  9  
1 2I4R HIS A 10 ? UNP O29102 ?   ?  'cloning artifact' -1  10 
1 2I4R MSE A 11 ? UNP O29102 ?   ?  'cloning artifact' 0   11 
1 2I4R MSE A 25 ? UNP O29102 MET 17 'modified residue' 17  12 
1 2I4R MSE A 59 ? UNP O29102 ILE 51 'modified residue' 51  13 
2 2I4R MSE B 1  ? UNP O29102 ?   ?  'cloning artifact' -10 14 
2 2I4R GLY B 2  ? UNP O29102 ?   ?  'cloning artifact' -9  15 
2 2I4R HIS B 3  ? UNP O29102 ?   ?  'expression tag'   -8  16 
2 2I4R HIS B 4  ? UNP O29102 ?   ?  'expression tag'   -7  17 
2 2I4R HIS B 5  ? UNP O29102 ?   ?  'expression tag'   -6  18 
2 2I4R HIS B 6  ? UNP O29102 ?   ?  'expression tag'   -5  19 
2 2I4R HIS B 7  ? UNP O29102 ?   ?  'expression tag'   -4  20 
2 2I4R HIS B 8  ? UNP O29102 ?   ?  'expression tag'   -3  21 
2 2I4R SER B 9  ? UNP O29102 ?   ?  'cloning artifact' -2  22 
2 2I4R HIS B 10 ? UNP O29102 ?   ?  'cloning artifact' -1  23 
2 2I4R MSE B 11 ? UNP O29102 ?   ?  'cloning artifact' 0   24 
2 2I4R MSE B 25 ? UNP O29102 MET 17 'modified residue' 17  25 
2 2I4R MSE B 59 ? UNP O29102 ILE 51 'modified residue' 51  26 
# 
loop_
_pdbx_struct_assembly.id 
_pdbx_struct_assembly.details 
_pdbx_struct_assembly.method_details 
_pdbx_struct_assembly.oligomeric_details 
_pdbx_struct_assembly.oligomeric_count 
1 author_defined_assembly   ?        dimeric   2 
2 software_defined_assembly PISA,PQS octameric 8 
# 
loop_
_pdbx_struct_assembly_prop.biol_id 
_pdbx_struct_assembly_prop.type 
_pdbx_struct_assembly_prop.value 
_pdbx_struct_assembly_prop.details 
2 'ABSA (A^2)' 10650 ? 
2 MORE         -94   ? 
2 'SSA (A^2)'  26950 ? 
# 
loop_
_pdbx_struct_assembly_gen.assembly_id 
_pdbx_struct_assembly_gen.oper_expression 
_pdbx_struct_assembly_gen.asym_id_list 
1 1       A,B,C,D 
2 1,2,3,4 A,B,C,D 
# 
loop_
_pdbx_struct_oper_list.id 
_pdbx_struct_oper_list.type 
_pdbx_struct_oper_list.name 
_pdbx_struct_oper_list.symmetry_operation 
_pdbx_struct_oper_list.matrix[1][1] 
_pdbx_struct_oper_list.matrix[1][2] 
_pdbx_struct_oper_list.matrix[1][3] 
_pdbx_struct_oper_list.vector[1] 
_pdbx_struct_oper_list.matrix[2][1] 
_pdbx_struct_oper_list.matrix[2][2] 
_pdbx_struct_oper_list.matrix[2][3] 
_pdbx_struct_oper_list.vector[2] 
_pdbx_struct_oper_list.matrix[3][1] 
_pdbx_struct_oper_list.matrix[3][2] 
_pdbx_struct_oper_list.matrix[3][3] 
_pdbx_struct_oper_list.vector[3] 
1 'identity operation'         1_555 x,y,z       1.0000000000  0.0000000000  0.0000000000  0.0000000000   0.0000000000  1.0000000000  0.0000000000  0.0000000000   0.0000000000  0.0000000000  1.0000000000  0.0000000000  
2 'crystal symmetry operation' 2_575 -x,-y+2,z   -0.9663446548 -0.2272287329 -0.1206031140 -19.0280330726 -0.2272287329 0.5341663183  0.8142686579  -10.8979855431 -0.1206031140 0.8142686579  -0.5678216635 15.2229935318 
3 'crystal symmetry operation' 3_556 -x,y,-z+1   -0.0078423389 0.5794872101  -0.8149435999 -3.7187697738  0.5794872101  -0.6615402574 -0.4759822069 23.6504346751  -0.8149435999 -0.4759822069 -0.3306174038 12.2898302247 
4 'crystal symmetry operation' 4_576 x,-y+2,-z+1 -0.0258130063 -0.3522584772 0.9355467139  -22.2906698788 -0.3522584772 -0.8726260610 -0.3382864511 12.5875149811  0.9355467139  -0.3382864511 -0.1015609327 27.9508646067 
# 
_struct_biol.id   1 
# 
loop_
_struct_conf.conf_type_id 
_struct_conf.id 
_struct_conf.pdbx_PDB_helix_id 
_struct_conf.beg_label_comp_id 
_struct_conf.beg_label_asym_id 
_struct_conf.beg_label_seq_id 
_struct_conf.pdbx_beg_PDB_ins_code 
_struct_conf.end_label_comp_id 
_struct_conf.end_label_asym_id 
_struct_conf.end_label_seq_id 
_struct_conf.pdbx_end_PDB_ins_code 
_struct_conf.beg_auth_comp_id 
_struct_conf.beg_auth_asym_id 
_struct_conf.beg_auth_seq_id 
_struct_conf.end_auth_comp_id 
_struct_conf.end_auth_asym_id 
_struct_conf.end_auth_seq_id 
_struct_conf.pdbx_PDB_helix_class 
_struct_conf.details 
_struct_conf.pdbx_PDB_helix_length 
HELX_P HELX_P1 1 ASP A 17 ? ALA A 27 ? ASP A 9  ALA A 19 1 ? 11 
HELX_P HELX_P2 2 SER A 37 ? ARG A 51 ? SER A 29 ARG A 43 1 ? 15 
HELX_P HELX_P3 3 GLU A 62 ? LEU A 64 ? GLU A 54 LEU A 56 5 ? 3  
HELX_P HELX_P4 4 PRO A 68 ? ARG A 73 ? PRO A 60 ARG A 65 1 ? 6  
HELX_P HELX_P5 5 ASP B 17 ? ALA B 27 ? ASP B 9  ALA B 19 1 ? 11 
HELX_P HELX_P6 6 SER B 37 ? ARG B 51 ? SER B 29 ARG B 43 1 ? 15 
HELX_P HELX_P7 7 TYR B 63 ? LEU B 67 ? TYR B 55 LEU B 59 5 ? 5  
HELX_P HELX_P8 8 PRO B 68 ? LYS B 78 ? PRO B 60 LYS B 70 1 ? 11 
# 
_struct_conf_type.id          HELX_P 
_struct_conf_type.criteria    ? 
_struct_conf_type.reference   ? 
# 
loop_
_struct_conn.id 
_struct_conn.conn_type_id 
_struct_conn.pdbx_leaving_atom_flag 
_struct_conn.pdbx_PDB_id 
_struct_conn.ptnr1_label_asym_id 
_struct_conn.ptnr1_label_comp_id 
_struct_conn.ptnr1_label_seq_id 
_struct_conn.ptnr1_label_atom_id 
_struct_conn.pdbx_ptnr1_label_alt_id 
_struct_conn.pdbx_ptnr1_PDB_ins_code 
_struct_conn.pdbx_ptnr1_standard_comp_id 
_struct_conn.ptnr1_symmetry 
_struct_conn.ptnr2_label_asym_id 
_struct_conn.ptnr2_label_comp_id 
_struct_conn.ptnr2_label_seq_id 
_struct_conn.ptnr2_label_atom_id 
_struct_conn.pdbx_ptnr2_label_alt_id 
_struct_conn.pdbx_ptnr2_PDB_ins_code 
_struct_conn.ptnr1_auth_asym_id 
_struct_conn.ptnr1_auth_comp_id 
_struct_conn.ptnr1_auth_seq_id 
_struct_conn.ptnr2_auth_asym_id 
_struct_conn.ptnr2_auth_comp_id 
_struct_conn.ptnr2_auth_seq_id 
_struct_conn.ptnr2_symmetry 
_struct_conn.pdbx_ptnr3_label_atom_id 
_struct_conn.pdbx_ptnr3_label_seq_id 
_struct_conn.pdbx_ptnr3_label_comp_id 
_struct_conn.pdbx_ptnr3_label_asym_id 
_struct_conn.pdbx_ptnr3_label_alt_id 
_struct_conn.pdbx_ptnr3_PDB_ins_code 
_struct_conn.details 
_struct_conn.pdbx_dist_value 
_struct_conn.pdbx_value_order 
_struct_conn.pdbx_role 
covale1  covale both ? A HIS 10 C ? ? ? 1_555 A MSE 11 N ? ? A HIS -1 A MSE 0  1_555 ? ? ? ? ? ? ? 1.329 ? ? 
covale2  covale both ? A MSE 11 C ? ? ? 1_555 A LEU 12 N ? ? A MSE 0  A LEU 4  1_555 ? ? ? ? ? ? ? 1.324 ? ? 
covale3  covale both ? A PHE 24 C ? ? ? 1_555 A MSE 25 N ? ? A PHE 16 A MSE 17 1_555 ? ? ? ? ? ? ? 1.326 ? ? 
covale4  covale both ? A MSE 25 C ? ? ? 1_555 A LEU 26 N ? ? A MSE 17 A LEU 18 1_555 ? ? ? ? ? ? ? 1.327 ? ? 
covale5  covale both ? A ILE 58 C ? ? ? 1_555 A MSE 59 N ? ? A ILE 50 A MSE 51 1_555 ? ? ? ? ? ? ? 1.325 ? ? 
covale6  covale both ? A MSE 59 C ? ? ? 1_555 A LYS 60 N ? ? A MSE 51 A LYS 52 1_555 ? ? ? ? ? ? ? 1.330 ? ? 
covale7  covale both ? B HIS 10 C ? ? ? 1_555 B MSE 11 N ? ? B HIS -1 B MSE 0  1_555 ? ? ? ? ? ? ? 1.324 ? ? 
covale8  covale both ? B MSE 11 C ? ? ? 1_555 B LEU 12 N ? ? B MSE 0  B LEU 4  1_555 ? ? ? ? ? ? ? 1.323 ? ? 
covale9  covale both ? B PHE 24 C ? ? ? 1_555 B MSE 25 N ? ? B PHE 16 B MSE 17 1_555 ? ? ? ? ? ? ? 1.330 ? ? 
covale10 covale both ? B MSE 25 C ? ? ? 1_555 B LEU 26 N ? ? B MSE 17 B LEU 18 1_555 ? ? ? ? ? ? ? 1.328 ? ? 
covale11 covale both ? B ILE 58 C ? ? ? 1_555 B MSE 59 N ? ? B ILE 50 B MSE 51 1_555 ? ? ? ? ? ? ? 1.326 ? ? 
covale12 covale both ? B MSE 59 C ? ? ? 1_555 B LYS 60 N ? ? B MSE 51 B LYS 52 1_555 ? ? ? ? ? ? ? 1.327 ? ? 
# 
_struct_conn_type.id          covale 
_struct_conn_type.criteria    ? 
_struct_conn_type.reference   ? 
# 
loop_
_pdbx_modification_feature.ordinal 
_pdbx_modification_feature.label_comp_id 
_pdbx_modification_feature.label_asym_id 
_pdbx_modification_feature.label_seq_id 
_pdbx_modification_feature.label_alt_id 
_pdbx_modification_feature.modified_residue_label_comp_id 
_pdbx_modification_feature.modified_residue_label_asym_id 
_pdbx_modification_feature.modified_residue_label_seq_id 
_pdbx_modification_feature.modified_residue_label_alt_id 
_pdbx_modification_feature.auth_comp_id 
_pdbx_modification_feature.auth_asym_id 
_pdbx_modification_feature.auth_seq_id 
_pdbx_modification_feature.PDB_ins_code 
_pdbx_modification_feature.symmetry 
_pdbx_modification_feature.modified_residue_auth_comp_id 
_pdbx_modification_feature.modified_residue_auth_asym_id 
_pdbx_modification_feature.modified_residue_auth_seq_id 
_pdbx_modification_feature.modified_residue_PDB_ins_code 
_pdbx_modification_feature.modified_residue_symmetry 
_pdbx_modification_feature.comp_id_linking_atom 
_pdbx_modification_feature.modified_residue_id_linking_atom 
_pdbx_modification_feature.modified_residue_id 
_pdbx_modification_feature.ref_pcm_id 
_pdbx_modification_feature.ref_comp_id 
_pdbx_modification_feature.type 
_pdbx_modification_feature.category 
1 MSE A 11 ? . . . . MSE A 0  ? 1_555 . . . . . . . MET 1 MSE Selenomethionine 'Named protein modification' 
2 MSE A 25 ? . . . . MSE A 17 ? 1_555 . . . . . . . MET 1 MSE Selenomethionine 'Named protein modification' 
3 MSE A 59 ? . . . . MSE A 51 ? 1_555 . . . . . . . MET 1 MSE Selenomethionine 'Named protein modification' 
4 MSE B 11 ? . . . . MSE B 0  ? 1_555 . . . . . . . MET 1 MSE Selenomethionine 'Named protein modification' 
5 MSE B 25 ? . . . . MSE B 17 ? 1_555 . . . . . . . MET 1 MSE Selenomethionine 'Named protein modification' 
6 MSE B 59 ? . . . . MSE B 51 ? 1_555 . . . . . . . MET 1 MSE Selenomethionine 'Named protein modification' 
# 
loop_
_struct_mon_prot_cis.pdbx_id 
_struct_mon_prot_cis.label_comp_id 
_struct_mon_prot_cis.label_seq_id 
_struct_mon_prot_cis.label_asym_id 
_struct_mon_prot_cis.label_alt_id 
_struct_mon_prot_cis.pdbx_PDB_ins_code 
_struct_mon_prot_cis.auth_comp_id 
_struct_mon_prot_cis.auth_seq_id 
_struct_mon_prot_cis.auth_asym_id 
_struct_mon_prot_cis.pdbx_label_comp_id_2 
_struct_mon_prot_cis.pdbx_label_seq_id_2 
_struct_mon_prot_cis.pdbx_label_asym_id_2 
_struct_mon_prot_cis.pdbx_PDB_ins_code_2 
_struct_mon_prot_cis.pdbx_auth_comp_id_2 
_struct_mon_prot_cis.pdbx_auth_seq_id_2 
_struct_mon_prot_cis.pdbx_auth_asym_id_2 
_struct_mon_prot_cis.pdbx_PDB_model_num 
_struct_mon_prot_cis.pdbx_omega_angle 
1 GLU 80 A . ? GLU 72 A PRO 81 A ? PRO 73 A 1 2.72 
2 GLU 80 B . ? GLU 72 B PRO 81 B ? PRO 73 B 1 0.02 
# 
_struct_sheet.id               A 
_struct_sheet.type             ? 
_struct_sheet.number_strands   8 
_struct_sheet.details          ? 
# 
loop_
_struct_sheet_order.sheet_id 
_struct_sheet_order.range_id_1 
_struct_sheet_order.range_id_2 
_struct_sheet_order.offset 
_struct_sheet_order.sense 
A 1 2 ? parallel      
A 2 3 ? parallel      
A 3 4 ? parallel      
A 4 5 ? anti-parallel 
A 5 6 ? parallel      
A 6 7 ? parallel      
A 7 8 ? parallel      
# 
loop_
_struct_sheet_range.sheet_id 
_struct_sheet_range.id 
_struct_sheet_range.beg_label_comp_id 
_struct_sheet_range.beg_label_asym_id 
_struct_sheet_range.beg_label_seq_id 
_struct_sheet_range.pdbx_beg_PDB_ins_code 
_struct_sheet_range.end_label_comp_id 
_struct_sheet_range.end_label_asym_id 
_struct_sheet_range.end_label_seq_id 
_struct_sheet_range.pdbx_end_PDB_ins_code 
_struct_sheet_range.beg_auth_comp_id 
_struct_sheet_range.beg_auth_asym_id 
_struct_sheet_range.beg_auth_seq_id 
_struct_sheet_range.end_auth_comp_id 
_struct_sheet_range.end_auth_asym_id 
_struct_sheet_range.end_auth_seq_id 
A 1 ILE A 32 ? GLU A 34 ? ILE A 24 GLU A 26 
A 2 MSE A 11 ? GLY A 16 ? MSE A 0  GLY A 8  
A 3 VAL A 54 ? LYS A 60 ? VAL A 46 LYS A 52 
A 4 THR A 82 ? VAL A 86 ? THR A 74 VAL A 78 
A 5 THR B 82 ? VAL B 86 ? THR B 74 VAL B 78 
A 6 VAL B 54 ? LYS B 60 ? VAL B 46 LYS B 52 
A 7 MSE B 11 ? GLY B 16 ? MSE B 0  GLY B 8  
A 8 ILE B 32 ? GLU B 34 ? ILE B 24 GLU B 26 
# 
loop_
_pdbx_struct_sheet_hbond.sheet_id 
_pdbx_struct_sheet_hbond.range_id_1 
_pdbx_struct_sheet_hbond.range_id_2 
_pdbx_struct_sheet_hbond.range_1_label_atom_id 
_pdbx_struct_sheet_hbond.range_1_label_comp_id 
_pdbx_struct_sheet_hbond.range_1_label_asym_id 
_pdbx_struct_sheet_hbond.range_1_label_seq_id 
_pdbx_struct_sheet_hbond.range_1_PDB_ins_code 
_pdbx_struct_sheet_hbond.range_1_auth_atom_id 
_pdbx_struct_sheet_hbond.range_1_auth_comp_id 
_pdbx_struct_sheet_hbond.range_1_auth_asym_id 
_pdbx_struct_sheet_hbond.range_1_auth_seq_id 
_pdbx_struct_sheet_hbond.range_2_label_atom_id 
_pdbx_struct_sheet_hbond.range_2_label_comp_id 
_pdbx_struct_sheet_hbond.range_2_label_asym_id 
_pdbx_struct_sheet_hbond.range_2_label_seq_id 
_pdbx_struct_sheet_hbond.range_2_PDB_ins_code 
_pdbx_struct_sheet_hbond.range_2_auth_atom_id 
_pdbx_struct_sheet_hbond.range_2_auth_comp_id 
_pdbx_struct_sheet_hbond.range_2_auth_asym_id 
_pdbx_struct_sheet_hbond.range_2_auth_seq_id 
A 1 2 O TYR A 33 ? O TYR A 25 N VAL A 14 ? N VAL A 6  
A 2 3 N ALA A 13 ? N ALA A 5  O ILE A 58 ? O ILE A 50 
A 3 4 N VAL A 57 ? N VAL A 49 O VAL A 84 ? O VAL A 76 
A 4 5 N SER A 85 ? N SER A 77 O SER B 85 ? O SER B 77 
A 5 6 O VAL B 86 ? O VAL B 78 N MSE B 59 ? N MSE B 51 
A 6 7 O GLY B 55 ? O GLY B 47 N MSE B 11 ? N MSE B 0  
A 7 8 N VAL B 14 ? N VAL B 6  O TYR B 33 ? O TYR B 25 
# 
_pdbx_entry_details.entry_id                   2I4R 
_pdbx_entry_details.compound_details           ? 
_pdbx_entry_details.source_details             ? 
_pdbx_entry_details.nonpolymer_details         ? 
_pdbx_entry_details.sequence_details           ? 
_pdbx_entry_details.has_ligand_of_interest     ? 
_pdbx_entry_details.has_protein_modification   Y 
# 
loop_
_pdbx_validate_torsion.id 
_pdbx_validate_torsion.PDB_model_num 
_pdbx_validate_torsion.auth_comp_id 
_pdbx_validate_torsion.auth_asym_id 
_pdbx_validate_torsion.auth_seq_id 
_pdbx_validate_torsion.PDB_ins_code 
_pdbx_validate_torsion.label_alt_id 
_pdbx_validate_torsion.phi 
_pdbx_validate_torsion.psi 
1 1 ASP A 23 ? ? -112.09 63.36  
2 1 THR A 28 ? ? -135.88 -66.04 
3 1 ASP A 30 ? ? -32.49  -37.16 
4 1 GLU A 54 ? ? -64.62  8.90   
5 1 ASP B 23 ? ? -98.23  51.72  
6 1 THR B 28 ? ? -145.21 -67.10 
# 
_pdbx_SG_project.id                    1 
_pdbx_SG_project.project_name          'PSI, Protein Structure Initiative' 
_pdbx_SG_project.full_name_of_center   'Northeast Structural Genomics Consortium' 
_pdbx_SG_project.initial_of_center     NESG 
# 
loop_
_pdbx_struct_mod_residue.id 
_pdbx_struct_mod_residue.label_asym_id 
_pdbx_struct_mod_residue.label_comp_id 
_pdbx_struct_mod_residue.label_seq_id 
_pdbx_struct_mod_residue.auth_asym_id 
_pdbx_struct_mod_residue.auth_comp_id 
_pdbx_struct_mod_residue.auth_seq_id 
_pdbx_struct_mod_residue.PDB_ins_code 
_pdbx_struct_mod_residue.parent_comp_id 
_pdbx_struct_mod_residue.details 
1 A MSE 11 A MSE 0  ? MET SELENOMETHIONINE 
2 A MSE 25 A MSE 17 ? MET SELENOMETHIONINE 
3 A MSE 59 A MSE 51 ? MET SELENOMETHIONINE 
4 B MSE 11 B MSE 0  ? MET SELENOMETHIONINE 
5 B MSE 25 B MSE 17 ? MET SELENOMETHIONINE 
6 B MSE 59 B MSE 51 ? MET SELENOMETHIONINE 
# 
loop_
_pdbx_unobs_or_zero_occ_residues.id 
_pdbx_unobs_or_zero_occ_residues.PDB_model_num 
_pdbx_unobs_or_zero_occ_residues.polymer_flag 
_pdbx_unobs_or_zero_occ_residues.occupancy_flag 
_pdbx_unobs_or_zero_occ_residues.auth_asym_id 
_pdbx_unobs_or_zero_occ_residues.auth_comp_id 
_pdbx_unobs_or_zero_occ_residues.auth_seq_id 
_pdbx_unobs_or_zero_occ_residues.PDB_ins_code 
_pdbx_unobs_or_zero_occ_residues.label_asym_id 
_pdbx_unobs_or_zero_occ_residues.label_comp_id 
_pdbx_unobs_or_zero_occ_residues.label_seq_id 
1  1 Y 1 A MSE -10 ? A MSE 1   
2  1 Y 1 A GLY -9  ? A GLY 2   
3  1 Y 1 A HIS -8  ? A HIS 3   
4  1 Y 1 A HIS -7  ? A HIS 4   
5  1 Y 1 A HIS -6  ? A HIS 5   
6  1 Y 1 A HIS -5  ? A HIS 6   
7  1 Y 1 A HIS -4  ? A HIS 7   
8  1 Y 1 A HIS -3  ? A HIS 8   
9  1 Y 1 A GLY 80  ? A GLY 88  
10 1 Y 1 A THR 81  ? A THR 89  
11 1 Y 1 A GLY 82  ? A GLY 90  
12 1 Y 1 A GLY 83  ? A GLY 91  
13 1 Y 1 A VAL 84  ? A VAL 92  
14 1 Y 1 A GLU 85  ? A GLU 93  
15 1 Y 1 A GLU 86  ? A GLU 94  
16 1 Y 1 A ILE 87  ? A ILE 95  
17 1 Y 1 A ARG 88  ? A ARG 96  
18 1 Y 1 A GLU 89  ? A GLU 97  
19 1 Y 1 A LYS 90  ? A LYS 98  
20 1 Y 1 A ILE 91  ? A ILE 99  
21 1 Y 1 A ARG 92  ? A ARG 100 
22 1 Y 1 A LYS 93  ? A LYS 101 
23 1 Y 1 A ALA 94  ? A ALA 102 
24 1 Y 1 B MSE -10 ? B MSE 1   
25 1 Y 1 B GLY -9  ? B GLY 2   
26 1 Y 1 B HIS -8  ? B HIS 3   
27 1 Y 1 B HIS -7  ? B HIS 4   
28 1 Y 1 B HIS -6  ? B HIS 5   
29 1 Y 1 B HIS -5  ? B HIS 6   
30 1 Y 1 B HIS -4  ? B HIS 7   
31 1 Y 1 B GLY 80  ? B GLY 88  
32 1 Y 1 B THR 81  ? B THR 89  
33 1 Y 1 B GLY 82  ? B GLY 90  
34 1 Y 1 B GLY 83  ? B GLY 91  
35 1 Y 1 B VAL 84  ? B VAL 92  
36 1 Y 1 B GLU 85  ? B GLU 93  
37 1 Y 1 B GLU 86  ? B GLU 94  
38 1 Y 1 B ILE 87  ? B ILE 95  
39 1 Y 1 B ARG 88  ? B ARG 96  
40 1 Y 1 B GLU 89  ? B GLU 97  
41 1 Y 1 B LYS 90  ? B LYS 98  
42 1 Y 1 B ILE 91  ? B ILE 99  
43 1 Y 1 B ARG 92  ? B ARG 100 
44 1 Y 1 B LYS 93  ? B LYS 101 
45 1 Y 1 B ALA 94  ? B ALA 102 
# 
loop_
_chem_comp_atom.comp_id 
_chem_comp_atom.atom_id 
_chem_comp_atom.type_symbol 
_chem_comp_atom.pdbx_aromatic_flag 
_chem_comp_atom.pdbx_stereo_config 
_chem_comp_atom.pdbx_ordinal 
ALA N    N  N N 1   
ALA CA   C  N S 2   
ALA C    C  N N 3   
ALA O    O  N N 4   
ALA CB   C  N N 5   
ALA OXT  O  N N 6   
ALA H    H  N N 7   
ALA H2   H  N N 8   
ALA HA   H  N N 9   
ALA HB1  H  N N 10  
ALA HB2  H  N N 11  
ALA HB3  H  N N 12  
ALA HXT  H  N N 13  
ARG N    N  N N 14  
ARG CA   C  N S 15  
ARG C    C  N N 16  
ARG O    O  N N 17  
ARG CB   C  N N 18  
ARG CG   C  N N 19  
ARG CD   C  N N 20  
ARG NE   N  N N 21  
ARG CZ   C  N N 22  
ARG NH1  N  N N 23  
ARG NH2  N  N N 24  
ARG OXT  O  N N 25  
ARG H    H  N N 26  
ARG H2   H  N N 27  
ARG HA   H  N N 28  
ARG HB2  H  N N 29  
ARG HB3  H  N N 30  
ARG HG2  H  N N 31  
ARG HG3  H  N N 32  
ARG HD2  H  N N 33  
ARG HD3  H  N N 34  
ARG HE   H  N N 35  
ARG HH11 H  N N 36  
ARG HH12 H  N N 37  
ARG HH21 H  N N 38  
ARG HH22 H  N N 39  
ARG HXT  H  N N 40  
ASP N    N  N N 41  
ASP CA   C  N S 42  
ASP C    C  N N 43  
ASP O    O  N N 44  
ASP CB   C  N N 45  
ASP CG   C  N N 46  
ASP OD1  O  N N 47  
ASP OD2  O  N N 48  
ASP OXT  O  N N 49  
ASP H    H  N N 50  
ASP H2   H  N N 51  
ASP HA   H  N N 52  
ASP HB2  H  N N 53  
ASP HB3  H  N N 54  
ASP HD2  H  N N 55  
ASP HXT  H  N N 56  
GLN N    N  N N 57  
GLN CA   C  N S 58  
GLN C    C  N N 59  
GLN O    O  N N 60  
GLN CB   C  N N 61  
GLN CG   C  N N 62  
GLN CD   C  N N 63  
GLN OE1  O  N N 64  
GLN NE2  N  N N 65  
GLN OXT  O  N N 66  
GLN H    H  N N 67  
GLN H2   H  N N 68  
GLN HA   H  N N 69  
GLN HB2  H  N N 70  
GLN HB3  H  N N 71  
GLN HG2  H  N N 72  
GLN HG3  H  N N 73  
GLN HE21 H  N N 74  
GLN HE22 H  N N 75  
GLN HXT  H  N N 76  
GLU N    N  N N 77  
GLU CA   C  N S 78  
GLU C    C  N N 79  
GLU O    O  N N 80  
GLU CB   C  N N 81  
GLU CG   C  N N 82  
GLU CD   C  N N 83  
GLU OE1  O  N N 84  
GLU OE2  O  N N 85  
GLU OXT  O  N N 86  
GLU H    H  N N 87  
GLU H2   H  N N 88  
GLU HA   H  N N 89  
GLU HB2  H  N N 90  
GLU HB3  H  N N 91  
GLU HG2  H  N N 92  
GLU HG3  H  N N 93  
GLU HE2  H  N N 94  
GLU HXT  H  N N 95  
GLY N    N  N N 96  
GLY CA   C  N N 97  
GLY C    C  N N 98  
GLY O    O  N N 99  
GLY OXT  O  N N 100 
GLY H    H  N N 101 
GLY H2   H  N N 102 
GLY HA2  H  N N 103 
GLY HA3  H  N N 104 
GLY HXT  H  N N 105 
HIS N    N  N N 106 
HIS CA   C  N S 107 
HIS C    C  N N 108 
HIS O    O  N N 109 
HIS CB   C  N N 110 
HIS CG   C  Y N 111 
HIS ND1  N  Y N 112 
HIS CD2  C  Y N 113 
HIS CE1  C  Y N 114 
HIS NE2  N  Y N 115 
HIS OXT  O  N N 116 
HIS H    H  N N 117 
HIS H2   H  N N 118 
HIS HA   H  N N 119 
HIS HB2  H  N N 120 
HIS HB3  H  N N 121 
HIS HD1  H  N N 122 
HIS HD2  H  N N 123 
HIS HE1  H  N N 124 
HIS HE2  H  N N 125 
HIS HXT  H  N N 126 
HOH O    O  N N 127 
HOH H1   H  N N 128 
HOH H2   H  N N 129 
ILE N    N  N N 130 
ILE CA   C  N S 131 
ILE C    C  N N 132 
ILE O    O  N N 133 
ILE CB   C  N S 134 
ILE CG1  C  N N 135 
ILE CG2  C  N N 136 
ILE CD1  C  N N 137 
ILE OXT  O  N N 138 
ILE H    H  N N 139 
ILE H2   H  N N 140 
ILE HA   H  N N 141 
ILE HB   H  N N 142 
ILE HG12 H  N N 143 
ILE HG13 H  N N 144 
ILE HG21 H  N N 145 
ILE HG22 H  N N 146 
ILE HG23 H  N N 147 
ILE HD11 H  N N 148 
ILE HD12 H  N N 149 
ILE HD13 H  N N 150 
ILE HXT  H  N N 151 
LEU N    N  N N 152 
LEU CA   C  N S 153 
LEU C    C  N N 154 
LEU O    O  N N 155 
LEU CB   C  N N 156 
LEU CG   C  N N 157 
LEU CD1  C  N N 158 
LEU CD2  C  N N 159 
LEU OXT  O  N N 160 
LEU H    H  N N 161 
LEU H2   H  N N 162 
LEU HA   H  N N 163 
LEU HB2  H  N N 164 
LEU HB3  H  N N 165 
LEU HG   H  N N 166 
LEU HD11 H  N N 167 
LEU HD12 H  N N 168 
LEU HD13 H  N N 169 
LEU HD21 H  N N 170 
LEU HD22 H  N N 171 
LEU HD23 H  N N 172 
LEU HXT  H  N N 173 
LYS N    N  N N 174 
LYS CA   C  N S 175 
LYS C    C  N N 176 
LYS O    O  N N 177 
LYS CB   C  N N 178 
LYS CG   C  N N 179 
LYS CD   C  N N 180 
LYS CE   C  N N 181 
LYS NZ   N  N N 182 
LYS OXT  O  N N 183 
LYS H    H  N N 184 
LYS H2   H  N N 185 
LYS HA   H  N N 186 
LYS HB2  H  N N 187 
LYS HB3  H  N N 188 
LYS HG2  H  N N 189 
LYS HG3  H  N N 190 
LYS HD2  H  N N 191 
LYS HD3  H  N N 192 
LYS HE2  H  N N 193 
LYS HE3  H  N N 194 
LYS HZ1  H  N N 195 
LYS HZ2  H  N N 196 
LYS HZ3  H  N N 197 
LYS HXT  H  N N 198 
MET N    N  N N 199 
MET CA   C  N S 200 
MET C    C  N N 201 
MET O    O  N N 202 
MET CB   C  N N 203 
MET CG   C  N N 204 
MET SD   S  N N 205 
MET CE   C  N N 206 
MET OXT  O  N N 207 
MET H    H  N N 208 
MET H2   H  N N 209 
MET HA   H  N N 210 
MET HB2  H  N N 211 
MET HB3  H  N N 212 
MET HG2  H  N N 213 
MET HG3  H  N N 214 
MET HE1  H  N N 215 
MET HE2  H  N N 216 
MET HE3  H  N N 217 
MET HXT  H  N N 218 
MSE N    N  N N 219 
MSE CA   C  N S 220 
MSE C    C  N N 221 
MSE O    O  N N 222 
MSE OXT  O  N N 223 
MSE CB   C  N N 224 
MSE CG   C  N N 225 
MSE SE   SE N N 226 
MSE CE   C  N N 227 
MSE H    H  N N 228 
MSE H2   H  N N 229 
MSE HA   H  N N 230 
MSE HXT  H  N N 231 
MSE HB2  H  N N 232 
MSE HB3  H  N N 233 
MSE HG2  H  N N 234 
MSE HG3  H  N N 235 
MSE HE1  H  N N 236 
MSE HE2  H  N N 237 
MSE HE3  H  N N 238 
PHE N    N  N N 239 
PHE CA   C  N S 240 
PHE C    C  N N 241 
PHE O    O  N N 242 
PHE CB   C  N N 243 
PHE CG   C  Y N 244 
PHE CD1  C  Y N 245 
PHE CD2  C  Y N 246 
PHE CE1  C  Y N 247 
PHE CE2  C  Y N 248 
PHE CZ   C  Y N 249 
PHE OXT  O  N N 250 
PHE H    H  N N 251 
PHE H2   H  N N 252 
PHE HA   H  N N 253 
PHE HB2  H  N N 254 
PHE HB3  H  N N 255 
PHE HD1  H  N N 256 
PHE HD2  H  N N 257 
PHE HE1  H  N N 258 
PHE HE2  H  N N 259 
PHE HZ   H  N N 260 
PHE HXT  H  N N 261 
PRO N    N  N N 262 
PRO CA   C  N S 263 
PRO C    C  N N 264 
PRO O    O  N N 265 
PRO CB   C  N N 266 
PRO CG   C  N N 267 
PRO CD   C  N N 268 
PRO OXT  O  N N 269 
PRO H    H  N N 270 
PRO HA   H  N N 271 
PRO HB2  H  N N 272 
PRO HB3  H  N N 273 
PRO HG2  H  N N 274 
PRO HG3  H  N N 275 
PRO HD2  H  N N 276 
PRO HD3  H  N N 277 
PRO HXT  H  N N 278 
SER N    N  N N 279 
SER CA   C  N S 280 
SER C    C  N N 281 
SER O    O  N N 282 
SER CB   C  N N 283 
SER OG   O  N N 284 
SER OXT  O  N N 285 
SER H    H  N N 286 
SER H2   H  N N 287 
SER HA   H  N N 288 
SER HB2  H  N N 289 
SER HB3  H  N N 290 
SER HG   H  N N 291 
SER HXT  H  N N 292 
THR N    N  N N 293 
THR CA   C  N S 294 
THR C    C  N N 295 
THR O    O  N N 296 
THR CB   C  N R 297 
THR OG1  O  N N 298 
THR CG2  C  N N 299 
THR OXT  O  N N 300 
THR H    H  N N 301 
THR H2   H  N N 302 
THR HA   H  N N 303 
THR HB   H  N N 304 
THR HG1  H  N N 305 
THR HG21 H  N N 306 
THR HG22 H  N N 307 
THR HG23 H  N N 308 
THR HXT  H  N N 309 
TYR N    N  N N 310 
TYR CA   C  N S 311 
TYR C    C  N N 312 
TYR O    O  N N 313 
TYR CB   C  N N 314 
TYR CG   C  Y N 315 
TYR CD1  C  Y N 316 
TYR CD2  C  Y N 317 
TYR CE1  C  Y N 318 
TYR CE2  C  Y N 319 
TYR CZ   C  Y N 320 
TYR OH   O  N N 321 
TYR OXT  O  N N 322 
TYR H    H  N N 323 
TYR H2   H  N N 324 
TYR HA   H  N N 325 
TYR HB2  H  N N 326 
TYR HB3  H  N N 327 
TYR HD1  H  N N 328 
TYR HD2  H  N N 329 
TYR HE1  H  N N 330 
TYR HE2  H  N N 331 
TYR HH   H  N N 332 
TYR HXT  H  N N 333 
VAL N    N  N N 334 
VAL CA   C  N S 335 
VAL C    C  N N 336 
VAL O    O  N N 337 
VAL CB   C  N N 338 
VAL CG1  C  N N 339 
VAL CG2  C  N N 340 
VAL OXT  O  N N 341 
VAL H    H  N N 342 
VAL H2   H  N N 343 
VAL HA   H  N N 344 
VAL HB   H  N N 345 
VAL HG11 H  N N 346 
VAL HG12 H  N N 347 
VAL HG13 H  N N 348 
VAL HG21 H  N N 349 
VAL HG22 H  N N 350 
VAL HG23 H  N N 351 
VAL HXT  H  N N 352 
# 
loop_
_chem_comp_bond.comp_id 
_chem_comp_bond.atom_id_1 
_chem_comp_bond.atom_id_2 
_chem_comp_bond.value_order 
_chem_comp_bond.pdbx_aromatic_flag 
_chem_comp_bond.pdbx_stereo_config 
_chem_comp_bond.pdbx_ordinal 
ALA N   CA   sing N N 1   
ALA N   H    sing N N 2   
ALA N   H2   sing N N 3   
ALA CA  C    sing N N 4   
ALA CA  CB   sing N N 5   
ALA CA  HA   sing N N 6   
ALA C   O    doub N N 7   
ALA C   OXT  sing N N 8   
ALA CB  HB1  sing N N 9   
ALA CB  HB2  sing N N 10  
ALA CB  HB3  sing N N 11  
ALA OXT HXT  sing N N 12  
ARG N   CA   sing N N 13  
ARG N   H    sing N N 14  
ARG N   H2   sing N N 15  
ARG CA  C    sing N N 16  
ARG CA  CB   sing N N 17  
ARG CA  HA   sing N N 18  
ARG C   O    doub N N 19  
ARG C   OXT  sing N N 20  
ARG CB  CG   sing N N 21  
ARG CB  HB2  sing N N 22  
ARG CB  HB3  sing N N 23  
ARG CG  CD   sing N N 24  
ARG CG  HG2  sing N N 25  
ARG CG  HG3  sing N N 26  
ARG CD  NE   sing N N 27  
ARG CD  HD2  sing N N 28  
ARG CD  HD3  sing N N 29  
ARG NE  CZ   sing N N 30  
ARG NE  HE   sing N N 31  
ARG CZ  NH1  sing N N 32  
ARG CZ  NH2  doub N N 33  
ARG NH1 HH11 sing N N 34  
ARG NH1 HH12 sing N N 35  
ARG NH2 HH21 sing N N 36  
ARG NH2 HH22 sing N N 37  
ARG OXT HXT  sing N N 38  
ASP N   CA   sing N N 39  
ASP N   H    sing N N 40  
ASP N   H2   sing N N 41  
ASP CA  C    sing N N 42  
ASP CA  CB   sing N N 43  
ASP CA  HA   sing N N 44  
ASP C   O    doub N N 45  
ASP C   OXT  sing N N 46  
ASP CB  CG   sing N N 47  
ASP CB  HB2  sing N N 48  
ASP CB  HB3  sing N N 49  
ASP CG  OD1  doub N N 50  
ASP CG  OD2  sing N N 51  
ASP OD2 HD2  sing N N 52  
ASP OXT HXT  sing N N 53  
GLN N   CA   sing N N 54  
GLN N   H    sing N N 55  
GLN N   H2   sing N N 56  
GLN CA  C    sing N N 57  
GLN CA  CB   sing N N 58  
GLN CA  HA   sing N N 59  
GLN C   O    doub N N 60  
GLN C   OXT  sing N N 61  
GLN CB  CG   sing N N 62  
GLN CB  HB2  sing N N 63  
GLN CB  HB3  sing N N 64  
GLN CG  CD   sing N N 65  
GLN CG  HG2  sing N N 66  
GLN CG  HG3  sing N N 67  
GLN CD  OE1  doub N N 68  
GLN CD  NE2  sing N N 69  
GLN NE2 HE21 sing N N 70  
GLN NE2 HE22 sing N N 71  
GLN OXT HXT  sing N N 72  
GLU N   CA   sing N N 73  
GLU N   H    sing N N 74  
GLU N   H2   sing N N 75  
GLU CA  C    sing N N 76  
GLU CA  CB   sing N N 77  
GLU CA  HA   sing N N 78  
GLU C   O    doub N N 79  
GLU C   OXT  sing N N 80  
GLU CB  CG   sing N N 81  
GLU CB  HB2  sing N N 82  
GLU CB  HB3  sing N N 83  
GLU CG  CD   sing N N 84  
GLU CG  HG2  sing N N 85  
GLU CG  HG3  sing N N 86  
GLU CD  OE1  doub N N 87  
GLU CD  OE2  sing N N 88  
GLU OE2 HE2  sing N N 89  
GLU OXT HXT  sing N N 90  
GLY N   CA   sing N N 91  
GLY N   H    sing N N 92  
GLY N   H2   sing N N 93  
GLY CA  C    sing N N 94  
GLY CA  HA2  sing N N 95  
GLY CA  HA3  sing N N 96  
GLY C   O    doub N N 97  
GLY C   OXT  sing N N 98  
GLY OXT HXT  sing N N 99  
HIS N   CA   sing N N 100 
HIS N   H    sing N N 101 
HIS N   H2   sing N N 102 
HIS CA  C    sing N N 103 
HIS CA  CB   sing N N 104 
HIS CA  HA   sing N N 105 
HIS C   O    doub N N 106 
HIS C   OXT  sing N N 107 
HIS CB  CG   sing N N 108 
HIS CB  HB2  sing N N 109 
HIS CB  HB3  sing N N 110 
HIS CG  ND1  sing Y N 111 
HIS CG  CD2  doub Y N 112 
HIS ND1 CE1  doub Y N 113 
HIS ND1 HD1  sing N N 114 
HIS CD2 NE2  sing Y N 115 
HIS CD2 HD2  sing N N 116 
HIS CE1 NE2  sing Y N 117 
HIS CE1 HE1  sing N N 118 
HIS NE2 HE2  sing N N 119 
HIS OXT HXT  sing N N 120 
HOH O   H1   sing N N 121 
HOH O   H2   sing N N 122 
ILE N   CA   sing N N 123 
ILE N   H    sing N N 124 
ILE N   H2   sing N N 125 
ILE CA  C    sing N N 126 
ILE CA  CB   sing N N 127 
ILE CA  HA   sing N N 128 
ILE C   O    doub N N 129 
ILE C   OXT  sing N N 130 
ILE CB  CG1  sing N N 131 
ILE CB  CG2  sing N N 132 
ILE CB  HB   sing N N 133 
ILE CG1 CD1  sing N N 134 
ILE CG1 HG12 sing N N 135 
ILE CG1 HG13 sing N N 136 
ILE CG2 HG21 sing N N 137 
ILE CG2 HG22 sing N N 138 
ILE CG2 HG23 sing N N 139 
ILE CD1 HD11 sing N N 140 
ILE CD1 HD12 sing N N 141 
ILE CD1 HD13 sing N N 142 
ILE OXT HXT  sing N N 143 
LEU N   CA   sing N N 144 
LEU N   H    sing N N 145 
LEU N   H2   sing N N 146 
LEU CA  C    sing N N 147 
LEU CA  CB   sing N N 148 
LEU CA  HA   sing N N 149 
LEU C   O    doub N N 150 
LEU C   OXT  sing N N 151 
LEU CB  CG   sing N N 152 
LEU CB  HB2  sing N N 153 
LEU CB  HB3  sing N N 154 
LEU CG  CD1  sing N N 155 
LEU CG  CD2  sing N N 156 
LEU CG  HG   sing N N 157 
LEU CD1 HD11 sing N N 158 
LEU CD1 HD12 sing N N 159 
LEU CD1 HD13 sing N N 160 
LEU CD2 HD21 sing N N 161 
LEU CD2 HD22 sing N N 162 
LEU CD2 HD23 sing N N 163 
LEU OXT HXT  sing N N 164 
LYS N   CA   sing N N 165 
LYS N   H    sing N N 166 
LYS N   H2   sing N N 167 
LYS CA  C    sing N N 168 
LYS CA  CB   sing N N 169 
LYS CA  HA   sing N N 170 
LYS C   O    doub N N 171 
LYS C   OXT  sing N N 172 
LYS CB  CG   sing N N 173 
LYS CB  HB2  sing N N 174 
LYS CB  HB3  sing N N 175 
LYS CG  CD   sing N N 176 
LYS CG  HG2  sing N N 177 
LYS CG  HG3  sing N N 178 
LYS CD  CE   sing N N 179 
LYS CD  HD2  sing N N 180 
LYS CD  HD3  sing N N 181 
LYS CE  NZ   sing N N 182 
LYS CE  HE2  sing N N 183 
LYS CE  HE3  sing N N 184 
LYS NZ  HZ1  sing N N 185 
LYS NZ  HZ2  sing N N 186 
LYS NZ  HZ3  sing N N 187 
LYS OXT HXT  sing N N 188 
MET N   CA   sing N N 189 
MET N   H    sing N N 190 
MET N   H2   sing N N 191 
MET CA  C    sing N N 192 
MET CA  CB   sing N N 193 
MET CA  HA   sing N N 194 
MET C   O    doub N N 195 
MET C   OXT  sing N N 196 
MET CB  CG   sing N N 197 
MET CB  HB2  sing N N 198 
MET CB  HB3  sing N N 199 
MET CG  SD   sing N N 200 
MET CG  HG2  sing N N 201 
MET CG  HG3  sing N N 202 
MET SD  CE   sing N N 203 
MET CE  HE1  sing N N 204 
MET CE  HE2  sing N N 205 
MET CE  HE3  sing N N 206 
MET OXT HXT  sing N N 207 
MSE N   CA   sing N N 208 
MSE N   H    sing N N 209 
MSE N   H2   sing N N 210 
MSE CA  C    sing N N 211 
MSE CA  CB   sing N N 212 
MSE CA  HA   sing N N 213 
MSE C   O    doub N N 214 
MSE C   OXT  sing N N 215 
MSE OXT HXT  sing N N 216 
MSE CB  CG   sing N N 217 
MSE CB  HB2  sing N N 218 
MSE CB  HB3  sing N N 219 
MSE CG  SE   sing N N 220 
MSE CG  HG2  sing N N 221 
MSE CG  HG3  sing N N 222 
MSE SE  CE   sing N N 223 
MSE CE  HE1  sing N N 224 
MSE CE  HE2  sing N N 225 
MSE CE  HE3  sing N N 226 
PHE N   CA   sing N N 227 
PHE N   H    sing N N 228 
PHE N   H2   sing N N 229 
PHE CA  C    sing N N 230 
PHE CA  CB   sing N N 231 
PHE CA  HA   sing N N 232 
PHE C   O    doub N N 233 
PHE C   OXT  sing N N 234 
PHE CB  CG   sing N N 235 
PHE CB  HB2  sing N N 236 
PHE CB  HB3  sing N N 237 
PHE CG  CD1  doub Y N 238 
PHE CG  CD2  sing Y N 239 
PHE CD1 CE1  sing Y N 240 
PHE CD1 HD1  sing N N 241 
PHE CD2 CE2  doub Y N 242 
PHE CD2 HD2  sing N N 243 
PHE CE1 CZ   doub Y N 244 
PHE CE1 HE1  sing N N 245 
PHE CE2 CZ   sing Y N 246 
PHE CE2 HE2  sing N N 247 
PHE CZ  HZ   sing N N 248 
PHE OXT HXT  sing N N 249 
PRO N   CA   sing N N 250 
PRO N   CD   sing N N 251 
PRO N   H    sing N N 252 
PRO CA  C    sing N N 253 
PRO CA  CB   sing N N 254 
PRO CA  HA   sing N N 255 
PRO C   O    doub N N 256 
PRO C   OXT  sing N N 257 
PRO CB  CG   sing N N 258 
PRO CB  HB2  sing N N 259 
PRO CB  HB3  sing N N 260 
PRO CG  CD   sing N N 261 
PRO CG  HG2  sing N N 262 
PRO CG  HG3  sing N N 263 
PRO CD  HD2  sing N N 264 
PRO CD  HD3  sing N N 265 
PRO OXT HXT  sing N N 266 
SER N   CA   sing N N 267 
SER N   H    sing N N 268 
SER N   H2   sing N N 269 
SER CA  C    sing N N 270 
SER CA  CB   sing N N 271 
SER CA  HA   sing N N 272 
SER C   O    doub N N 273 
SER C   OXT  sing N N 274 
SER CB  OG   sing N N 275 
SER CB  HB2  sing N N 276 
SER CB  HB3  sing N N 277 
SER OG  HG   sing N N 278 
SER OXT HXT  sing N N 279 
THR N   CA   sing N N 280 
THR N   H    sing N N 281 
THR N   H2   sing N N 282 
THR CA  C    sing N N 283 
THR CA  CB   sing N N 284 
THR CA  HA   sing N N 285 
THR C   O    doub N N 286 
THR C   OXT  sing N N 287 
THR CB  OG1  sing N N 288 
THR CB  CG2  sing N N 289 
THR CB  HB   sing N N 290 
THR OG1 HG1  sing N N 291 
THR CG2 HG21 sing N N 292 
THR CG2 HG22 sing N N 293 
THR CG2 HG23 sing N N 294 
THR OXT HXT  sing N N 295 
TYR N   CA   sing N N 296 
TYR N   H    sing N N 297 
TYR N   H2   sing N N 298 
TYR CA  C    sing N N 299 
TYR CA  CB   sing N N 300 
TYR CA  HA   sing N N 301 
TYR C   O    doub N N 302 
TYR C   OXT  sing N N 303 
TYR CB  CG   sing N N 304 
TYR CB  HB2  sing N N 305 
TYR CB  HB3  sing N N 306 
TYR CG  CD1  doub Y N 307 
TYR CG  CD2  sing Y N 308 
TYR CD1 CE1  sing Y N 309 
TYR CD1 HD1  sing N N 310 
TYR CD2 CE2  doub Y N 311 
TYR CD2 HD2  sing N N 312 
TYR CE1 CZ   doub Y N 313 
TYR CE1 HE1  sing N N 314 
TYR CE2 CZ   sing Y N 315 
TYR CE2 HE2  sing N N 316 
TYR CZ  OH   sing N N 317 
TYR OH  HH   sing N N 318 
TYR OXT HXT  sing N N 319 
VAL N   CA   sing N N 320 
VAL N   H    sing N N 321 
VAL N   H2   sing N N 322 
VAL CA  C    sing N N 323 
VAL CA  CB   sing N N 324 
VAL CA  HA   sing N N 325 
VAL C   O    doub N N 326 
VAL C   OXT  sing N N 327 
VAL CB  CG1  sing N N 328 
VAL CB  CG2  sing N N 329 
VAL CB  HB   sing N N 330 
VAL CG1 HG11 sing N N 331 
VAL CG1 HG12 sing N N 332 
VAL CG1 HG13 sing N N 333 
VAL CG2 HG21 sing N N 334 
VAL CG2 HG22 sing N N 335 
VAL CG2 HG23 sing N N 336 
VAL OXT HXT  sing N N 337 
# 
_atom_sites.entry_id                    2I4R 
_atom_sites.fract_transf_matrix[1][1]   0.01472473 
_atom_sites.fract_transf_matrix[1][2]   -0.00532435 
_atom_sites.fract_transf_matrix[1][3]   0.01414069 
_atom_sites.fract_transf_matrix[2][1]   -0.00904992 
_atom_sites.fract_transf_matrix[2][2]   -0.00528576 
_atom_sites.fract_transf_matrix[2][3]   0.00743347 
_atom_sites.fract_transf_matrix[3][1]   0.00110134 
_atom_sites.fract_transf_matrix[3][2]   -0.00743582 
_atom_sites.fract_transf_matrix[3][3]   -0.00394661 
_atom_sites.fract_transf_vector[1]      0.003447 
_atom_sites.fract_transf_vector[2]      0.828516 
_atom_sites.fract_transf_vector[3]      0.614231 
# 
loop_
_atom_type.symbol 
C  
N  
O  
SE 
# 
loop_
_atom_site.group_PDB 
_atom_site.id 
_atom_site.type_symbol 
_atom_site.label_atom_id 
_atom_site.label_alt_id 
_atom_site.label_comp_id 
_atom_site.label_asym_id 
_atom_site.label_entity_id 
_atom_site.label_seq_id 
_atom_site.pdbx_PDB_ins_code 
_atom_site.Cartn_x 
_atom_site.Cartn_y 
_atom_site.Cartn_z 
_atom_site.occupancy 
_atom_site.B_iso_or_equiv 
_atom_site.pdbx_formal_charge 
_atom_site.auth_seq_id 
_atom_site.auth_comp_id 
_atom_site.auth_asym_id 
_atom_site.auth_atom_id 
_atom_site.pdbx_PDB_model_num 
ATOM   1    N  N   . SER A 1 9  ? -14.000 15.250  -4.231  1.00 71.77 ? -2  SER A N   1 
ATOM   2    C  CA  . SER A 1 9  ? -14.228 13.949  -3.526  1.00 71.41 ? -2  SER A CA  1 
ATOM   3    C  C   . SER A 1 9  ? -13.159 12.915  -3.854  1.00 70.56 ? -2  SER A C   1 
ATOM   4    O  O   . SER A 1 9  ? -12.972 12.523  -5.008  1.00 69.60 ? -2  SER A O   1 
ATOM   5    C  CB  . SER A 1 9  ? -15.601 13.371  -3.876  1.00 71.07 ? -2  SER A CB  1 
ATOM   6    O  OG  . SER A 1 9  ? -15.882 12.243  -3.068  1.00 69.97 ? -2  SER A OG  1 
ATOM   7    N  N   . HIS A 1 10 ? -12.461 12.477  -2.819  1.00 70.51 ? -1  HIS A N   1 
ATOM   8    C  CA  . HIS A 1 10 ? -11.410 11.495  -2.979  1.00 70.68 ? -1  HIS A CA  1 
ATOM   9    C  C   . HIS A 1 10 ? -11.688 10.337  -2.051  1.00 70.53 ? -1  HIS A C   1 
ATOM   10   O  O   . HIS A 1 10 ? -11.108 10.231  -0.970  1.00 70.97 ? -1  HIS A O   1 
ATOM   11   C  CB  . HIS A 1 10 ? -10.053 12.126  -2.676  1.00 71.02 ? -1  HIS A CB  1 
ATOM   12   C  CG  . HIS A 1 10 ? -9.625  13.146  -3.691  1.00 73.07 ? -1  HIS A CG  1 
ATOM   13   N  ND1 . HIS A 1 10 ? -10.460 14.151  -4.137  1.00 72.17 ? -1  HIS A ND1 1 
ATOM   14   C  CD2 . HIS A 1 10 ? -8.442  13.331  -4.326  1.00 72.68 ? -1  HIS A CD2 1 
ATOM   15   C  CE1 . HIS A 1 10 ? -9.809  14.910  -5.001  1.00 72.43 ? -1  HIS A CE1 1 
ATOM   16   N  NE2 . HIS A 1 10 ? -8.583  14.434  -5.133  1.00 73.20 ? -1  HIS A NE2 1 
HETATM 17   N  N   . MSE A 1 11 ? -12.606 9.487   -2.498  1.00 70.79 ? 0   MSE A N   1 
HETATM 18   C  CA  . MSE A 1 11 ? -13.037 8.300   -1.782  1.00 69.76 ? 0   MSE A CA  1 
HETATM 19   C  C   . MSE A 1 11 ? -11.961 7.241   -1.787  1.00 66.46 ? 0   MSE A C   1 
HETATM 20   O  O   . MSE A 1 11 ? -11.151 7.144   -2.717  1.00 64.99 ? 0   MSE A O   1 
HETATM 21   C  CB  . MSE A 1 11 ? -14.283 7.713   -2.445  1.00 77.11 ? 0   MSE A CB  1 
HETATM 22   C  CG  . MSE A 1 11 ? -15.502 8.596   -2.381  1.00 85.90 ? 0   MSE A CG  1 
HETATM 23   SE SE  . MSE A 1 11 ? -16.059 8.840   -0.544  1.00 99.00 ? 0   MSE A SE  1 
HETATM 24   C  CE  . MSE A 1 11 ? -17.478 7.511   -0.501  1.00 95.73 ? 0   MSE A CE  1 
ATOM   25   N  N   . LEU A 1 12 ? -11.964 6.435   -0.736  1.00 63.71 ? 4   LEU A N   1 
ATOM   26   C  CA  . LEU A 1 12 ? -11.017 5.337   -0.608  1.00 59.77 ? 4   LEU A CA  1 
ATOM   27   C  C   . LEU A 1 12 ? -11.824 4.120   -1.018  1.00 58.05 ? 4   LEU A C   1 
ATOM   28   O  O   . LEU A 1 12 ? -12.931 3.893   -0.519  1.00 56.80 ? 4   LEU A O   1 
ATOM   29   C  CB  . LEU A 1 12 ? -10.552 5.196   0.842   1.00 58.16 ? 4   LEU A CB  1 
ATOM   30   C  CG  . LEU A 1 12 ? -9.367  4.308   1.208   1.00 57.09 ? 4   LEU A CG  1 
ATOM   31   C  CD1 . LEU A 1 12 ? -9.138  4.433   2.704   1.00 55.93 ? 4   LEU A CD1 1 
ATOM   32   C  CD2 . LEU A 1 12 ? -9.615  2.871   0.826   1.00 56.90 ? 4   LEU A CD2 1 
ATOM   33   N  N   . ALA A 1 13 ? -11.292 3.361   -1.965  1.00 56.50 ? 5   ALA A N   1 
ATOM   34   C  CA  . ALA A 1 13 ? -11.973 2.167   -2.415  1.00 55.49 ? 5   ALA A CA  1 
ATOM   35   C  C   . ALA A 1 13 ? -11.012 1.027   -2.144  1.00 54.87 ? 5   ALA A C   1 
ATOM   36   O  O   . ALA A 1 13 ? -9.794  1.218   -2.155  1.00 54.00 ? 5   ALA A O   1 
ATOM   37   C  CB  . ALA A 1 13 ? -12.296 2.272   -3.905  1.00 52.78 ? 5   ALA A CB  1 
ATOM   38   N  N   . VAL A 1 14 ? -11.554 -0.147  -1.855  1.00 55.05 ? 6   VAL A N   1 
ATOM   39   C  CA  . VAL A 1 14 ? -10.716 -1.309  -1.605  1.00 55.11 ? 6   VAL A CA  1 
ATOM   40   C  C   . VAL A 1 14 ? -11.204 -2.426  -2.505  1.00 55.90 ? 6   VAL A C   1 
ATOM   41   O  O   . VAL A 1 14 ? -12.406 -2.615  -2.681  1.00 56.19 ? 6   VAL A O   1 
ATOM   42   C  CB  . VAL A 1 14 ? -10.761 -1.765  -0.129  1.00 53.20 ? 6   VAL A CB  1 
ATOM   43   C  CG1 . VAL A 1 14 ? -9.882  -2.993  0.056   1.00 50.12 ? 6   VAL A CG1 1 
ATOM   44   C  CG2 . VAL A 1 14 ? -10.279 -0.640  0.778   1.00 52.23 ? 6   VAL A CG2 1 
ATOM   45   N  N   . VAL A 1 15 ? -10.253 -3.152  -3.079  1.00 58.17 ? 7   VAL A N   1 
ATOM   46   C  CA  . VAL A 1 15 ? -10.536 -4.237  -3.999  1.00 60.04 ? 7   VAL A CA  1 
ATOM   47   C  C   . VAL A 1 15 ? -9.942  -5.516  -3.450  1.00 61.54 ? 7   VAL A C   1 
ATOM   48   O  O   . VAL A 1 15 ? -8.752  -5.562  -3.145  1.00 63.92 ? 7   VAL A O   1 
ATOM   49   C  CB  . VAL A 1 15 ? -9.887  -3.946  -5.373  1.00 60.65 ? 7   VAL A CB  1 
ATOM   50   C  CG1 . VAL A 1 15 ? -10.209 -5.052  -6.358  1.00 60.85 ? 7   VAL A CG1 1 
ATOM   51   C  CG2 . VAL A 1 15 ? -10.369 -2.597  -5.895  1.00 62.12 ? 7   VAL A CG2 1 
ATOM   52   N  N   . GLY A 1 16 ? -10.761 -6.555  -3.322  1.00 63.07 ? 8   GLY A N   1 
ATOM   53   C  CA  . GLY A 1 16 ? -10.246 -7.816  -2.820  1.00 64.35 ? 8   GLY A CA  1 
ATOM   54   C  C   . GLY A 1 16 ? -11.323 -8.793  -2.418  1.00 65.84 ? 8   GLY A C   1 
ATOM   55   O  O   . GLY A 1 16 ? -12.503 -8.449  -2.412  1.00 64.82 ? 8   GLY A O   1 
ATOM   56   N  N   . ASP A 1 17 ? -10.907 -10.013 -2.092  1.00 68.25 ? 9   ASP A N   1 
ATOM   57   C  CA  . ASP A 1 17 ? -11.819 -11.071 -1.660  1.00 71.12 ? 9   ASP A CA  1 
ATOM   58   C  C   . ASP A 1 17 ? -12.430 -10.659 -0.326  1.00 70.91 ? 9   ASP A C   1 
ATOM   59   O  O   . ASP A 1 17 ? -11.816 -9.911  0.431   1.00 70.22 ? 9   ASP A O   1 
ATOM   60   C  CB  . ASP A 1 17 ? -11.051 -12.367 -1.485  1.00 74.59 ? 9   ASP A CB  1 
ATOM   61   C  CG  . ASP A 1 17 ? -9.808  -12.173 -0.654  1.00 80.92 ? 9   ASP A CG  1 
ATOM   62   O  OD1 . ASP A 1 17 ? -8.829  -11.586 -1.180  1.00 83.10 ? 9   ASP A OD1 1 
ATOM   63   O  OD2 . ASP A 1 17 ? -9.819  -12.585 0.529   1.00 84.43 ? 9   ASP A OD2 1 
ATOM   64   N  N   . PRO A 1 18 ? -13.637 -11.160 -0.012  1.00 71.96 ? 10  PRO A N   1 
ATOM   65   C  CA  . PRO A 1 18 ? -14.365 -10.852 1.230   1.00 71.75 ? 10  PRO A CA  1 
ATOM   66   C  C   . PRO A 1 18 ? -13.565 -10.966 2.533   1.00 70.56 ? 10  PRO A C   1 
ATOM   67   O  O   . PRO A 1 18 ? -13.841 -10.252 3.497   1.00 68.60 ? 10  PRO A O   1 
ATOM   68   C  CB  . PRO A 1 18 ? -15.557 -11.816 1.182   1.00 71.39 ? 10  PRO A CB  1 
ATOM   69   C  CG  . PRO A 1 18 ? -15.019 -12.974 0.404   1.00 71.78 ? 10  PRO A CG  1 
ATOM   70   C  CD  . PRO A 1 18 ? -14.291 -12.275 -0.722  1.00 71.95 ? 10  PRO A CD  1 
ATOM   71   N  N   . ASP A 1 19 ? -12.585 -11.861 2.560   1.00 70.45 ? 11  ASP A N   1 
ATOM   72   C  CA  . ASP A 1 19 ? -11.763 -12.030 3.749   1.00 70.69 ? 11  ASP A CA  1 
ATOM   73   C  C   . ASP A 1 19 ? -10.816 -10.854 3.878   1.00 69.25 ? 11  ASP A C   1 
ATOM   74   O  O   . ASP A 1 19 ? -10.571 -10.358 4.976   1.00 69.26 ? 11  ASP A O   1 
ATOM   75   C  CB  . ASP A 1 19 ? -10.963 -13.323 3.657   1.00 74.30 ? 11  ASP A CB  1 
ATOM   76   C  CG  . ASP A 1 19 ? -11.440 -14.371 4.642   1.00 78.24 ? 11  ASP A CG  1 
ATOM   77   O  OD1 . ASP A 1 19 ? -12.658 -14.363 4.970   1.00 79.54 ? 11  ASP A OD1 1 
ATOM   78   O  OD2 . ASP A 1 19 ? -10.600 -15.200 5.075   1.00 78.46 ? 11  ASP A OD2 1 
ATOM   79   N  N   . PHE A 1 20 ? -10.279 -10.408 2.746   1.00 67.02 ? 12  PHE A N   1 
ATOM   80   C  CA  . PHE A 1 20 ? -9.372  -9.270  2.736   1.00 63.67 ? 12  PHE A CA  1 
ATOM   81   C  C   . PHE A 1 20 ? -10.113 -7.966  2.983   1.00 62.39 ? 12  PHE A C   1 
ATOM   82   O  O   . PHE A 1 20 ? -9.605  -7.072  3.645   1.00 63.16 ? 12  PHE A O   1 
ATOM   83   C  CB  . PHE A 1 20 ? -8.647  -9.189  1.398   1.00 61.35 ? 12  PHE A CB  1 
ATOM   84   C  CG  . PHE A 1 20 ? -7.817  -7.947  1.226   1.00 59.46 ? 12  PHE A CG  1 
ATOM   85   C  CD1 . PHE A 1 20 ? -8.388  -6.762  0.766   1.00 59.74 ? 12  PHE A CD1 1 
ATOM   86   C  CD2 . PHE A 1 20 ? -6.458  -7.963  1.507   1.00 58.70 ? 12  PHE A CD2 1 
ATOM   87   C  CE1 . PHE A 1 20 ? -7.612  -5.609  0.589   1.00 59.28 ? 12  PHE A CE1 1 
ATOM   88   C  CE2 . PHE A 1 20 ? -5.676  -6.813  1.332   1.00 59.89 ? 12  PHE A CE2 1 
ATOM   89   C  CZ  . PHE A 1 20 ? -6.256  -5.637  0.872   1.00 58.34 ? 12  PHE A CZ  1 
ATOM   90   N  N   . THR A 1 21 ? -11.327 -7.873  2.462   1.00 60.89 ? 13  THR A N   1 
ATOM   91   C  CA  . THR A 1 21 ? -12.107 -6.660  2.586   1.00 60.72 ? 13  THR A CA  1 
ATOM   92   C  C   . THR A 1 21 ? -12.975 -6.538  3.828   1.00 60.75 ? 13  THR A C   1 
ATOM   93   O  O   . THR A 1 21 ? -13.658 -5.524  4.001   1.00 62.57 ? 13  THR A O   1 
ATOM   94   C  CB  . THR A 1 21 ? -12.995 -6.473  1.332   1.00 60.06 ? 13  THR A CB  1 
ATOM   95   O  OG1 . THR A 1 21 ? -13.971 -7.519  1.270   1.00 61.25 ? 13  THR A OG1 1 
ATOM   96   C  CG2 . THR A 1 21 ? -12.150 -6.525  0.070   1.00 57.65 ? 13  THR A CG2 1 
ATOM   97   N  N   . ILE A 1 22 ? -12.948 -7.542  4.700   1.00 60.69 ? 14  ILE A N   1 
ATOM   98   C  CA  . ILE A 1 22 ? -13.777 -7.509  5.911   1.00 59.91 ? 14  ILE A CA  1 
ATOM   99   C  C   . ILE A 1 22 ? -13.242 -6.575  6.999   1.00 58.59 ? 14  ILE A C   1 
ATOM   100  O  O   . ILE A 1 22 ? -14.010 -5.860  7.635   1.00 56.46 ? 14  ILE A O   1 
ATOM   101  C  CB  . ILE A 1 22 ? -13.966 -8.935  6.506   1.00 60.29 ? 14  ILE A CB  1 
ATOM   102  C  CG1 . ILE A 1 22 ? -14.928 -8.889  7.694   1.00 62.12 ? 14  ILE A CG1 1 
ATOM   103  C  CG2 . ILE A 1 22 ? -12.638 -9.506  6.938   1.00 61.79 ? 14  ILE A CG2 1 
ATOM   104  C  CD1 . ILE A 1 22 ? -16.367 -8.543  7.322   1.00 62.89 ? 14  ILE A CD1 1 
ATOM   105  N  N   . GLY A 1 23 ? -11.928 -6.586  7.214   1.00 59.46 ? 15  GLY A N   1 
ATOM   106  C  CA  . GLY A 1 23 ? -11.341 -5.722  8.224   1.00 59.29 ? 15  GLY A CA  1 
ATOM   107  C  C   . GLY A 1 23 ? -11.532 -4.250  7.888   1.00 60.26 ? 15  GLY A C   1 
ATOM   108  O  O   . GLY A 1 23 ? -11.439 -3.387  8.769   1.00 59.55 ? 15  GLY A O   1 
ATOM   109  N  N   . PHE A 1 24 ? -11.800 -3.968  6.614   1.00 59.53 ? 16  PHE A N   1 
ATOM   110  C  CA  . PHE A 1 24 ? -11.996 -2.604  6.146   1.00 59.59 ? 16  PHE A CA  1 
ATOM   111  C  C   . PHE A 1 24 ? -13.428 -2.150  6.349   1.00 60.22 ? 16  PHE A C   1 
ATOM   112  O  O   . PHE A 1 24 ? -13.681 -1.004  6.722   1.00 58.69 ? 16  PHE A O   1 
ATOM   113  C  CB  . PHE A 1 24 ? -11.627 -2.491  4.668   1.00 59.06 ? 16  PHE A CB  1 
ATOM   114  C  CG  . PHE A 1 24 ? -10.168 -2.720  4.388   1.00 57.73 ? 16  PHE A CG  1 
ATOM   115  C  CD1 . PHE A 1 24 ? -9.742  -3.870  3.748   1.00 56.68 ? 16  PHE A CD1 1 
ATOM   116  C  CD2 . PHE A 1 24 ? -9.217  -1.784  4.779   1.00 58.67 ? 16  PHE A CD2 1 
ATOM   117  C  CE1 . PHE A 1 24 ? -8.387  -4.085  3.503   1.00 56.28 ? 16  PHE A CE1 1 
ATOM   118  C  CE2 . PHE A 1 24 ? -7.862  -1.995  4.537   1.00 56.68 ? 16  PHE A CE2 1 
ATOM   119  C  CZ  . PHE A 1 24 ? -7.451  -3.145  3.900   1.00 55.49 ? 16  PHE A CZ  1 
HETATM 120  N  N   . MSE A 1 25 ? -14.368 -3.048  6.090   1.00 60.98 ? 17  MSE A N   1 
HETATM 121  C  CA  . MSE A 1 25 ? -15.766 -2.714  6.274   1.00 60.81 ? 17  MSE A CA  1 
HETATM 122  C  C   . MSE A 1 25 ? -16.048 -2.511  7.757   1.00 59.56 ? 17  MSE A C   1 
HETATM 123  O  O   . MSE A 1 25 ? -16.822 -1.635  8.141   1.00 60.11 ? 17  MSE A O   1 
HETATM 124  C  CB  . MSE A 1 25 ? -16.650 -3.828  5.739   1.00 63.92 ? 17  MSE A CB  1 
HETATM 125  C  CG  . MSE A 1 25 ? -16.518 -4.061  4.259   1.00 69.41 ? 17  MSE A CG  1 
HETATM 126  SE SE  . MSE A 1 25 ? -17.908 -5.252  3.656   1.00 82.72 ? 17  MSE A SE  1 
HETATM 127  C  CE  . MSE A 1 25 ? -17.055 -6.946  4.035   1.00 76.93 ? 17  MSE A CE  1 
ATOM   128  N  N   . LEU A 1 26 ? -15.417 -3.328  8.591   1.00 57.78 ? 18  LEU A N   1 
ATOM   129  C  CA  . LEU A 1 26 ? -15.618 -3.224  10.023  1.00 57.29 ? 18  LEU A CA  1 
ATOM   130  C  C   . LEU A 1 26 ? -15.046 -1.915  10.520  1.00 56.31 ? 18  LEU A C   1 
ATOM   131  O  O   . LEU A 1 26 ? -15.529 -1.355  11.509  1.00 56.00 ? 18  LEU A O   1 
ATOM   132  C  CB  . LEU A 1 26 ? -14.962 -4.407  10.745  1.00 57.18 ? 18  LEU A CB  1 
ATOM   133  C  CG  . LEU A 1 26 ? -15.708 -5.731  10.554  1.00 58.05 ? 18  LEU A CG  1 
ATOM   134  C  CD1 . LEU A 1 26 ? -14.996 -6.851  11.287  1.00 58.56 ? 18  LEU A CD1 1 
ATOM   135  C  CD2 . LEU A 1 26 ? -17.134 -5.579  11.071  1.00 56.67 ? 18  LEU A CD2 1 
ATOM   136  N  N   . ALA A 1 27 ? -14.026 -1.422  9.820   1.00 55.55 ? 19  ALA A N   1 
ATOM   137  C  CA  . ALA A 1 27 ? -13.393 -0.160  10.193  1.00 55.44 ? 19  ALA A CA  1 
ATOM   138  C  C   . ALA A 1 27 ? -14.083 1.048   9.567   1.00 54.92 ? 19  ALA A C   1 
ATOM   139  O  O   . ALA A 1 27 ? -13.529 2.140   9.562   1.00 53.08 ? 19  ALA A O   1 
ATOM   140  C  CB  . ALA A 1 27 ? -11.923 -0.168  9.811   1.00 55.30 ? 19  ALA A CB  1 
ATOM   141  N  N   . GLY A 1 28 ? -15.283 0.842   9.027   1.00 55.71 ? 20  GLY A N   1 
ATOM   142  C  CA  . GLY A 1 28 ? -16.033 1.940   8.439   1.00 56.10 ? 20  GLY A CA  1 
ATOM   143  C  C   . GLY A 1 28 ? -15.985 2.109   6.931   1.00 56.96 ? 20  GLY A C   1 
ATOM   144  O  O   . GLY A 1 28 ? -16.894 2.702   6.341   1.00 57.19 ? 20  GLY A O   1 
ATOM   145  N  N   . ILE A 1 29 ? -14.934 1.601   6.297   1.00 57.56 ? 21  ILE A N   1 
ATOM   146  C  CA  . ILE A 1 29 ? -14.798 1.723   4.847   1.00 58.49 ? 21  ILE A CA  1 
ATOM   147  C  C   . ILE A 1 29 ? -15.935 0.974   4.148   1.00 59.55 ? 21  ILE A C   1 
ATOM   148  O  O   . ILE A 1 29 ? -16.180 -0.201  4.424   1.00 61.88 ? 21  ILE A O   1 
ATOM   149  C  CB  . ILE A 1 29 ? -13.431 1.186   4.405   1.00 57.49 ? 21  ILE A CB  1 
ATOM   150  C  CG1 . ILE A 1 29 ? -12.336 1.983   5.123   1.00 55.09 ? 21  ILE A CG1 1 
ATOM   151  C  CG2 . ILE A 1 29 ? -13.291 1.290   2.896   1.00 56.02 ? 21  ILE A CG2 1 
ATOM   152  C  CD1 . ILE A 1 29 ? -10.940 1.422   4.995   1.00 55.39 ? 21  ILE A CD1 1 
ATOM   153  N  N   . SER A 1 30 ? -16.637 1.650   3.246   1.00 58.45 ? 22  SER A N   1 
ATOM   154  C  CA  . SER A 1 30 ? -17.760 1.006   2.584   1.00 58.58 ? 22  SER A CA  1 
ATOM   155  C  C   . SER A 1 30 ? -17.759 1.103   1.083   1.00 58.73 ? 22  SER A C   1 
ATOM   156  O  O   . SER A 1 30 ? -18.801 0.973   0.453   1.00 57.96 ? 22  SER A O   1 
ATOM   157  C  CB  . SER A 1 30 ? -19.070 1.573   3.117   1.00 59.76 ? 22  SER A CB  1 
ATOM   158  O  OG  . SER A 1 30 ? -19.139 2.967   2.905   1.00 60.20 ? 22  SER A OG  1 
ATOM   159  N  N   . ASP A 1 31 ? -16.588 1.338   0.514   1.00 60.70 ? 23  ASP A N   1 
ATOM   160  C  CA  . ASP A 1 31 ? -16.455 1.429   -0.928  1.00 62.50 ? 23  ASP A CA  1 
ATOM   161  C  C   . ASP A 1 31 ? -15.644 0.221   -1.355  1.00 63.33 ? 23  ASP A C   1 
ATOM   162  O  O   . ASP A 1 31 ? -14.530 0.345   -1.879  1.00 63.10 ? 23  ASP A O   1 
ATOM   163  C  CB  . ASP A 1 31 ? -15.725 2.708   -1.311  1.00 64.29 ? 23  ASP A CB  1 
ATOM   164  C  CG  . ASP A 1 31 ? -16.050 3.148   -2.708  1.00 65.56 ? 23  ASP A CG  1 
ATOM   165  O  OD1 . ASP A 1 31 ? -16.072 2.281   -3.604  1.00 67.06 ? 23  ASP A OD1 1 
ATOM   166  O  OD2 . ASP A 1 31 ? -16.287 4.355   -2.912  1.00 68.91 ? 23  ASP A OD2 1 
ATOM   167  N  N   . ILE A 1 32 ? -16.216 -0.954  -1.118  1.00 65.07 ? 24  ILE A N   1 
ATOM   168  C  CA  . ILE A 1 32 ? -15.546 -2.210  -1.434  1.00 65.79 ? 24  ILE A CA  1 
ATOM   169  C  C   . ILE A 1 32 ? -15.955 -2.854  -2.749  1.00 66.70 ? 24  ILE A C   1 
ATOM   170  O  O   . ILE A 1 32 ? -17.111 -2.775  -3.170  1.00 69.33 ? 24  ILE A O   1 
ATOM   171  C  CB  . ILE A 1 32 ? -15.775 -3.237  -0.316  1.00 63.91 ? 24  ILE A CB  1 
ATOM   172  C  CG1 . ILE A 1 32 ? -15.066 -2.773  0.953   1.00 64.70 ? 24  ILE A CG1 1 
ATOM   173  C  CG2 . ILE A 1 32 ? -15.299 -4.603  -0.751  1.00 61.57 ? 24  ILE A CG2 1 
ATOM   174  C  CD1 . ILE A 1 32 ? -15.788 -1.662  1.674   1.00 65.51 ? 24  ILE A CD1 1 
ATOM   175  N  N   . TYR A 1 33 ? -14.980 -3.479  -3.398  1.00 65.62 ? 25  TYR A N   1 
ATOM   176  C  CA  . TYR A 1 33 ? -15.199 -4.192  -4.641  1.00 64.93 ? 25  TYR A CA  1 
ATOM   177  C  C   . TYR A 1 33 ? -14.824 -5.616  -4.287  1.00 66.16 ? 25  TYR A C   1 
ATOM   178  O  O   . TYR A 1 33 ? -13.637 -5.940  -4.263  1.00 64.22 ? 25  TYR A O   1 
ATOM   179  C  CB  . TYR A 1 33 ? -14.262 -3.687  -5.727  1.00 64.72 ? 25  TYR A CB  1 
ATOM   180  C  CG  . TYR A 1 33 ? -14.684 -2.396  -6.379  1.00 66.30 ? 25  TYR A CG  1 
ATOM   181  C  CD1 . TYR A 1 33 ? -15.394 -2.397  -7.583  1.00 64.82 ? 25  TYR A CD1 1 
ATOM   182  C  CD2 . TYR A 1 33 ? -14.353 -1.165  -5.809  1.00 66.93 ? 25  TYR A CD2 1 
ATOM   183  C  CE1 . TYR A 1 33 ? -15.759 -1.199  -8.204  1.00 64.18 ? 25  TYR A CE1 1 
ATOM   184  C  CE2 . TYR A 1 33 ? -14.715 0.039   -6.422  1.00 65.78 ? 25  TYR A CE2 1 
ATOM   185  C  CZ  . TYR A 1 33 ? -15.417 0.014   -7.618  1.00 64.31 ? 25  TYR A CZ  1 
ATOM   186  O  OH  . TYR A 1 33 ? -15.787 1.200   -8.208  1.00 62.16 ? 25  TYR A OH  1 
ATOM   187  N  N   . GLU A 1 34 ? -15.824 -6.451  -3.984  1.00 69.79 ? 26  GLU A N   1 
ATOM   188  C  CA  . GLU A 1 34 ? -15.578 -7.854  -3.624  1.00 72.57 ? 26  GLU A CA  1 
ATOM   189  C  C   . GLU A 1 34 ? -15.298 -8.665  -4.867  1.00 72.52 ? 26  GLU A C   1 
ATOM   190  O  O   . GLU A 1 34 ? -16.187 -8.951  -5.663  1.00 71.81 ? 26  GLU A O   1 
ATOM   191  C  CB  . GLU A 1 34 ? -16.760 -8.452  -2.859  1.00 74.13 ? 26  GLU A CB  1 
ATOM   192  C  CG  . GLU A 1 34 ? -16.473 -8.646  -1.376  1.00 78.76 ? 26  GLU A CG  1 
ATOM   193  C  CD  . GLU A 1 34 ? -17.455 -7.896  -0.491  1.00 82.71 ? 26  GLU A CD  1 
ATOM   194  O  OE1 . GLU A 1 34 ? -17.694 -6.696  -0.749  1.00 83.70 ? 26  GLU A OE1 1 
ATOM   195  O  OE2 . GLU A 1 34 ? -17.983 -8.501  0.469   1.00 85.94 ? 26  GLU A OE2 1 
ATOM   196  N  N   . VAL A 1 35 ? -14.038 -9.039  -5.014  1.00 73.82 ? 27  VAL A N   1 
ATOM   197  C  CA  . VAL A 1 35 ? -13.596 -9.773  -6.173  1.00 76.34 ? 27  VAL A CA  1 
ATOM   198  C  C   . VAL A 1 35 ? -12.912 -11.083 -5.809  1.00 77.57 ? 27  VAL A C   1 
ATOM   199  O  O   . VAL A 1 35 ? -12.287 -11.206 -4.763  1.00 78.29 ? 27  VAL A O   1 
ATOM   200  C  CB  . VAL A 1 35 ? -12.627 -8.912  -6.997  1.00 76.47 ? 27  VAL A CB  1 
ATOM   201  C  CG1 . VAL A 1 35 ? -11.303 -8.752  -6.257  1.00 76.09 ? 27  VAL A CG1 1 
ATOM   202  C  CG2 . VAL A 1 35 ? -12.415 -9.533  -8.341  1.00 78.54 ? 27  VAL A CG2 1 
ATOM   203  N  N   . THR A 1 36 ? -13.037 -12.061 -6.694  1.00 79.21 ? 28  THR A N   1 
ATOM   204  C  CA  . THR A 1 36 ? -12.441 -13.362 -6.479  1.00 80.60 ? 28  THR A CA  1 
ATOM   205  C  C   . THR A 1 36 ? -11.773 -13.830 -7.772  1.00 81.70 ? 28  THR A C   1 
ATOM   206  O  O   . THR A 1 36 ? -10.543 -13.943 -7.849  1.00 81.19 ? 28  THR A O   1 
ATOM   207  C  CB  . THR A 1 36 ? -13.519 -14.387 -6.054  1.00 80.87 ? 28  THR A CB  1 
ATOM   208  O  OG1 . THR A 1 36 ? -14.515 -14.491 -7.079  1.00 80.97 ? 28  THR A OG1 1 
ATOM   209  C  CG2 . THR A 1 36 ? -14.191 -13.945 -4.765  1.00 80.33 ? 28  THR A CG2 1 
ATOM   210  N  N   . SER A 1 37 ? -12.591 -14.075 -8.791  1.00 81.94 ? 29  SER A N   1 
ATOM   211  C  CA  . SER A 1 37 ? -12.087 -14.552 -10.066 1.00 81.90 ? 29  SER A CA  1 
ATOM   212  C  C   . SER A 1 37 ? -11.305 -13.521 -10.861 1.00 82.07 ? 29  SER A C   1 
ATOM   213  O  O   . SER A 1 37 ? -11.741 -12.385 -11.041 1.00 81.19 ? 29  SER A O   1 
ATOM   214  C  CB  . SER A 1 37 ? -13.237 -15.073 -10.917 1.00 81.46 ? 29  SER A CB  1 
ATOM   215  O  OG  . SER A 1 37 ? -14.140 -14.030 -11.198 1.00 81.28 ? 29  SER A OG  1 
ATOM   216  N  N   . ASP A 1 38 ? -10.139 -13.960 -11.327 1.00 82.49 ? 30  ASP A N   1 
ATOM   217  C  CA  . ASP A 1 38 ? -9.204  -13.190 -12.141 1.00 82.35 ? 30  ASP A CA  1 
ATOM   218  C  C   . ASP A 1 38 ? -9.930  -12.190 -13.063 1.00 81.06 ? 30  ASP A C   1 
ATOM   219  O  O   . ASP A 1 38 ? -9.471  -11.077 -13.310 1.00 79.69 ? 30  ASP A O   1 
ATOM   220  C  CB  . ASP A 1 38 ? -8.408  -14.193 -12.977 1.00 84.52 ? 30  ASP A CB  1 
ATOM   221  C  CG  . ASP A 1 38 ? -7.072  -13.665 -13.418 1.00 87.19 ? 30  ASP A CG  1 
ATOM   222  O  OD1 . ASP A 1 38 ? -7.020  -12.543 -13.964 1.00 90.29 ? 30  ASP A OD1 1 
ATOM   223  O  OD2 . ASP A 1 38 ? -6.069  -14.387 -13.230 1.00 87.73 ? 30  ASP A OD2 1 
ATOM   224  N  N   . GLU A 1 39 ? -11.073 -12.619 -13.574 1.00 81.16 ? 31  GLU A N   1 
ATOM   225  C  CA  . GLU A 1 39 ? -11.897 -11.816 -14.464 1.00 80.42 ? 31  GLU A CA  1 
ATOM   226  C  C   . GLU A 1 39 ? -12.497 -10.609 -13.733 1.00 78.56 ? 31  GLU A C   1 
ATOM   227  O  O   . GLU A 1 39 ? -12.318 -9.465  -14.152 1.00 78.49 ? 31  GLU A O   1 
ATOM   228  C  CB  . GLU A 1 39 ? -13.003 -12.716 -15.028 1.00 83.06 ? 31  GLU A CB  1 
ATOM   229  C  CG  . GLU A 1 39 ? -13.639 -13.593 -13.943 1.00 86.12 ? 31  GLU A CG  1 
ATOM   230  C  CD  . GLU A 1 39 ? -14.344 -14.829 -14.474 1.00 87.44 ? 31  GLU A CD  1 
ATOM   231  O  OE1 . GLU A 1 39 ? -13.687 -15.639 -15.163 1.00 88.78 ? 31  GLU A OE1 1 
ATOM   232  O  OE2 . GLU A 1 39 ? -15.550 -15.001 -14.186 1.00 86.96 ? 31  GLU A OE2 1 
ATOM   233  N  N   . GLU A 1 40 ? -13.208 -10.871 -12.641 1.00 76.47 ? 32  GLU A N   1 
ATOM   234  C  CA  . GLU A 1 40 ? -13.840 -9.815  -11.852 1.00 74.26 ? 32  GLU A CA  1 
ATOM   235  C  C   . GLU A 1 40 ? -12.837 -8.772  -11.365 1.00 72.23 ? 32  GLU A C   1 
ATOM   236  O  O   . GLU A 1 40 ? -13.182 -7.616  -11.147 1.00 71.95 ? 32  GLU A O   1 
ATOM   237  C  CB  . GLU A 1 40 ? -14.525 -10.413 -10.632 1.00 74.29 ? 32  GLU A CB  1 
ATOM   238  C  CG  . GLU A 1 40 ? -15.510 -11.507 -10.912 1.00 75.56 ? 32  GLU A CG  1 
ATOM   239  C  CD  . GLU A 1 40 ? -15.956 -12.186 -9.634  1.00 77.96 ? 32  GLU A CD  1 
ATOM   240  O  OE1 . GLU A 1 40 ? -15.107 -12.850 -8.996  1.00 77.58 ? 32  GLU A OE1 1 
ATOM   241  O  OE2 . GLU A 1 40 ? -17.145 -12.047 -9.259  1.00 78.32 ? 32  GLU A OE2 1 
ATOM   242  N  N   . ILE A 1 41 ? -11.598 -9.200  -11.161 1.00 69.71 ? 33  ILE A N   1 
ATOM   243  C  CA  . ILE A 1 41 ? -10.544 -8.315  -10.696 1.00 66.66 ? 33  ILE A CA  1 
ATOM   244  C  C   . ILE A 1 41 ? -10.338 -7.191  -11.699 1.00 67.84 ? 33  ILE A C   1 
ATOM   245  O  O   . ILE A 1 41 ? -10.460 -6.007  -11.363 1.00 67.93 ? 33  ILE A O   1 
ATOM   246  C  CB  . ILE A 1 41 ? -9.217  -9.094  -10.523 1.00 63.45 ? 33  ILE A CB  1 
ATOM   247  C  CG1 . ILE A 1 41 ? -9.324  -10.018 -9.312  1.00 60.70 ? 33  ILE A CG1 1 
ATOM   248  C  CG2 . ILE A 1 41 ? -8.054  -8.133  -10.392 1.00 61.44 ? 33  ILE A CG2 1 
ATOM   249  C  CD1 . ILE A 1 41 ? -8.182  -10.988 -9.162  1.00 60.39 ? 33  ILE A CD1 1 
ATOM   250  N  N   . VAL A 1 42 ? -10.036 -7.577  -12.933 1.00 67.65 ? 34  VAL A N   1 
ATOM   251  C  CA  . VAL A 1 42 ? -9.793  -6.619  -13.992 1.00 66.18 ? 34  VAL A CA  1 
ATOM   252  C  C   . VAL A 1 42 ? -10.994 -5.707  -14.192 1.00 65.26 ? 34  VAL A C   1 
ATOM   253  O  O   . VAL A 1 42 ? -10.827 -4.522  -14.447 1.00 66.62 ? 34  VAL A O   1 
ATOM   254  C  CB  . VAL A 1 42 ? -9.451  -7.329  -15.318 1.00 66.12 ? 34  VAL A CB  1 
ATOM   255  C  CG1 . VAL A 1 42 ? -8.875  -6.326  -16.304 1.00 65.41 ? 34  VAL A CG1 1 
ATOM   256  C  CG2 . VAL A 1 42 ? -8.457  -8.466  -15.063 1.00 66.31 ? 34  VAL A CG2 1 
ATOM   257  N  N   . LYS A 1 43 ? -12.205 -6.227  -14.071 1.00 63.47 ? 35  LYS A N   1 
ATOM   258  C  CA  . LYS A 1 43 ? -13.347 -5.346  -14.249 1.00 64.03 ? 35  LYS A CA  1 
ATOM   259  C  C   . LYS A 1 43 ? -13.356 -4.288  -13.146 1.00 63.59 ? 35  LYS A C   1 
ATOM   260  O  O   . LYS A 1 43 ? -13.430 -3.091  -13.418 1.00 63.39 ? 35  LYS A O   1 
ATOM   261  C  CB  . LYS A 1 43 ? -14.655 -6.133  -14.223 1.00 65.81 ? 35  LYS A CB  1 
ATOM   262  C  CG  . LYS A 1 43 ? -15.890 -5.289  -14.569 1.00 67.48 ? 35  LYS A CG  1 
ATOM   263  C  CD  . LYS A 1 43 ? -17.190 -6.061  -14.354 1.00 67.37 ? 35  LYS A CD  1 
ATOM   264  C  CE  . LYS A 1 43 ? -18.388 -5.132  -14.373 1.00 65.70 ? 35  LYS A CE  1 
ATOM   265  N  NZ  . LYS A 1 43 ? -19.593 -5.819  -13.847 1.00 66.78 ? 35  LYS A NZ  1 
ATOM   266  N  N   . ALA A 1 44 ? -13.268 -4.738  -11.898 1.00 64.22 ? 36  ALA A N   1 
ATOM   267  C  CA  . ALA A 1 44 ? -13.261 -3.850  -10.739 1.00 62.83 ? 36  ALA A CA  1 
ATOM   268  C  C   . ALA A 1 44 ? -12.283 -2.718  -10.951 1.00 61.89 ? 36  ALA A C   1 
ATOM   269  O  O   . ALA A 1 44 ? -12.645 -1.549  -10.845 1.00 63.53 ? 36  ALA A O   1 
ATOM   270  C  CB  . ALA A 1 44 ? -12.886 -4.624  -9.483  1.00 61.64 ? 36  ALA A CB  1 
ATOM   271  N  N   . VAL A 1 45 ? -11.038 -3.061  -11.249 1.00 60.42 ? 37  VAL A N   1 
ATOM   272  C  CA  . VAL A 1 45 ? -10.032 -2.042  -11.471 1.00 61.02 ? 37  VAL A CA  1 
ATOM   273  C  C   . VAL A 1 45 ? -10.459 -1.091  -12.594 1.00 63.03 ? 37  VAL A C   1 
ATOM   274  O  O   . VAL A 1 45 ? -10.199 0.112   -12.541 1.00 62.87 ? 37  VAL A O   1 
ATOM   275  C  CB  . VAL A 1 45 ? -8.702  -2.677  -11.819 1.00 58.50 ? 37  VAL A CB  1 
ATOM   276  C  CG1 . VAL A 1 45 ? -7.628  -1.632  -11.854 1.00 58.79 ? 37  VAL A CG1 1 
ATOM   277  C  CG2 . VAL A 1 45 ? -8.378  -3.728  -10.807 1.00 58.43 ? 37  VAL A CG2 1 
ATOM   278  N  N   . GLU A 1 46 ? -11.124 -1.628  -13.610 1.00 64.35 ? 38  GLU A N   1 
ATOM   279  C  CA  . GLU A 1 46 ? -11.574 -0.799  -14.706 1.00 66.07 ? 38  GLU A CA  1 
ATOM   280  C  C   . GLU A 1 46 ? -12.679 0.122   -14.228 1.00 67.42 ? 38  GLU A C   1 
ATOM   281  O  O   . GLU A 1 46 ? -12.671 1.316   -14.541 1.00 70.22 ? 38  GLU A O   1 
ATOM   282  C  CB  . GLU A 1 46 ? -12.087 -1.657  -15.855 1.00 67.22 ? 38  GLU A CB  1 
ATOM   283  C  CG  . GLU A 1 46 ? -11.005 -2.370  -16.643 1.00 68.46 ? 38  GLU A CG  1 
ATOM   284  C  CD  . GLU A 1 46 ? -11.589 -3.334  -17.664 1.00 70.00 ? 38  GLU A CD  1 
ATOM   285  O  OE1 . GLU A 1 46 ? -12.376 -4.221  -17.255 1.00 69.26 ? 38  GLU A OE1 1 
ATOM   286  O  OE2 . GLU A 1 46 ? -11.267 -3.206  -18.868 1.00 70.11 ? 38  GLU A OE2 1 
ATOM   287  N  N   . ASP A 1 47 ? -13.626 -0.419  -13.463 1.00 67.27 ? 39  ASP A N   1 
ATOM   288  C  CA  . ASP A 1 47 ? -14.737 0.394   -12.967 1.00 67.16 ? 39  ASP A CA  1 
ATOM   289  C  C   . ASP A 1 47 ? -14.220 1.519   -12.104 1.00 65.37 ? 39  ASP A C   1 
ATOM   290  O  O   . ASP A 1 47 ? -14.580 2.678   -12.291 1.00 64.73 ? 39  ASP A O   1 
ATOM   291  C  CB  . ASP A 1 47 ? -15.714 -0.435  -12.134 1.00 70.11 ? 39  ASP A CB  1 
ATOM   292  C  CG  . ASP A 1 47 ? -16.104 -1.735  -12.807 1.00 75.84 ? 39  ASP A CG  1 
ATOM   293  O  OD1 . ASP A 1 47 ? -16.473 -1.701  -14.016 1.00 76.43 ? 39  ASP A OD1 1 
ATOM   294  O  OD2 . ASP A 1 47 ? -16.044 -2.788  -12.114 1.00 76.49 ? 39  ASP A OD2 1 
ATOM   295  N  N   . VAL A 1 48 ? -13.363 1.176   -11.158 1.00 64.20 ? 40  VAL A N   1 
ATOM   296  C  CA  . VAL A 1 48 ? -12.821 2.177   -10.260 1.00 64.32 ? 40  VAL A CA  1 
ATOM   297  C  C   . VAL A 1 48 ? -12.044 3.263   -11.013 1.00 64.17 ? 40  VAL A C   1 
ATOM   298  O  O   . VAL A 1 48 ? -12.024 4.420   -10.595 1.00 65.47 ? 40  VAL A O   1 
ATOM   299  C  CB  . VAL A 1 48 ? -11.932 1.520   -9.190  1.00 62.89 ? 40  VAL A CB  1 
ATOM   300  C  CG1 . VAL A 1 48 ? -10.646 1.065   -9.797  1.00 63.02 ? 40  VAL A CG1 1 
ATOM   301  C  CG2 . VAL A 1 48 ? -11.684 2.480   -8.073  1.00 63.81 ? 40  VAL A CG2 1 
ATOM   302  N  N   . LEU A 1 49 ? -11.413 2.895   -12.123 1.00 63.53 ? 41  LEU A N   1 
ATOM   303  C  CA  . LEU A 1 49 ? -10.663 3.865   -12.916 1.00 62.08 ? 41  LEU A CA  1 
ATOM   304  C  C   . LEU A 1 49 ? -11.619 4.662   -13.778 1.00 61.88 ? 41  LEU A C   1 
ATOM   305  O  O   . LEU A 1 49 ? -11.249 5.679   -14.355 1.00 62.04 ? 41  LEU A O   1 
ATOM   306  C  CB  . LEU A 1 49 ? -9.653  3.171   -13.828 1.00 61.32 ? 41  LEU A CB  1 
ATOM   307  C  CG  . LEU A 1 49 ? -8.313  2.720   -13.252 1.00 61.13 ? 41  LEU A CG  1 
ATOM   308  C  CD1 . LEU A 1 49 ? -7.446  2.145   -14.370 1.00 59.41 ? 41  LEU A CD1 1 
ATOM   309  C  CD2 . LEU A 1 49 ? -7.624  3.903   -12.596 1.00 59.87 ? 41  LEU A CD2 1 
ATOM   310  N  N   . LYS A 1 50 ? -12.855 4.190   -13.860 1.00 62.33 ? 42  LYS A N   1 
ATOM   311  C  CA  . LYS A 1 50 ? -13.867 4.851   -14.667 1.00 62.59 ? 42  LYS A CA  1 
ATOM   312  C  C   . LYS A 1 50 ? -14.633 5.892   -13.857 1.00 62.63 ? 42  LYS A C   1 
ATOM   313  O  O   . LYS A 1 50 ? -15.324 6.736   -14.424 1.00 62.89 ? 42  LYS A O   1 
ATOM   314  C  CB  . LYS A 1 50 ? -14.835 3.806   -15.223 1.00 63.46 ? 42  LYS A CB  1 
ATOM   315  C  CG  . LYS A 1 50 ? -15.524 4.213   -16.522 1.00 64.61 ? 42  LYS A CG  1 
ATOM   316  C  CD  . LYS A 1 50 ? -16.582 3.196   -16.945 1.00 64.65 ? 42  LYS A CD  1 
ATOM   317  C  CE  . LYS A 1 50 ? -15.999 1.809   -17.134 1.00 62.82 ? 42  LYS A CE  1 
ATOM   318  N  NZ  . LYS A 1 50 ? -17.077 0.792   -17.043 1.00 61.73 ? 42  LYS A NZ  1 
ATOM   319  N  N   . ARG A 1 51 ? -14.506 5.822   -12.534 1.00 62.93 ? 43  ARG A N   1 
ATOM   320  C  CA  . ARG A 1 51 ? -15.187 6.753   -11.632 1.00 63.80 ? 43  ARG A CA  1 
ATOM   321  C  C   . ARG A 1 51 ? -14.446 8.086   -11.575 1.00 65.13 ? 43  ARG A C   1 
ATOM   322  O  O   . ARG A 1 51 ? -13.329 8.199   -12.093 1.00 66.43 ? 43  ARG A O   1 
ATOM   323  C  CB  . ARG A 1 51 ? -15.287 6.145   -10.233 1.00 62.35 ? 43  ARG A CB  1 
ATOM   324  C  CG  . ARG A 1 51 ? -16.036 4.834   -10.215 1.00 62.18 ? 43  ARG A CG  1 
ATOM   325  C  CD  . ARG A 1 51 ? -16.072 4.226   -8.841  1.00 62.68 ? 43  ARG A CD  1 
ATOM   326  N  NE  . ARG A 1 51 ? -16.601 5.153   -7.845  1.00 63.63 ? 43  ARG A NE  1 
ATOM   327  C  CZ  . ARG A 1 51 ? -16.625 4.914   -6.537  1.00 61.48 ? 43  ARG A CZ  1 
ATOM   328  N  NH1 . ARG A 1 51 ? -16.151 3.772   -6.061  1.00 59.99 ? 43  ARG A NH1 1 
ATOM   329  N  NH2 . ARG A 1 51 ? -17.119 5.818   -5.706  1.00 61.22 ? 43  ARG A NH2 1 
ATOM   330  N  N   . ASP A 1 52 ? -15.063 9.087   -10.944 1.00 65.11 ? 44  ASP A N   1 
ATOM   331  C  CA  . ASP A 1 52 ? -14.465 10.420  -10.846 1.00 65.08 ? 44  ASP A CA  1 
ATOM   332  C  C   . ASP A 1 52 ? -14.327 10.895  -9.405  1.00 63.21 ? 44  ASP A C   1 
ATOM   333  O  O   . ASP A 1 52 ? -13.854 12.001  -9.159  1.00 62.68 ? 44  ASP A O   1 
ATOM   334  C  CB  . ASP A 1 52 ? -15.325 11.437  -11.593 1.00 67.63 ? 44  ASP A CB  1 
ATOM   335  C  CG  . ASP A 1 52 ? -16.573 11.821  -10.809 1.00 72.39 ? 44  ASP A CG  1 
ATOM   336  O  OD1 . ASP A 1 52 ? -17.276 10.903  -10.327 1.00 72.98 ? 44  ASP A OD1 1 
ATOM   337  O  OD2 . ASP A 1 52 ? -16.851 13.037  -10.670 1.00 74.17 ? 44  ASP A OD2 1 
ATOM   338  N  N   . ASP A 1 53 ? -14.742 10.061  -8.460  1.00 61.34 ? 45  ASP A N   1 
ATOM   339  C  CA  . ASP A 1 53 ? -14.693 10.421  -7.045  1.00 60.00 ? 45  ASP A CA  1 
ATOM   340  C  C   . ASP A 1 53 ? -13.849 9.477   -6.200  1.00 58.92 ? 45  ASP A C   1 
ATOM   341  O  O   . ASP A 1 53 ? -14.115 9.306   -5.003  1.00 58.52 ? 45  ASP A O   1 
ATOM   342  C  CB  . ASP A 1 53 ? -16.103 10.429  -6.490  1.00 58.88 ? 45  ASP A CB  1 
ATOM   343  C  CG  . ASP A 1 53 ? -16.756 9.076   -6.594  1.00 59.48 ? 45  ASP A CG  1 
ATOM   344  O  OD1 . ASP A 1 53 ? -16.314 8.267   -7.438  1.00 58.89 ? 45  ASP A OD1 1 
ATOM   345  O  OD2 . ASP A 1 53 ? -17.715 8.823   -5.842  1.00 62.87 ? 45  ASP A OD2 1 
ATOM   346  N  N   . VAL A 1 54 ? -12.847 8.854   -6.812  1.00 57.52 ? 46  VAL A N   1 
ATOM   347  C  CA  . VAL A 1 54 ? -11.995 7.931   -6.085  1.00 57.16 ? 46  VAL A CA  1 
ATOM   348  C  C   . VAL A 1 54 ? -10.581 8.483   -6.038  1.00 56.46 ? 46  VAL A C   1 
ATOM   349  O  O   . VAL A 1 54 ? -9.926  8.613   -7.063  1.00 56.60 ? 46  VAL A O   1 
ATOM   350  C  CB  . VAL A 1 54 ? -11.991 6.529   -6.738  1.00 55.97 ? 46  VAL A CB  1 
ATOM   351  C  CG1 . VAL A 1 54 ? -11.111 5.608   -5.954  1.00 56.17 ? 46  VAL A CG1 1 
ATOM   352  C  CG2 . VAL A 1 54 ? -13.400 5.957   -6.771  1.00 56.33 ? 46  VAL A CG2 1 
ATOM   353  N  N   . GLY A 1 55 ? -10.120 8.820   -4.838  1.00 56.76 ? 47  GLY A N   1 
ATOM   354  C  CA  . GLY A 1 55 ? -8.787  9.360   -4.688  1.00 56.06 ? 47  GLY A CA  1 
ATOM   355  C  C   . GLY A 1 55 ? -7.749  8.314   -4.331  1.00 57.01 ? 47  GLY A C   1 
ATOM   356  O  O   . GLY A 1 55 ? -6.554  8.530   -4.525  1.00 57.11 ? 47  GLY A O   1 
ATOM   357  N  N   . VAL A 1 56 ? -8.191  7.178   -3.805  1.00 56.97 ? 48  VAL A N   1 
ATOM   358  C  CA  . VAL A 1 56 ? -7.257  6.126   -3.423  1.00 58.43 ? 48  VAL A CA  1 
ATOM   359  C  C   . VAL A 1 56 ? -7.943  4.759   -3.412  1.00 60.89 ? 48  VAL A C   1 
ATOM   360  O  O   . VAL A 1 56 ? -9.115  4.629   -3.022  1.00 61.88 ? 48  VAL A O   1 
ATOM   361  C  CB  . VAL A 1 56 ? -6.634  6.412   -2.011  1.00 56.83 ? 48  VAL A CB  1 
ATOM   362  C  CG1 . VAL A 1 56 ? -7.733  6.539   -0.971  1.00 55.79 ? 48  VAL A CG1 1 
ATOM   363  C  CG2 . VAL A 1 56 ? -5.668  5.308   -1.615  1.00 53.15 ? 48  VAL A CG2 1 
ATOM   364  N  N   . VAL A 1 57 ? -7.206  3.742   -3.848  1.00 61.79 ? 49  VAL A N   1 
ATOM   365  C  CA  . VAL A 1 57 ? -7.727  2.388   -3.881  1.00 62.40 ? 49  VAL A CA  1 
ATOM   366  C  C   . VAL A 1 57 ? -6.712  1.409   -3.302  1.00 61.20 ? 49  VAL A C   1 
ATOM   367  O  O   . VAL A 1 57 ? -5.572  1.349   -3.748  1.00 58.04 ? 49  VAL A O   1 
ATOM   368  C  CB  . VAL A 1 57 ? -8.096  1.988   -5.333  1.00 64.25 ? 49  VAL A CB  1 
ATOM   369  C  CG1 . VAL A 1 57 ? -7.009  2.444   -6.265  1.00 66.00 ? 49  VAL A CG1 1 
ATOM   370  C  CG2 . VAL A 1 57 ? -8.299  0.470   -5.452  1.00 63.66 ? 49  VAL A CG2 1 
ATOM   371  N  N   . ILE A 1 58 ? -7.142  0.669   -2.283  1.00 62.93 ? 50  ILE A N   1 
ATOM   372  C  CA  . ILE A 1 58 ? -6.304  -0.335  -1.631  1.00 65.58 ? 50  ILE A CA  1 
ATOM   373  C  C   . ILE A 1 58 ? -6.532  -1.657  -2.354  1.00 67.38 ? 50  ILE A C   1 
ATOM   374  O  O   . ILE A 1 58 ? -7.659  -2.005  -2.695  1.00 66.71 ? 50  ILE A O   1 
ATOM   375  C  CB  . ILE A 1 58 ? -6.668  -0.500  -0.142  1.00 65.18 ? 50  ILE A CB  1 
ATOM   376  C  CG1 . ILE A 1 58 ? -6.505  0.841   0.574   1.00 64.95 ? 50  ILE A CG1 1 
ATOM   377  C  CG2 . ILE A 1 58 ? -5.794  -1.583  0.493   1.00 63.33 ? 50  ILE A CG2 1 
ATOM   378  C  CD1 . ILE A 1 58 ? -6.893  0.821   2.042   1.00 64.92 ? 50  ILE A CD1 1 
HETATM 379  N  N   . MSE A 1 59 ? -5.461  -2.408  -2.566  1.00 71.46 ? 51  MSE A N   1 
HETATM 380  C  CA  . MSE A 1 59 ? -5.566  -3.648  -3.311  1.00 75.49 ? 51  MSE A CA  1 
HETATM 381  C  C   . MSE A 1 59 ? -4.290  -4.459  -3.125  1.00 76.13 ? 51  MSE A C   1 
HETATM 382  O  O   . MSE A 1 59 ? -3.210  -3.888  -2.995  1.00 76.56 ? 51  MSE A O   1 
HETATM 383  C  CB  . MSE A 1 59 ? -5.766  -3.257  -4.771  1.00 80.69 ? 51  MSE A CB  1 
HETATM 384  C  CG  . MSE A 1 59 ? -5.878  -4.349  -5.790  1.00 87.37 ? 51  MSE A CG  1 
HETATM 385  SE SE  . MSE A 1 59 ? -5.884  -3.470  -7.515  1.00 98.59 ? 51  MSE A SE  1 
HETATM 386  C  CE  . MSE A 1 59 ? -4.009  -2.948  -7.586  1.00 93.39 ? 51  MSE A CE  1 
ATOM   387  N  N   . LYS A 1 60 ? -4.410  -5.784  -3.102  1.00 76.76 ? 52  LYS A N   1 
ATOM   388  C  CA  . LYS A 1 60 ? -3.238  -6.639  -2.926  1.00 77.66 ? 52  LYS A CA  1 
ATOM   389  C  C   . LYS A 1 60 ? -2.220  -6.493  -4.062  1.00 77.93 ? 52  LYS A C   1 
ATOM   390  O  O   . LYS A 1 60 ? -2.570  -6.184  -5.201  1.00 77.35 ? 52  LYS A O   1 
ATOM   391  C  CB  . LYS A 1 60 ? -3.659  -8.109  -2.785  1.00 78.86 ? 52  LYS A CB  1 
ATOM   392  C  CG  . LYS A 1 60 ? -3.379  -8.703  -1.394  1.00 79.56 ? 52  LYS A CG  1 
ATOM   393  C  CD  . LYS A 1 60 ? -3.770  -10.175 -1.290  1.00 79.65 ? 52  LYS A CD  1 
ATOM   394  C  CE  . LYS A 1 60 ? -5.281  -10.381 -1.443  1.00 79.59 ? 52  LYS A CE  1 
ATOM   395  N  NZ  . LYS A 1 60 ? -5.676  -11.823 -1.351  1.00 77.49 ? 52  LYS A NZ  1 
ATOM   396  N  N   . GLN A 1 61 ? -0.954  -6.720  -3.731  1.00 78.43 ? 53  GLN A N   1 
ATOM   397  C  CA  . GLN A 1 61 ? 0.138   -6.615  -4.688  1.00 79.67 ? 53  GLN A CA  1 
ATOM   398  C  C   . GLN A 1 61 ? -0.048  -7.624  -5.825  1.00 80.55 ? 53  GLN A C   1 
ATOM   399  O  O   . GLN A 1 61 ? 0.176   -7.324  -6.999  1.00 79.60 ? 53  GLN A O   1 
ATOM   400  C  CB  . GLN A 1 61 ? 1.456   -6.877  -3.959  1.00 80.13 ? 53  GLN A CB  1 
ATOM   401  C  CG  . GLN A 1 61 ? 2.658   -6.138  -4.520  1.00 83.77 ? 53  GLN A CG  1 
ATOM   402  C  CD  . GLN A 1 61 ? 3.055   -6.620  -5.904  1.00 85.42 ? 53  GLN A CD  1 
ATOM   403  O  OE1 . GLN A 1 61 ? 3.249   -7.819  -6.118  1.00 86.18 ? 53  GLN A OE1 1 
ATOM   404  N  NE2 . GLN A 1 61 ? 3.186   -5.687  -6.850  1.00 85.05 ? 53  GLN A NE2 1 
ATOM   405  N  N   . GLU A 1 62 ? -0.482  -8.819  -5.451  1.00 82.37 ? 54  GLU A N   1 
ATOM   406  C  CA  . GLU A 1 62 ? -0.692  -9.917  -6.386  1.00 83.49 ? 54  GLU A CA  1 
ATOM   407  C  C   . GLU A 1 62 ? -1.783  -9.705  -7.429  1.00 82.67 ? 54  GLU A C   1 
ATOM   408  O  O   . GLU A 1 62 ? -2.132  -10.650 -8.134  1.00 84.03 ? 54  GLU A O   1 
ATOM   409  C  CB  . GLU A 1 62 ? -1.018  -11.188 -5.609  1.00 84.74 ? 54  GLU A CB  1 
ATOM   410  C  CG  . GLU A 1 62 ? -2.385  -11.129 -4.962  1.00 89.04 ? 54  GLU A CG  1 
ATOM   411  C  CD  . GLU A 1 62 ? -2.673  -12.342 -4.111  1.00 91.94 ? 54  GLU A CD  1 
ATOM   412  O  OE1 . GLU A 1 62 ? -1.935  -12.554 -3.122  1.00 93.03 ? 54  GLU A OE1 1 
ATOM   413  O  OE2 . GLU A 1 62 ? -3.638  -13.079 -4.432  1.00 91.83 ? 54  GLU A OE2 1 
ATOM   414  N  N   . TYR A 1 63 ? -2.332  -8.499  -7.538  1.00 80.97 ? 55  TYR A N   1 
ATOM   415  C  CA  . TYR A 1 63 ? -3.381  -8.273  -8.531  1.00 80.20 ? 55  TYR A CA  1 
ATOM   416  C  C   . TYR A 1 63 ? -2.952  -7.574  -9.813  1.00 80.30 ? 55  TYR A C   1 
ATOM   417  O  O   . TYR A 1 63 ? -3.716  -7.541  -10.773 1.00 80.04 ? 55  TYR A O   1 
ATOM   418  C  CB  . TYR A 1 63 ? -4.549  -7.500  -7.922  1.00 78.55 ? 55  TYR A CB  1 
ATOM   419  C  CG  . TYR A 1 63 ? -5.409  -8.322  -6.999  1.00 79.21 ? 55  TYR A CG  1 
ATOM   420  C  CD1 . TYR A 1 63 ? -6.616  -7.816  -6.512  1.00 77.03 ? 55  TYR A CD1 1 
ATOM   421  C  CD2 . TYR A 1 63 ? -5.029  -9.619  -6.622  1.00 79.54 ? 55  TYR A CD2 1 
ATOM   422  C  CE1 . TYR A 1 63 ? -7.426  -8.581  -5.676  1.00 76.89 ? 55  TYR A CE1 1 
ATOM   423  C  CE2 . TYR A 1 63 ? -5.834  -10.392 -5.788  1.00 78.58 ? 55  TYR A CE2 1 
ATOM   424  C  CZ  . TYR A 1 63 ? -7.030  -9.867  -5.322  1.00 78.61 ? 55  TYR A CZ  1 
ATOM   425  O  OH  . TYR A 1 63 ? -7.841  -10.636 -4.520  1.00 80.67 ? 55  TYR A OH  1 
ATOM   426  N  N   . LEU A 1 64 ? -1.738  -7.030  -9.839  1.00 80.86 ? 56  LEU A N   1 
ATOM   427  C  CA  . LEU A 1 64 ? -1.250  -6.324  -11.021 1.00 81.68 ? 56  LEU A CA  1 
ATOM   428  C  C   . LEU A 1 64 ? -0.987  -7.254  -12.204 1.00 82.68 ? 56  LEU A C   1 
ATOM   429  O  O   . LEU A 1 64 ? -1.434  -6.990  -13.320 1.00 82.94 ? 56  LEU A O   1 
ATOM   430  C  CB  . LEU A 1 64 ? 0.014   -5.538  -10.673 1.00 81.45 ? 56  LEU A CB  1 
ATOM   431  N  N   . LYS A 1 65 ? -0.266  -8.343  -11.959 1.00 83.65 ? 57  LYS A N   1 
ATOM   432  C  CA  . LYS A 1 65 ? 0.057   -9.314  -13.004 1.00 82.88 ? 57  LYS A CA  1 
ATOM   433  C  C   . LYS A 1 65 ? -1.214  -9.777  -13.713 1.00 80.91 ? 57  LYS A C   1 
ATOM   434  O  O   . LYS A 1 65 ? -1.197  -10.101 -14.903 1.00 80.81 ? 57  LYS A O   1 
ATOM   435  C  CB  . LYS A 1 65 ? 0.765   -10.535 -12.394 1.00 85.07 ? 57  LYS A CB  1 
ATOM   436  C  CG  . LYS A 1 65 ? -0.112  -11.298 -11.401 1.00 87.68 ? 57  LYS A CG  1 
ATOM   437  C  CD  . LYS A 1 65 ? 0.546   -12.547 -10.831 1.00 88.22 ? 57  LYS A CD  1 
ATOM   438  C  CE  . LYS A 1 65 ? -0.394  -13.196 -9.808  1.00 90.46 ? 57  LYS A CE  1 
ATOM   439  N  NZ  . LYS A 1 65 ? 0.133   -14.434 -9.153  1.00 91.31 ? 57  LYS A NZ  1 
ATOM   440  N  N   . LYS A 1 66 ? -2.314  -9.811  -12.972 1.00 78.18 ? 58  LYS A N   1 
ATOM   441  C  CA  . LYS A 1 66 ? -3.588  -10.251 -13.519 1.00 76.83 ? 58  LYS A CA  1 
ATOM   442  C  C   . LYS A 1 66 ? -4.217  -9.225  -14.449 1.00 76.33 ? 58  LYS A C   1 
ATOM   443  O  O   . LYS A 1 66 ? -5.296  -9.462  -15.003 1.00 74.52 ? 58  LYS A O   1 
ATOM   444  C  CB  . LYS A 1 66 ? -4.573  -10.557 -12.386 1.00 76.59 ? 58  LYS A CB  1 
ATOM   445  C  CG  . LYS A 1 66 ? -4.227  -11.745 -11.513 1.00 74.56 ? 58  LYS A CG  1 
ATOM   446  C  CD  . LYS A 1 66 ? -5.440  -12.128 -10.700 1.00 74.38 ? 58  LYS A CD  1 
ATOM   447  C  CE  . LYS A 1 66 ? -5.285  -13.491 -10.061 1.00 76.89 ? 58  LYS A CE  1 
ATOM   448  N  NZ  . LYS A 1 66 ? -6.594  -14.030 -9.570  1.00 77.81 ? 58  LYS A NZ  1 
ATOM   449  N  N   . LEU A 1 67 ? -3.538  -8.096  -14.624 1.00 77.32 ? 59  LEU A N   1 
ATOM   450  C  CA  . LEU A 1 67 ? -4.047  -7.010  -15.460 1.00 79.60 ? 59  LEU A CA  1 
ATOM   451  C  C   . LEU A 1 67 ? -3.422  -6.855  -16.854 1.00 81.52 ? 59  LEU A C   1 
ATOM   452  O  O   . LEU A 1 67 ? -2.206  -6.984  -17.036 1.00 81.99 ? 59  LEU A O   1 
ATOM   453  C  CB  . LEU A 1 67 ? -3.916  -5.680  -14.705 1.00 78.65 ? 59  LEU A CB  1 
ATOM   454  C  CG  . LEU A 1 67 ? -4.588  -5.613  -13.326 1.00 77.55 ? 59  LEU A CG  1 
ATOM   455  C  CD1 . LEU A 1 67 ? -4.215  -4.310  -12.637 1.00 75.10 ? 59  LEU A CD1 1 
ATOM   456  C  CD2 . LEU A 1 67 ? -6.102  -5.734  -13.472 1.00 76.00 ? 59  LEU A CD2 1 
ATOM   457  N  N   . PRO A 1 68 ? -4.264  -6.592  -17.864 1.00 84.86 ? 60  PRO A N   1 
ATOM   458  C  CA  . PRO A 1 68 ? -3.767  -6.415  -19.230 1.00 86.08 ? 60  PRO A CA  1 
ATOM   459  C  C   . PRO A 1 68 ? -2.780  -5.251  -19.211 1.00 88.49 ? 60  PRO A C   1 
ATOM   460  O  O   . PRO A 1 68 ? -3.122  -4.163  -18.755 1.00 89.82 ? 60  PRO A O   1 
ATOM   461  C  CB  . PRO A 1 68 ? -5.034  -6.093  -20.008 1.00 86.51 ? 60  PRO A CB  1 
ATOM   462  C  CG  . PRO A 1 68 ? -6.075  -6.909  -19.285 1.00 85.26 ? 60  PRO A CG  1 
ATOM   463  C  CD  . PRO A 1 68 ? -5.737  -6.637  -17.840 1.00 83.93 ? 60  PRO A CD  1 
ATOM   464  N  N   . PRO A 1 69 ? -1.548  -5.461  -19.709 1.00 92.29 ? 61  PRO A N   1 
ATOM   465  C  CA  . PRO A 1 69 ? -0.502  -4.426  -19.740 1.00 92.25 ? 61  PRO A CA  1 
ATOM   466  C  C   . PRO A 1 69 ? -0.971  -3.019  -20.122 1.00 91.92 ? 61  PRO A C   1 
ATOM   467  O  O   . PRO A 1 69 ? -0.315  -2.028  -19.798 1.00 91.24 ? 61  PRO A O   1 
ATOM   468  C  CB  . PRO A 1 69 ? 0.516   -4.991  -20.729 1.00 92.81 ? 61  PRO A CB  1 
ATOM   469  C  CG  . PRO A 1 69 ? 0.390   -6.475  -20.514 1.00 93.13 ? 61  PRO A CG  1 
ATOM   470  C  CD  . PRO A 1 69 ? -1.114  -6.662  -20.451 1.00 92.33 ? 61  PRO A CD  1 
ATOM   471  N  N   . VAL A 1 70 ? -2.099  -2.938  -20.818 1.00 92.82 ? 62  VAL A N   1 
ATOM   472  C  CA  . VAL A 1 70 ? -2.654  -1.648  -21.212 1.00 94.49 ? 62  VAL A CA  1 
ATOM   473  C  C   . VAL A 1 70 ? -3.147  -0.962  -19.940 1.00 93.18 ? 62  VAL A C   1 
ATOM   474  O  O   . VAL A 1 70 ? -2.918  0.232   -19.719 1.00 92.85 ? 62  VAL A O   1 
ATOM   475  C  CB  . VAL A 1 70 ? -3.868  -1.825  -22.165 1.00 95.39 ? 62  VAL A CB  1 
ATOM   476  C  CG1 . VAL A 1 70 ? -4.413  -0.460  -22.577 1.00 94.95 ? 62  VAL A CG1 1 
ATOM   477  C  CG2 . VAL A 1 70 ? -3.464  -2.647  -23.384 1.00 95.94 ? 62  VAL A CG2 1 
ATOM   478  N  N   . LEU A 1 71 ? -3.828  -1.758  -19.120 1.00 92.41 ? 63  LEU A N   1 
ATOM   479  C  CA  . LEU A 1 71 ? -4.409  -1.331  -17.856 1.00 91.77 ? 63  LEU A CA  1 
ATOM   480  C  C   . LEU A 1 71 ? -3.327  -1.223  -16.799 1.00 91.80 ? 63  LEU A C   1 
ATOM   481  O  O   . LEU A 1 71 ? -3.305  -0.280  -16.010 1.00 92.36 ? 63  LEU A O   1 
ATOM   482  C  CB  . LEU A 1 71 ? -5.451  -2.357  -17.410 1.00 89.81 ? 63  LEU A CB  1 
ATOM   483  C  CG  . LEU A 1 71 ? -6.771  -1.844  -16.846 1.00 88.06 ? 63  LEU A CG  1 
ATOM   484  C  CD1 . LEU A 1 71 ? -7.695  -3.013  -16.531 1.00 86.56 ? 63  LEU A CD1 1 
ATOM   485  C  CD2 . LEU A 1 71 ? -6.497  -1.018  -15.613 1.00 88.31 ? 63  LEU A CD2 1 
ATOM   486  N  N   . ARG A 1 72 ? -2.440  -2.209  -16.781 1.00 92.60 ? 64  ARG A N   1 
ATOM   487  C  CA  . ARG A 1 72 ? -1.341  -2.242  -15.832 1.00 93.90 ? 64  ARG A CA  1 
ATOM   488  C  C   . ARG A 1 72 ? -0.501  -0.988  -16.009 1.00 94.35 ? 64  ARG A C   1 
ATOM   489  O  O   . ARG A 1 72 ? 0.141   -0.513  -15.074 1.00 93.97 ? 64  ARG A O   1 
ATOM   490  C  CB  . ARG A 1 72 ? -0.476  -3.468  -16.087 1.00 94.76 ? 64  ARG A CB  1 
ATOM   491  C  CG  . ARG A 1 72 ? 0.598   -3.683  -15.047 1.00 96.84 ? 64  ARG A CG  1 
ATOM   492  C  CD  . ARG A 1 72 ? 0.259   -4.882  -14.164 1.00 98.33 ? 64  ARG A CD  1 
ATOM   493  N  NE  . ARG A 1 72 ? 1.148   -6.027  -14.386 1.00 98.47 ? 64  ARG A NE  1 
ATOM   494  C  CZ  . ARG A 1 72 ? 1.256   -6.708  -15.527 1.00 98.24 ? 64  ARG A CZ  1 
ATOM   495  N  NH1 . ARG A 1 72 ? 0.527   -6.378  -16.590 1.00 97.74 ? 64  ARG A NH1 1 
ATOM   496  N  NH2 . ARG A 1 72 ? 2.107   -7.720  -15.602 1.00 97.84 ? 64  ARG A NH2 1 
ATOM   497  N  N   . ARG A 1 73 ? -0.508  -0.464  -17.229 1.00 96.04 ? 65  ARG A N   1 
ATOM   498  C  CA  . ARG A 1 73 ? 0.246   0.737   -17.550 1.00 97.47 ? 65  ARG A CA  1 
ATOM   499  C  C   . ARG A 1 73 ? -0.715  1.891   -17.803 1.00 98.16 ? 65  ARG A C   1 
ATOM   500  O  O   . ARG A 1 73 ? -0.381  2.851   -18.493 1.00 99.00 ? 65  ARG A O   1 
ATOM   501  C  CB  . ARG A 1 73 ? 1.125   0.496   -18.777 1.00 96.92 ? 65  ARG A CB  1 
ATOM   502  N  N   . GLU A 1 74 ? -1.924  1.770   -17.266 1.00 98.32 ? 66  GLU A N   1 
ATOM   503  C  CA  . GLU A 1 74 ? -2.930  2.816   -17.392 1.00 97.53 ? 66  GLU A CA  1 
ATOM   504  C  C   . GLU A 1 74 ? -2.789  3.539   -16.070 1.00 97.05 ? 66  GLU A C   1 
ATOM   505  O  O   . GLU A 1 74 ? -2.943  4.752   -15.982 1.00 96.82 ? 66  GLU A O   1 
ATOM   506  C  CB  . GLU A 1 74 ? -4.319  2.215   -17.529 1.00 97.86 ? 66  GLU A CB  1 
ATOM   507  N  N   . ILE A 1 75 ? -2.483  2.759   -15.038 1.00 97.22 ? 67  ILE A N   1 
ATOM   508  C  CA  . ILE A 1 75 ? -2.269  3.290   -13.703 1.00 97.51 ? 67  ILE A CA  1 
ATOM   509  C  C   . ILE A 1 75 ? -0.796  3.679   -13.718 1.00 98.71 ? 67  ILE A C   1 
ATOM   510  O  O   . ILE A 1 75 ? -0.165  3.898   -12.678 1.00 97.47 ? 67  ILE A O   1 
ATOM   511  C  CB  . ILE A 1 75 ? -2.548  2.225   -12.615 1.00 97.77 ? 67  ILE A CB  1 
ATOM   512  C  CG1 . ILE A 1 75 ? -1.519  1.102   -12.685 1.00 97.94 ? 67  ILE A CG1 1 
ATOM   513  C  CG2 . ILE A 1 75 ? -3.932  1.620   -12.822 1.00 96.92 ? 67  ILE A CG2 1 
ATOM   514  C  CD1 . ILE A 1 75 ? -1.719  0.054   -11.620 1.00 97.36 ? 67  ILE A CD1 1 
ATOM   515  N  N   . ASP A 1 76 ? -0.266  3.725   -14.942 1.00 99.00 ? 68  ASP A N   1 
ATOM   516  C  CA  . ASP A 1 76 ? 1.114   4.123   -15.231 1.00 99.00 ? 68  ASP A CA  1 
ATOM   517  C  C   . ASP A 1 76 ? 1.179   5.519   -14.615 1.00 98.85 ? 68  ASP A C   1 
ATOM   518  O  O   . ASP A 1 76 ? 2.028   5.816   -13.774 1.00 97.64 ? 68  ASP A O   1 
ATOM   519  C  CB  . ASP A 1 76 ? 1.302   4.188   -16.754 1.00 99.00 ? 68  ASP A CB  1 
ATOM   520  C  CG  . ASP A 1 76 ? 2.680   4.683   -17.174 1.00 99.00 ? 68  ASP A CG  1 
ATOM   521  O  OD1 . ASP A 1 76 ? 3.069   5.807   -16.782 1.00 99.00 ? 68  ASP A OD1 1 
ATOM   522  O  OD2 . ASP A 1 76 ? 3.367   3.947   -17.918 1.00 99.00 ? 68  ASP A OD2 1 
ATOM   523  N  N   . GLU A 1 77 ? 0.258   6.366   -15.056 1.00 98.77 ? 69  GLU A N   1 
ATOM   524  C  CA  . GLU A 1 77 ? 0.166   7.707   -14.517 1.00 99.00 ? 69  GLU A CA  1 
ATOM   525  C  C   . GLU A 1 77 ? -0.119  7.675   -13.008 1.00 99.00 ? 69  GLU A C   1 
ATOM   526  O  O   . GLU A 1 77 ? 0.595   8.305   -12.222 1.00 99.00 ? 69  GLU A O   1 
ATOM   527  C  CB  . GLU A 1 77 ? -0.962  8.482   -15.220 1.00 98.18 ? 69  GLU A CB  1 
ATOM   528  N  N   . LYS A 1 78 ? -1.143  6.916   -12.613 1.00 99.00 ? 70  LYS A N   1 
ATOM   529  C  CA  . LYS A 1 78 ? -1.584  6.860   -11.215 1.00 98.89 ? 70  LYS A CA  1 
ATOM   530  C  C   . LYS A 1 78 ? -1.825  8.293   -10.710 1.00 98.57 ? 70  LYS A C   1 
ATOM   531  O  O   . LYS A 1 78 ? -1.558  8.605   -9.545  1.00 98.01 ? 70  LYS A O   1 
ATOM   532  C  CB  . LYS A 1 78 ? -0.527  6.190   -10.336 1.00 99.00 ? 70  LYS A CB  1 
ATOM   533  C  CG  . LYS A 1 78 ? -0.940  4.812   -9.847  1.00 99.00 ? 70  LYS A CG  1 
ATOM   534  C  CD  . LYS A 1 78 ? 0.038   4.279   -8.815  1.00 99.00 ? 70  LYS A CD  1 
ATOM   535  C  CE  . LYS A 1 78 ? -0.053  2.762   -8.700  1.00 99.00 ? 70  LYS A CE  1 
ATOM   536  N  NZ  . LYS A 1 78 ? 0.471   2.079   -9.917  1.00 99.00 ? 70  LYS A NZ  1 
ATOM   537  N  N   . VAL A 1 79 ? -2.370  9.145   -11.585 1.00 96.78 ? 71  VAL A N   1 
ATOM   538  C  CA  . VAL A 1 79 ? -2.554  10.591  -11.274 1.00 95.12 ? 71  VAL A CA  1 
ATOM   539  C  C   . VAL A 1 79 ? -3.571  10.734  -10.152 1.00 93.17 ? 71  VAL A C   1 
ATOM   540  O  O   . VAL A 1 79 ? -3.246  11.264  -9.083  1.00 92.99 ? 71  VAL A O   1 
ATOM   541  C  CB  . VAL A 1 79 ? -2.915  11.328  -12.526 1.00 94.82 ? 71  VAL A CB  1 
ATOM   542  N  N   . GLU A 1 80 ? -4.811  10.356  -10.452 1.00 89.51 ? 72  GLU A N   1 
ATOM   543  C  CA  . GLU A 1 80 ? -5.777  10.104  -9.395  1.00 86.53 ? 72  GLU A CA  1 
ATOM   544  C  C   . GLU A 1 80 ? -6.779  9.079   -10.015 1.00 84.62 ? 72  GLU A C   1 
ATOM   545  O  O   . GLU A 1 80 ? -7.498  9.402   -10.937 1.00 84.15 ? 72  GLU A O   1 
ATOM   546  C  CB  . GLU A 1 80 ? -6.451  11.305  -8.847  1.00 84.82 ? 72  GLU A CB  1 
ATOM   547  N  N   . PRO A 1 81 ? -7.039  8.016   -9.279  1.00 83.16 ? 73  PRO A N   1 
ATOM   548  C  CA  . PRO A 1 81 ? -6.529  7.750   -7.947  1.00 81.66 ? 73  PRO A CA  1 
ATOM   549  C  C   . PRO A 1 81 ? -5.099  7.310   -7.776  1.00 79.94 ? 73  PRO A C   1 
ATOM   550  O  O   . PRO A 1 81 ? -4.458  6.970   -8.743  1.00 80.54 ? 73  PRO A O   1 
ATOM   551  C  CB  . PRO A 1 81 ? -7.481  6.684   -7.422  1.00 82.66 ? 73  PRO A CB  1 
ATOM   552  C  CG  . PRO A 1 81 ? -7.764  5.854   -8.657  1.00 82.60 ? 73  PRO A CG  1 
ATOM   553  C  CD  . PRO A 1 81 ? -7.818  6.831   -9.791  1.00 82.76 ? 73  PRO A CD  1 
ATOM   554  N  N   . THR A 1 82 ? -4.631  7.362   -6.529  1.00 77.37 ? 74  THR A N   1 
ATOM   555  C  CA  . THR A 1 82 ? -3.366  6.719   -6.202  1.00 74.05 ? 74  THR A CA  1 
ATOM   556  C  C   . THR A 1 82 ? -3.701  5.261   -5.745  1.00 72.63 ? 74  THR A C   1 
ATOM   557  O  O   . THR A 1 82 ? -4.658  5.023   -4.998  1.00 72.07 ? 74  THR A O   1 
ATOM   558  C  CB  . THR A 1 82 ? -2.616  7.425   -5.063  1.00 74.09 ? 74  THR A CB  1 
ATOM   559  O  OG1 . THR A 1 82 ? -2.372  8.770   -5.460  1.00 72.18 ? 74  THR A OG1 1 
ATOM   560  C  CG2 . THR A 1 82 ? -1.245  6.811   -4.864  1.00 73.38 ? 74  THR A CG2 1 
ATOM   561  N  N   . PHE A 1 83 ? -2.910  4.305   -6.224  1.00 70.70 ? 75  PHE A N   1 
ATOM   562  C  CA  . PHE A 1 83 ? -3.091  2.911   -5.850  1.00 69.51 ? 75  PHE A CA  1 
ATOM   563  C  C   . PHE A 1 83 ? -2.161  2.552   -4.692  1.00 67.70 ? 75  PHE A C   1 
ATOM   564  O  O   . PHE A 1 83 ? -1.036  3.044   -4.616  1.00 67.46 ? 75  PHE A O   1 
ATOM   565  C  CB  . PHE A 1 83 ? -2.852  2.002   -7.058  1.00 70.78 ? 75  PHE A CB  1 
ATOM   566  C  CG  . PHE A 1 83 ? -4.026  1.949   -8.003  1.00 73.49 ? 75  PHE A CG  1 
ATOM   567  C  CD1 . PHE A 1 83 ? -4.445  3.090   -8.679  1.00 74.43 ? 75  PHE A CD1 1 
ATOM   568  C  CD2 . PHE A 1 83 ? -4.750  0.766   -8.176  1.00 74.50 ? 75  PHE A CD2 1 
ATOM   569  C  CE1 . PHE A 1 83 ? -5.570  3.055   -9.514  1.00 75.18 ? 75  PHE A CE1 1 
ATOM   570  C  CE2 . PHE A 1 83 ? -5.878  0.722   -9.009  1.00 74.20 ? 75  PHE A CE2 1 
ATOM   571  C  CZ  . PHE A 1 83 ? -6.287  1.865   -9.677  1.00 74.42 ? 75  PHE A CZ  1 
ATOM   572  N  N   . VAL A 1 84 ? -2.660  1.728   -3.773  1.00 64.35 ? 76  VAL A N   1 
ATOM   573  C  CA  . VAL A 1 84 ? -1.896  1.311   -2.606  1.00 61.35 ? 76  VAL A CA  1 
ATOM   574  C  C   . VAL A 1 84 ? -1.888  -0.204  -2.574  1.00 59.87 ? 76  VAL A C   1 
ATOM   575  O  O   . VAL A 1 84 ? -2.898  -0.819  -2.246  1.00 59.51 ? 76  VAL A O   1 
ATOM   576  C  CB  . VAL A 1 84 ? -2.551  1.826   -1.299  1.00 62.41 ? 76  VAL A CB  1 
ATOM   577  C  CG1 . VAL A 1 84 ? -1.796  1.307   -0.085  1.00 60.15 ? 76  VAL A CG1 1 
ATOM   578  C  CG2 . VAL A 1 84 ? -2.581  3.342   -1.291  1.00 61.23 ? 76  VAL A CG2 1 
ATOM   579  N  N   . SER A 1 85 ? -0.750  -0.810  -2.900  1.00 59.44 ? 77  SER A N   1 
ATOM   580  C  CA  . SER A 1 85 ? -0.660  -2.269  -2.916  1.00 58.09 ? 77  SER A CA  1 
ATOM   581  C  C   . SER A 1 85 ? -0.105  -2.890  -1.647  1.00 56.72 ? 77  SER A C   1 
ATOM   582  O  O   . SER A 1 85 ? 0.945   -2.491  -1.134  1.00 52.75 ? 77  SER A O   1 
ATOM   583  C  CB  . SER A 1 85 ? 0.161   -2.748  -4.119  1.00 59.26 ? 77  SER A CB  1 
ATOM   584  O  OG  . SER A 1 85 ? 1.450   -2.168  -4.115  1.00 62.24 ? 77  SER A OG  1 
ATOM   585  N  N   . VAL A 1 86 ? -0.846  -3.877  -1.158  1.00 58.17 ? 78  VAL A N   1 
ATOM   586  C  CA  . VAL A 1 86 ? -0.497  -4.619  0.044   1.00 61.96 ? 78  VAL A CA  1 
ATOM   587  C  C   . VAL A 1 86 ? 0.250   -5.876  -0.384  1.00 64.28 ? 78  VAL A C   1 
ATOM   588  O  O   . VAL A 1 86 ? -0.315  -6.719  -1.085  1.00 64.87 ? 78  VAL A O   1 
ATOM   589  C  CB  . VAL A 1 86 ? -1.768  -5.035  0.813   1.00 61.29 ? 78  VAL A CB  1 
ATOM   590  C  CG1 . VAL A 1 86 ? -1.397  -5.628  2.160   1.00 59.60 ? 78  VAL A CG1 1 
ATOM   591  C  CG2 . VAL A 1 86 ? -2.693  -3.837  0.966   1.00 60.53 ? 78  VAL A CG2 1 
ATOM   592  N  N   . GLY A 1 87 ? 1.511   -6.001  0.039   1.00 66.87 ? 79  GLY A N   1 
ATOM   593  C  CA  . GLY A 1 87 ? 2.311   -7.159  -0.331  1.00 70.82 ? 79  GLY A CA  1 
ATOM   594  C  C   . GLY A 1 87 ? 1.993   -8.441  0.430   1.00 74.68 ? 79  GLY A C   1 
ATOM   595  O  O   . GLY A 1 87 ? 2.880   -9.326  0.515   1.00 76.75 ? 79  GLY A O   1 
ATOM   596  N  N   . HIS B 1 8  ? 5.877   -10.383 19.785  1.00 96.87 ? -3  HIS B N   1 
ATOM   597  C  CA  . HIS B 1 8  ? 4.575   -10.599 19.092  1.00 96.78 ? -3  HIS B CA  1 
ATOM   598  C  C   . HIS B 1 8  ? 3.658   -9.392  19.283  1.00 95.42 ? -3  HIS B C   1 
ATOM   599  O  O   . HIS B 1 8  ? 2.963   -9.281  20.295  1.00 96.50 ? -3  HIS B O   1 
ATOM   600  C  CB  . HIS B 1 8  ? 3.868   -11.847 19.639  1.00 98.40 ? -3  HIS B CB  1 
ATOM   601  C  CG  . HIS B 1 8  ? 2.760   -12.355 18.761  1.00 99.00 ? -3  HIS B CG  1 
ATOM   602  N  ND1 . HIS B 1 8  ? 1.706   -13.103 19.244  1.00 99.00 ? -3  HIS B ND1 1 
ATOM   603  C  CD2 . HIS B 1 8  ? 2.575   -12.271 17.419  1.00 99.00 ? -3  HIS B CD2 1 
ATOM   604  C  CE1 . HIS B 1 8  ? 0.921   -13.458 18.240  1.00 99.00 ? -3  HIS B CE1 1 
ATOM   605  N  NE2 . HIS B 1 8  ? 1.426   -12.968 17.122  1.00 98.98 ? -3  HIS B NE2 1 
ATOM   606  N  N   . SER B 1 9  ? 3.677   -8.491  18.306  1.00 92.87 ? -2  SER B N   1 
ATOM   607  C  CA  . SER B 1 9  ? 2.844   -7.292  18.304  1.00 88.29 ? -2  SER B CA  1 
ATOM   608  C  C   . SER B 1 9  ? 2.761   -6.913  16.837  1.00 85.54 ? -2  SER B C   1 
ATOM   609  O  O   . SER B 1 9  ? 3.675   -7.215  16.062  1.00 85.22 ? -2  SER B O   1 
ATOM   610  C  CB  . SER B 1 9  ? 3.495   -6.155  19.095  1.00 88.32 ? -2  SER B CB  1 
ATOM   611  O  OG  . SER B 1 9  ? 2.598   -5.064  19.234  1.00 86.49 ? -2  SER B OG  1 
ATOM   612  N  N   . HIS B 1 10 ? 1.681   -6.257  16.442  1.00 80.96 ? -1  HIS B N   1 
ATOM   613  C  CA  . HIS B 1 10 ? 1.547   -5.905  15.048  1.00 77.25 ? -1  HIS B CA  1 
ATOM   614  C  C   . HIS B 1 10 ? 1.242   -4.444  14.819  1.00 73.54 ? -1  HIS B C   1 
ATOM   615  O  O   . HIS B 1 10 ? 0.181   -4.070  14.331  1.00 72.44 ? -1  HIS B O   1 
ATOM   616  C  CB  . HIS B 1 10 ? 0.503   -6.819  14.415  1.00 79.94 ? -1  HIS B CB  1 
ATOM   617  C  CG  . HIS B 1 10 ? 0.881   -8.267  14.474  1.00 80.94 ? -1  HIS B CG  1 
ATOM   618  N  ND1 . HIS B 1 10 ? 1.853   -8.816  13.663  1.00 81.63 ? -1  HIS B ND1 1 
ATOM   619  C  CD2 . HIS B 1 10 ? 0.476   -9.262  15.299  1.00 81.40 ? -1  HIS B CD2 1 
ATOM   620  C  CE1 . HIS B 1 10 ? 2.029   -10.084 13.987  1.00 82.40 ? -1  HIS B CE1 1 
ATOM   621  N  NE2 . HIS B 1 10 ? 1.207   -10.380 14.978  1.00 82.05 ? -1  HIS B NE2 1 
HETATM 622  N  N   . MSE B 1 11 ? 2.217   -3.626  15.186  1.00 71.11 ? 0   MSE B N   1 
HETATM 623  C  CA  . MSE B 1 11 ? 2.149   -2.187  15.049  1.00 69.70 ? 0   MSE B CA  1 
HETATM 624  C  C   . MSE B 1 11 ? 2.174   -1.802  13.591  1.00 65.36 ? 0   MSE B C   1 
HETATM 625  O  O   . MSE B 1 11 ? 2.687   -2.536  12.747  1.00 64.34 ? 0   MSE B O   1 
HETATM 626  C  CB  . MSE B 1 11 ? 3.363   -1.533  15.711  1.00 77.11 ? 0   MSE B CB  1 
HETATM 627  C  CG  . MSE B 1 11 ? 3.439   -1.656  17.211  1.00 85.32 ? 0   MSE B CG  1 
HETATM 628  SE SE  . MSE B 1 11 ? 1.968   -0.727  18.029  1.00 98.85 ? 0   MSE B SE  1 
HETATM 629  C  CE  . MSE B 1 11 ? 1.333   -2.166  19.166  1.00 93.34 ? 0   MSE B CE  1 
ATOM   630  N  N   . LEU B 1 12 ? 1.628   -0.632  13.307  1.00 60.82 ? 4   LEU B N   1 
ATOM   631  C  CA  . LEU B 1 12 ? 1.618   -0.099  11.957  1.00 56.94 ? 4   LEU B CA  1 
ATOM   632  C  C   . LEU B 1 12 ? 2.653   1.023   11.948  1.00 54.45 ? 4   LEU B C   1 
ATOM   633  O  O   . LEU B 1 12 ? 2.594   1.943   12.753  1.00 52.37 ? 4   LEU B O   1 
ATOM   634  C  CB  . LEU B 1 12 ? 0.216   0.417   11.612  1.00 55.18 ? 4   LEU B CB  1 
ATOM   635  C  CG  . LEU B 1 12 ? 0.000   1.478   10.530  1.00 52.81 ? 4   LEU B CG  1 
ATOM   636  C  CD1 . LEU B 1 12 ? 0.883   1.236   9.324   1.00 53.98 ? 4   LEU B CD1 1 
ATOM   637  C  CD2 . LEU B 1 12 ? -1.463  1.452   10.146  1.00 52.46 ? 4   LEU B CD2 1 
ATOM   638  N  N   . ALA B 1 13 ? 3.636   0.919   11.070  1.00 53.64 ? 5   ALA B N   1 
ATOM   639  C  CA  . ALA B 1 13 ? 4.661   1.945   11.004  1.00 54.68 ? 5   ALA B CA  1 
ATOM   640  C  C   . ALA B 1 13 ? 4.549   2.601   9.648   1.00 55.97 ? 5   ALA B C   1 
ATOM   641  O  O   . ALA B 1 13 ? 4.093   1.975   8.685   1.00 57.27 ? 5   ALA B O   1 
ATOM   642  C  CB  . ALA B 1 13 ? 6.044   1.332   11.188  1.00 50.13 ? 5   ALA B CB  1 
ATOM   643  N  N   . VAL B 1 14 ? 4.939   3.866   9.581   1.00 56.19 ? 6   VAL B N   1 
ATOM   644  C  CA  . VAL B 1 14 ? 4.905   4.610   8.330   1.00 56.82 ? 6   VAL B CA  1 
ATOM   645  C  C   . VAL B 1 14 ? 6.287   5.190   8.130   1.00 57.84 ? 6   VAL B C   1 
ATOM   646  O  O   . VAL B 1 14 ? 6.936   5.605   9.105   1.00 58.01 ? 6   VAL B O   1 
ATOM   647  C  CB  . VAL B 1 14 ? 3.905   5.748   8.388   1.00 55.63 ? 6   VAL B CB  1 
ATOM   648  C  CG1 . VAL B 1 14 ? 3.768   6.380   7.026   1.00 52.58 ? 6   VAL B CG1 1 
ATOM   649  C  CG2 . VAL B 1 14 ? 2.581   5.221   8.894   1.00 57.37 ? 6   VAL B CG2 1 
ATOM   650  N  N   . VAL B 1 15 ? 6.742   5.209   6.878   1.00 58.56 ? 7   VAL B N   1 
ATOM   651  C  CA  . VAL B 1 15 ? 8.071   5.727   6.548   1.00 60.27 ? 7   VAL B CA  1 
ATOM   652  C  C   . VAL B 1 15 ? 7.972   6.710   5.391   1.00 61.02 ? 7   VAL B C   1 
ATOM   653  O  O   . VAL B 1 15 ? 7.497   6.353   4.314   1.00 63.35 ? 7   VAL B O   1 
ATOM   654  C  CB  . VAL B 1 15 ? 9.041   4.583   6.123   1.00 60.15 ? 7   VAL B CB  1 
ATOM   655  C  CG1 . VAL B 1 15 ? 10.465  5.091   6.141   1.00 60.77 ? 7   VAL B CG1 1 
ATOM   656  C  CG2 . VAL B 1 15 ? 8.882   3.367   7.034   1.00 58.87 ? 7   VAL B CG2 1 
ATOM   657  N  N   . GLY B 1 16 ? 8.418   7.941   5.600   1.00 62.06 ? 8   GLY B N   1 
ATOM   658  C  CA  . GLY B 1 16 ? 8.354   8.916   4.529   1.00 64.08 ? 8   GLY B CA  1 
ATOM   659  C  C   . GLY B 1 16 ? 8.713   10.324  4.950   1.00 66.78 ? 8   GLY B C   1 
ATOM   660  O  O   . GLY B 1 16 ? 8.962   10.585  6.130   1.00 65.54 ? 8   GLY B O   1 
ATOM   661  N  N   . ASP B 1 17 ? 8.744   11.233  3.976   1.00 70.14 ? 9   ASP B N   1 
ATOM   662  C  CA  . ASP B 1 17 ? 9.070   12.637  4.229   1.00 73.27 ? 9   ASP B CA  1 
ATOM   663  C  C   . ASP B 1 17 ? 8.008   13.250  5.130   1.00 72.98 ? 9   ASP B C   1 
ATOM   664  O  O   . ASP B 1 17 ? 6.879   12.768  5.180   1.00 73.47 ? 9   ASP B O   1 
ATOM   665  C  CB  . ASP B 1 17 ? 9.140   13.421  2.914   1.00 75.89 ? 9   ASP B CB  1 
ATOM   666  C  CG  . ASP B 1 17 ? 7.779   13.567  2.242   1.00 81.12 ? 9   ASP B CG  1 
ATOM   667  O  OD1 . ASP B 1 17 ? 7.201   12.535  1.814   1.00 82.61 ? 9   ASP B OD1 1 
ATOM   668  O  OD2 . ASP B 1 17 ? 7.290   14.717  2.144   1.00 82.18 ? 9   ASP B OD2 1 
ATOM   669  N  N   . PRO B 1 18 ? 8.351   14.333  5.843   1.00 73.33 ? 10  PRO B N   1 
ATOM   670  C  CA  . PRO B 1 18 ? 7.419   15.014  6.755   1.00 73.24 ? 10  PRO B CA  1 
ATOM   671  C  C   . PRO B 1 18 ? 6.029   15.343  6.178   1.00 72.21 ? 10  PRO B C   1 
ATOM   672  O  O   . PRO B 1 18 ? 5.035   15.313  6.902   1.00 71.40 ? 10  PRO B O   1 
ATOM   673  C  CB  . PRO B 1 18 ? 8.202   16.259  7.173   1.00 73.00 ? 10  PRO B CB  1 
ATOM   674  C  CG  . PRO B 1 18 ? 9.091   16.514  5.966   1.00 73.31 ? 10  PRO B CG  1 
ATOM   675  C  CD  . PRO B 1 18 ? 9.578   15.127  5.663   1.00 73.08 ? 10  PRO B CD  1 
ATOM   676  N  N   . ASP B 1 19 ? 5.967   15.658  4.888   1.00 70.77 ? 11  ASP B N   1 
ATOM   677  C  CA  . ASP B 1 19 ? 4.700   15.968  4.229   1.00 69.80 ? 11  ASP B CA  1 
ATOM   678  C  C   . ASP B 1 19 ? 3.840   14.717  4.124   1.00 67.53 ? 11  ASP B C   1 
ATOM   679  O  O   . ASP B 1 19 ? 2.616   14.787  4.159   1.00 68.61 ? 11  ASP B O   1 
ATOM   680  C  CB  . ASP B 1 19 ? 4.956   16.502  2.817   1.00 73.71 ? 11  ASP B CB  1 
ATOM   681  C  CG  . ASP B 1 19 ? 4.684   17.987  2.690   1.00 75.78 ? 11  ASP B CG  1 
ATOM   682  O  OD1 . ASP B 1 19 ? 5.052   18.732  3.625   1.00 76.50 ? 11  ASP B OD1 1 
ATOM   683  O  OD2 . ASP B 1 19 ? 4.113   18.402  1.650   1.00 76.17 ? 11  ASP B OD2 1 
ATOM   684  N  N   . PHE B 1 20 ? 4.498   13.573  3.980   1.00 64.50 ? 12  PHE B N   1 
ATOM   685  C  CA  . PHE B 1 20 ? 3.830   12.290  3.852   1.00 61.33 ? 12  PHE B CA  1 
ATOM   686  C  C   . PHE B 1 20 ? 3.402   11.739  5.199   1.00 61.27 ? 12  PHE B C   1 
ATOM   687  O  O   . PHE B 1 20 ? 2.400   11.041  5.290   1.00 61.83 ? 12  PHE B O   1 
ATOM   688  C  CB  . PHE B 1 20 ? 4.778   11.306  3.157   1.00 59.78 ? 12  PHE B CB  1 
ATOM   689  C  CG  . PHE B 1 20 ? 4.197   9.927   2.931   1.00 57.50 ? 12  PHE B CG  1 
ATOM   690  C  CD1 . PHE B 1 20 ? 4.167   8.985   3.951   1.00 55.85 ? 12  PHE B CD1 1 
ATOM   691  C  CD2 . PHE B 1 20 ? 3.732   9.557   1.680   1.00 55.65 ? 12  PHE B CD2 1 
ATOM   692  C  CE1 . PHE B 1 20 ? 3.689   7.702   3.728   1.00 54.00 ? 12  PHE B CE1 1 
ATOM   693  C  CE2 . PHE B 1 20 ? 3.252   8.274   1.454   1.00 55.18 ? 12  PHE B CE2 1 
ATOM   694  C  CZ  . PHE B 1 20 ? 3.233   7.347   2.480   1.00 54.78 ? 12  PHE B CZ  1 
ATOM   695  N  N   . THR B 1 21 ? 4.149   12.062  6.248   1.00 61.25 ? 13  THR B N   1 
ATOM   696  C  CA  . THR B 1 21 ? 3.857   11.557  7.586   1.00 61.21 ? 13  THR B CA  1 
ATOM   697  C  C   . THR B 1 21 ? 2.720   12.245  8.364   1.00 61.18 ? 13  THR B C   1 
ATOM   698  O  O   . THR B 1 21 ? 1.959   11.574  9.073   1.00 59.93 ? 13  THR B O   1 
ATOM   699  C  CB  . THR B 1 21 ? 5.141   11.573  8.416   1.00 59.63 ? 13  THR B CB  1 
ATOM   700  N  N   . ILE B 1 22 ? 2.603   13.567  8.232   1.00 61.96 ? 14  ILE B N   1 
ATOM   701  C  CA  . ILE B 1 22 ? 1.581   14.345  8.955   1.00 61.52 ? 14  ILE B CA  1 
ATOM   702  C  C   . ILE B 1 22 ? 0.183   13.796  8.917   1.00 59.83 ? 14  ILE B C   1 
ATOM   703  O  O   . ILE B 1 22 ? -0.473  13.727  9.947   1.00 59.36 ? 14  ILE B O   1 
ATOM   704  C  CB  . ILE B 1 22 ? 1.488   15.814  8.474   1.00 62.96 ? 14  ILE B CB  1 
ATOM   705  C  CG1 . ILE B 1 22 ? 1.938   15.912  7.015   1.00 63.27 ? 14  ILE B CG1 1 
ATOM   706  C  CG2 . ILE B 1 22 ? 2.256   16.722  9.427   1.00 61.96 ? 14  ILE B CG2 1 
ATOM   707  C  CD1 . ILE B 1 22 ? 2.309   17.315  6.583   1.00 66.47 ? 14  ILE B CD1 1 
ATOM   708  N  N   . GLY B 1 23 ? -0.284  13.431  7.730   1.00 58.69 ? 15  GLY B N   1 
ATOM   709  C  CA  . GLY B 1 23 ? -1.624  12.891  7.637   1.00 57.55 ? 15  GLY B CA  1 
ATOM   710  C  C   . GLY B 1 23 ? -1.865  11.724  8.590   1.00 56.01 ? 15  GLY B C   1 
ATOM   711  O  O   . GLY B 1 23 ? -2.958  11.584  9.147   1.00 53.62 ? 15  GLY B O   1 
ATOM   712  N  N   . PHE B 1 24 ? -0.838  10.899  8.779   1.00 55.74 ? 16  PHE B N   1 
ATOM   713  C  CA  . PHE B 1 24 ? -0.934  9.725   9.631   1.00 57.51 ? 16  PHE B CA  1 
ATOM   714  C  C   . PHE B 1 24 ? -0.831  10.049  11.114  1.00 60.02 ? 16  PHE B C   1 
ATOM   715  O  O   . PHE B 1 24 ? -1.482  9.409   11.951  1.00 57.65 ? 16  PHE B O   1 
ATOM   716  C  CB  . PHE B 1 24 ? 0.138   8.702   9.233   1.00 56.25 ? 16  PHE B CB  1 
ATOM   717  C  CG  . PHE B 1 24 ? 0.076   8.286   7.782   1.00 54.71 ? 16  PHE B CG  1 
ATOM   718  C  CD1 . PHE B 1 24 ? 0.928   8.850   6.844   1.00 51.95 ? 16  PHE B CD1 1 
ATOM   719  C  CD2 . PHE B 1 24 ? -0.854  7.339   7.351   1.00 54.80 ? 16  PHE B CD2 1 
ATOM   720  C  CE1 . PHE B 1 24 ? 0.856   8.476   5.503   1.00 51.84 ? 16  PHE B CE1 1 
ATOM   721  C  CE2 . PHE B 1 24 ? -0.930  6.964   6.004   1.00 52.25 ? 16  PHE B CE2 1 
ATOM   722  C  CZ  . PHE B 1 24 ? -0.077  7.531   5.085   1.00 51.01 ? 16  PHE B CZ  1 
HETATM 723  N  N   . MSE B 1 25 ? -0.009  11.043  11.439  1.00 63.18 ? 17  MSE B N   1 
HETATM 724  C  CA  . MSE B 1 25 ? 0.161   11.456  12.821  1.00 64.58 ? 17  MSE B CA  1 
HETATM 725  C  C   . MSE B 1 25 ? -1.102  12.124  13.340  1.00 64.68 ? 17  MSE B C   1 
HETATM 726  O  O   . MSE B 1 25 ? -1.518  11.881  14.475  1.00 66.93 ? 17  MSE B O   1 
HETATM 727  C  CB  . MSE B 1 25 ? 1.329   12.417  12.950  1.00 66.73 ? 17  MSE B CB  1 
HETATM 728  C  CG  . MSE B 1 25 ? 2.654   11.790  12.636  1.00 73.06 ? 17  MSE B CG  1 
HETATM 729  SE SE  . MSE B 1 25 ? 4.085   12.973  13.116  1.00 87.12 ? 17  MSE B SE  1 
HETATM 730  C  CE  . MSE B 1 25 ? 3.872   14.294  11.706  1.00 79.42 ? 17  MSE B CE  1 
ATOM   731  N  N   . LEU B 1 26 ? -1.708  12.972  12.517  1.00 62.67 ? 18  LEU B N   1 
ATOM   732  C  CA  . LEU B 1 26 ? -2.922  13.649  12.929  1.00 60.77 ? 18  LEU B CA  1 
ATOM   733  C  C   . LEU B 1 26 ? -3.981  12.593  13.162  1.00 59.66 ? 18  LEU B C   1 
ATOM   734  O  O   . LEU B 1 26 ? -4.867  12.753  14.012  1.00 57.88 ? 18  LEU B O   1 
ATOM   735  C  CB  . LEU B 1 26 ? -3.373  14.638  11.855  1.00 60.81 ? 18  LEU B CB  1 
ATOM   736  C  CG  . LEU B 1 26 ? -2.528  15.912  11.788  1.00 61.52 ? 18  LEU B CG  1 
ATOM   737  C  CD1 . LEU B 1 26 ? -2.934  16.789  10.613  1.00 61.26 ? 18  LEU B CD1 1 
ATOM   738  C  CD2 . LEU B 1 26 ? -2.694  16.662  13.092  1.00 62.63 ? 18  LEU B CD2 1 
ATOM   739  N  N   . ALA B 1 27 ? -3.853  11.501  12.411  1.00 58.78 ? 19  ALA B N   1 
ATOM   740  C  CA  . ALA B 1 27 ? -4.783  10.379  12.495  1.00 59.43 ? 19  ALA B CA  1 
ATOM   741  C  C   . ALA B 1 27 ? -4.440  9.444   13.638  1.00 59.09 ? 19  ALA B C   1 
ATOM   742  O  O   . ALA B 1 27 ? -5.003  8.360   13.746  1.00 58.19 ? 19  ALA B O   1 
ATOM   743  C  CB  . ALA B 1 27 ? -4.799  9.603   11.186  1.00 60.01 ? 19  ALA B CB  1 
ATOM   744  N  N   . GLY B 1 28 ? -3.497  9.860   14.475  1.00 58.73 ? 20  GLY B N   1 
ATOM   745  C  CA  . GLY B 1 28 ? -3.123  9.060   15.622  1.00 58.59 ? 20  GLY B CA  1 
ATOM   746  C  C   . GLY B 1 28 ? -2.119  7.949   15.411  1.00 59.22 ? 20  GLY B C   1 
ATOM   747  O  O   . GLY B 1 28 ? -2.001  7.078   16.262  1.00 59.60 ? 20  GLY B O   1 
ATOM   748  N  N   . ILE B 1 29 ? -1.392  7.967   14.299  1.00 61.12 ? 21  ILE B N   1 
ATOM   749  C  CA  . ILE B 1 29 ? -0.390  6.931   14.018  1.00 63.21 ? 21  ILE B CA  1 
ATOM   750  C  C   . ILE B 1 29 ? 0.995   7.417   14.462  1.00 64.00 ? 21  ILE B C   1 
ATOM   751  O  O   . ILE B 1 29 ? 1.704   8.082   13.701  1.00 65.74 ? 21  ILE B O   1 
ATOM   752  C  CB  . ILE B 1 29 ? -0.369  6.598   12.514  1.00 62.80 ? 21  ILE B CB  1 
ATOM   753  C  CG1 . ILE B 1 29 ? -1.781  6.190   12.062  1.00 63.21 ? 21  ILE B CG1 1 
ATOM   754  C  CG2 . ILE B 1 29 ? 0.657   5.509   12.241  1.00 61.44 ? 21  ILE B CG2 1 
ATOM   755  C  CD1 . ILE B 1 29 ? -1.938  5.951   10.559  1.00 62.69 ? 21  ILE B CD1 1 
ATOM   756  N  N   . SER B 1 30 ? 1.382   7.065   15.687  1.00 63.11 ? 22  SER B N   1 
ATOM   757  C  CA  . SER B 1 30 ? 2.650   7.517   16.262  1.00 62.71 ? 22  SER B CA  1 
ATOM   758  C  C   . SER B 1 30 ? 3.877   6.678   15.999  1.00 61.96 ? 22  SER B C   1 
ATOM   759  O  O   . SER B 1 30 ? 4.951   6.982   16.511  1.00 60.91 ? 22  SER B O   1 
ATOM   760  C  CB  . SER B 1 30 ? 2.504   7.685   17.776  1.00 63.35 ? 22  SER B CB  1 
ATOM   761  O  OG  . SER B 1 30 ? 2.040   6.491   18.378  1.00 63.28 ? 22  SER B OG  1 
ATOM   762  N  N   . ASP B 1 31 ? 3.729   5.629   15.206  1.00 63.21 ? 23  ASP B N   1 
ATOM   763  C  CA  . ASP B 1 31 ? 4.859   4.757   14.911  1.00 63.50 ? 23  ASP B CA  1 
ATOM   764  C  C   . ASP B 1 31 ? 5.462   5.139   13.564  1.00 62.39 ? 23  ASP B C   1 
ATOM   765  O  O   . ASP B 1 31 ? 5.665   4.295   12.690  1.00 63.14 ? 23  ASP B O   1 
ATOM   766  C  CB  . ASP B 1 31 ? 4.385   3.300   14.912  1.00 64.01 ? 23  ASP B CB  1 
ATOM   767  C  CG  . ASP B 1 31 ? 5.500   2.325   15.212  1.00 64.98 ? 23  ASP B CG  1 
ATOM   768  O  OD1 . ASP B 1 31 ? 5.191   1.167   15.571  1.00 65.84 ? 23  ASP B OD1 1 
ATOM   769  O  OD2 . ASP B 1 31 ? 6.683   2.713   15.085  1.00 64.51 ? 23  ASP B OD2 1 
ATOM   770  N  N   . ILE B 1 32 ? 5.761   6.422   13.408  1.00 61.30 ? 24  ILE B N   1 
ATOM   771  C  CA  . ILE B 1 32 ? 6.298   6.922   12.151  1.00 61.66 ? 24  ILE B CA  1 
ATOM   772  C  C   . ILE B 1 32 ? 7.804   7.216   12.119  1.00 61.98 ? 24  ILE B C   1 
ATOM   773  O  O   . ILE B 1 32 ? 8.391   7.620   13.127  1.00 61.76 ? 24  ILE B O   1 
ATOM   774  C  CB  . ILE B 1 32 ? 5.459   8.175   11.692  1.00 60.63 ? 24  ILE B CB  1 
ATOM   775  C  CG1 . ILE B 1 32 ? 6.272   9.063   10.740  1.00 60.60 ? 24  ILE B CG1 1 
ATOM   776  C  CG2 . ILE B 1 32 ? 4.940   8.924   12.893  1.00 55.74 ? 24  ILE B CG2 1 
ATOM   777  C  CD1 . ILE B 1 32 ? 7.242   10.003  11.408  1.00 58.97 ? 24  ILE B CD1 1 
ATOM   778  N  N   . TYR B 1 33 ? 8.411   6.988   10.952  1.00 61.17 ? 25  TYR B N   1 
ATOM   779  C  CA  . TYR B 1 33 ? 9.834   7.234   10.720  1.00 62.07 ? 25  TYR B CA  1 
ATOM   780  C  C   . TYR B 1 33 ? 9.994   8.396   9.730   1.00 64.49 ? 25  TYR B C   1 
ATOM   781  O  O   . TYR B 1 33 ? 9.745   8.212   8.542   1.00 64.63 ? 25  TYR B O   1 
ATOM   782  C  CB  . TYR B 1 33 ? 10.497  6.011   10.087  1.00 60.40 ? 25  TYR B CB  1 
ATOM   783  C  CG  . TYR B 1 33 ? 10.756  4.831   10.994  1.00 60.07 ? 25  TYR B CG  1 
ATOM   784  C  CD1 . TYR B 1 33 ? 12.002  4.657   11.613  1.00 56.96 ? 25  TYR B CD1 1 
ATOM   785  C  CD2 . TYR B 1 33 ? 9.764   3.865   11.218  1.00 58.63 ? 25  TYR B CD2 1 
ATOM   786  C  CE1 . TYR B 1 33 ? 12.249  3.549   12.437  1.00 54.53 ? 25  TYR B CE1 1 
ATOM   787  C  CE2 . TYR B 1 33 ? 10.006  2.753   12.039  1.00 54.82 ? 25  TYR B CE2 1 
ATOM   788  C  CZ  . TYR B 1 33 ? 11.242  2.606   12.645  1.00 54.23 ? 25  TYR B CZ  1 
ATOM   789  O  OH  . TYR B 1 33 ? 11.449  1.546   13.492  1.00 52.66 ? 25  TYR B OH  1 
ATOM   790  N  N   . GLU B 1 34 ? 10.409  9.576   10.199  1.00 67.90 ? 26  GLU B N   1 
ATOM   791  C  CA  . GLU B 1 34 ? 10.610  10.737  9.312   1.00 71.38 ? 26  GLU B CA  1 
ATOM   792  C  C   . GLU B 1 34 ? 11.828  10.468  8.438   1.00 71.39 ? 26  GLU B C   1 
ATOM   793  O  O   . GLU B 1 34 ? 12.891  10.113  8.941   1.00 71.19 ? 26  GLU B O   1 
ATOM   794  C  CB  . GLU B 1 34 ? 10.855  12.009  10.121  1.00 75.36 ? 26  GLU B CB  1 
ATOM   795  C  CG  . GLU B 1 34 ? 9.705   12.410  11.029  1.00 81.95 ? 26  GLU B CG  1 
ATOM   796  C  CD  . GLU B 1 34 ? 8.586   13.106  10.281  1.00 85.77 ? 26  GLU B CD  1 
ATOM   797  O  OE1 . GLU B 1 34 ? 8.142   12.573  9.240   1.00 88.33 ? 26  GLU B OE1 1 
ATOM   798  O  OE2 . GLU B 1 34 ? 8.147   14.186  10.739  1.00 88.67 ? 26  GLU B OE2 1 
ATOM   799  N  N   . VAL B 1 35 ? 11.682  10.658  7.134   1.00 71.54 ? 27  VAL B N   1 
ATOM   800  C  CA  . VAL B 1 35 ? 12.780  10.369  6.232   1.00 72.60 ? 27  VAL B CA  1 
ATOM   801  C  C   . VAL B 1 35 ? 12.915  11.279  5.013   1.00 74.29 ? 27  VAL B C   1 
ATOM   802  O  O   . VAL B 1 35 ? 11.935  11.743  4.446   1.00 74.29 ? 27  VAL B O   1 
ATOM   803  C  CB  . VAL B 1 35 ? 12.683  8.901   5.769   1.00 72.12 ? 27  VAL B CB  1 
ATOM   804  C  CG1 . VAL B 1 35 ? 13.173  8.754   4.346   1.00 71.48 ? 27  VAL B CG1 1 
ATOM   805  C  CG2 . VAL B 1 35 ? 13.483  8.018   6.714   1.00 71.67 ? 27  VAL B CG2 1 
ATOM   806  N  N   . THR B 1 36 ? 14.157  11.505  4.610   1.00 77.10 ? 28  THR B N   1 
ATOM   807  C  CA  . THR B 1 36 ? 14.464  12.345  3.467   1.00 79.25 ? 28  THR B CA  1 
ATOM   808  C  C   . THR B 1 36 ? 15.687  11.791  2.733   1.00 81.36 ? 28  THR B C   1 
ATOM   809  O  O   . THR B 1 36 ? 15.598  11.309  1.597   1.00 81.81 ? 28  THR B O   1 
ATOM   810  C  CB  . THR B 1 36 ? 14.763  13.760  3.937   1.00 79.33 ? 28  THR B CB  1 
ATOM   811  O  OG1 . THR B 1 36 ? 15.515  13.693  5.155   1.00 79.41 ? 28  THR B OG1 1 
ATOM   812  C  CG2 . THR B 1 36 ? 13.474  14.526  4.179   1.00 79.57 ? 28  THR B CG2 1 
ATOM   813  N  N   . SER B 1 37 ? 16.831  11.854  3.398   1.00 82.63 ? 29  SER B N   1 
ATOM   814  C  CA  . SER B 1 37 ? 18.074  11.373  2.822   1.00 84.74 ? 29  SER B CA  1 
ATOM   815  C  C   . SER B 1 37 ? 17.967  9.922   2.407   1.00 85.23 ? 29  SER B C   1 
ATOM   816  O  O   . SER B 1 37 ? 17.452  9.100   3.159   1.00 85.91 ? 29  SER B O   1 
ATOM   817  C  CB  . SER B 1 37 ? 19.197  11.519  3.838   1.00 85.48 ? 29  SER B CB  1 
ATOM   818  O  OG  . SER B 1 37 ? 19.167  12.816  4.411   1.00 89.91 ? 29  SER B OG  1 
ATOM   819  N  N   . ASP B 1 38 ? 18.456  9.616   1.209   1.00 85.50 ? 30  ASP B N   1 
ATOM   820  C  CA  . ASP B 1 38 ? 18.440  8.253   0.689   1.00 85.50 ? 30  ASP B CA  1 
ATOM   821  C  C   . ASP B 1 38 ? 18.952  7.268   1.726   1.00 85.60 ? 30  ASP B C   1 
ATOM   822  O  O   . ASP B 1 38 ? 18.436  6.159   1.854   1.00 85.15 ? 30  ASP B O   1 
ATOM   823  C  CB  . ASP B 1 38 ? 19.324  8.157   -0.548  1.00 85.28 ? 30  ASP B CB  1 
ATOM   824  C  CG  . ASP B 1 38 ? 18.550  8.317   -1.827  1.00 86.19 ? 30  ASP B CG  1 
ATOM   825  O  OD1 . ASP B 1 38 ? 17.756  9.274   -1.927  1.00 86.95 ? 30  ASP B OD1 1 
ATOM   826  O  OD2 . ASP B 1 38 ? 18.742  7.484   -2.737  1.00 86.43 ? 30  ASP B OD2 1 
ATOM   827  N  N   . GLU B 1 39 ? 19.984  7.686   2.455   1.00 86.85 ? 31  GLU B N   1 
ATOM   828  C  CA  . GLU B 1 39 ? 20.603  6.863   3.489   1.00 87.02 ? 31  GLU B CA  1 
ATOM   829  C  C   . GLU B 1 39 ? 19.647  6.663   4.655   1.00 84.56 ? 31  GLU B C   1 
ATOM   830  O  O   . GLU B 1 39 ? 19.641  5.603   5.287   1.00 84.05 ? 31  GLU B O   1 
ATOM   831  C  CB  . GLU B 1 39 ? 21.902  7.527   3.975   1.00 90.24 ? 31  GLU B CB  1 
ATOM   832  C  CG  . GLU B 1 39 ? 22.670  6.768   5.066   1.00 92.22 ? 31  GLU B CG  1 
ATOM   833  C  CD  . GLU B 1 39 ? 24.081  7.322   5.291   1.00 94.05 ? 31  GLU B CD  1 
ATOM   834  O  OE1 . GLU B 1 39 ? 24.452  8.330   4.642   1.00 93.37 ? 31  GLU B OE1 1 
ATOM   835  O  OE2 . GLU B 1 39 ? 24.821  6.747   6.119   1.00 94.40 ? 31  GLU B OE2 1 
ATOM   836  N  N   . GLU B 1 40 ? 18.839  7.688   4.922   1.00 82.01 ? 32  GLU B N   1 
ATOM   837  C  CA  . GLU B 1 40 ? 17.864  7.651   6.008   1.00 79.84 ? 32  GLU B CA  1 
ATOM   838  C  C   . GLU B 1 40 ? 16.709  6.715   5.683   1.00 77.93 ? 32  GLU B C   1 
ATOM   839  O  O   . GLU B 1 40 ? 16.126  6.107   6.580   1.00 77.98 ? 32  GLU B O   1 
ATOM   840  C  CB  . GLU B 1 40 ? 17.322  9.050   6.275   1.00 80.40 ? 32  GLU B CB  1 
ATOM   841  C  CG  . GLU B 1 40 ? 18.388  10.050  6.658   1.00 82.68 ? 32  GLU B CG  1 
ATOM   842  C  CD  . GLU B 1 40 ? 17.818  11.411  7.009   1.00 83.98 ? 32  GLU B CD  1 
ATOM   843  O  OE1 . GLU B 1 40 ? 17.170  12.040  6.139   1.00 84.47 ? 32  GLU B OE1 1 
ATOM   844  O  OE2 . GLU B 1 40 ? 18.020  11.849  8.160   1.00 84.29 ? 32  GLU B OE2 1 
ATOM   845  N  N   . ILE B 1 41 ? 16.379  6.612   4.400   1.00 74.40 ? 33  ILE B N   1 
ATOM   846  C  CA  . ILE B 1 41 ? 15.305  5.741   3.956   1.00 71.22 ? 33  ILE B CA  1 
ATOM   847  C  C   . ILE B 1 41 ? 15.715  4.308   4.245   1.00 70.87 ? 33  ILE B C   1 
ATOM   848  O  O   . ILE B 1 41 ? 14.982  3.543   4.878   1.00 71.50 ? 33  ILE B O   1 
ATOM   849  C  CB  . ILE B 1 41 ? 15.067  5.861   2.438   1.00 70.43 ? 33  ILE B CB  1 
ATOM   850  C  CG1 . ILE B 1 41 ? 14.754  7.311   2.068   1.00 70.72 ? 33  ILE B CG1 1 
ATOM   851  C  CG2 . ILE B 1 41 ? 13.935  4.945   2.018   1.00 67.94 ? 33  ILE B CG2 1 
ATOM   852  C  CD1 . ILE B 1 41 ? 14.425  7.523   0.602   1.00 70.65 ? 33  ILE B CD1 1 
ATOM   853  N  N   . VAL B 1 42 ? 16.907  3.960   3.775   1.00 69.54 ? 34  VAL B N   1 
ATOM   854  C  CA  . VAL B 1 42 ? 17.450  2.620   3.927   1.00 66.90 ? 34  VAL B CA  1 
ATOM   855  C  C   . VAL B 1 42 ? 17.659  2.184   5.375   1.00 65.69 ? 34  VAL B C   1 
ATOM   856  O  O   . VAL B 1 42 ? 17.417  1.027   5.713   1.00 64.88 ? 34  VAL B O   1 
ATOM   857  C  CB  . VAL B 1 42 ? 18.780  2.493   3.163   1.00 66.21 ? 34  VAL B CB  1 
ATOM   858  C  CG1 . VAL B 1 42 ? 19.295  1.068   3.244   1.00 66.09 ? 34  VAL B CG1 1 
ATOM   859  C  CG2 . VAL B 1 42 ? 18.582  2.909   1.714   1.00 64.03 ? 34  VAL B CG2 1 
ATOM   860  N  N   . LYS B 1 43 ? 18.110  3.094   6.230   1.00 64.25 ? 35  LYS B N   1 
ATOM   861  C  CA  . LYS B 1 43 ? 18.327  2.724   7.620   1.00 63.62 ? 35  LYS B CA  1 
ATOM   862  C  C   . LYS B 1 43 ? 16.984  2.467   8.270   1.00 62.63 ? 35  LYS B C   1 
ATOM   863  O  O   . LYS B 1 43 ? 16.810  1.472   8.958   1.00 62.51 ? 35  LYS B O   1 
ATOM   864  C  CB  . LYS B 1 43 ? 19.061  3.826   8.388   1.00 65.10 ? 35  LYS B CB  1 
ATOM   865  C  CG  . LYS B 1 43 ? 19.458  3.382   9.797   1.00 66.72 ? 35  LYS B CG  1 
ATOM   866  C  CD  . LYS B 1 43 ? 19.815  4.537   10.751  1.00 67.69 ? 35  LYS B CD  1 
ATOM   867  C  CE  . LYS B 1 43 ? 20.054  3.996   12.169  1.00 66.41 ? 35  LYS B CE  1 
ATOM   868  N  NZ  . LYS B 1 43 ? 20.198  5.051   13.201  1.00 64.89 ? 35  LYS B NZ  1 
ATOM   869  N  N   . ALA B 1 44 ? 16.034  3.370   8.039   1.00 62.47 ? 36  ALA B N   1 
ATOM   870  C  CA  . ALA B 1 44 ? 14.688  3.251   8.595   1.00 61.50 ? 36  ALA B CA  1 
ATOM   871  C  C   . ALA B 1 44 ? 14.109  1.894   8.270   1.00 61.01 ? 36  ALA B C   1 
ATOM   872  O  O   . ALA B 1 44 ? 13.527  1.230   9.130   1.00 63.37 ? 36  ALA B O   1 
ATOM   873  C  CB  . ALA B 1 44 ? 13.785  4.334   8.037   1.00 61.43 ? 36  ALA B CB  1 
ATOM   874  N  N   . VAL B 1 45 ? 14.265  1.478   7.023   1.00 59.66 ? 37  VAL B N   1 
ATOM   875  C  CA  . VAL B 1 45 ? 13.752  0.186   6.625   1.00 60.33 ? 37  VAL B CA  1 
ATOM   876  C  C   . VAL B 1 45 ? 14.535  -0.928  7.311   1.00 62.30 ? 37  VAL B C   1 
ATOM   877  O  O   . VAL B 1 45 ? 13.985  -1.969  7.649   1.00 61.83 ? 37  VAL B O   1 
ATOM   878  C  CB  . VAL B 1 45 ? 13.831  0.016   5.119   1.00 58.44 ? 37  VAL B CB  1 
ATOM   879  C  CG1 . VAL B 1 45 ? 13.225  -1.312  4.720   1.00 55.86 ? 37  VAL B CG1 1 
ATOM   880  C  CG2 . VAL B 1 45 ? 13.118  1.168   4.449   1.00 55.33 ? 37  VAL B CG2 1 
ATOM   881  N  N   . GLU B 1 46 ? 15.826  -0.712  7.517   1.00 65.57 ? 38  GLU B N   1 
ATOM   882  C  CA  . GLU B 1 46 ? 16.628  -1.720  8.186   1.00 69.47 ? 38  GLU B CA  1 
ATOM   883  C  C   . GLU B 1 46 ? 16.122  -1.785  9.612   1.00 70.68 ? 38  GLU B C   1 
ATOM   884  O  O   . GLU B 1 46 ? 15.900  -2.868  10.160  1.00 72.37 ? 38  GLU B O   1 
ATOM   885  C  CB  . GLU B 1 46 ? 18.111  -1.333  8.182   1.00 71.40 ? 38  GLU B CB  1 
ATOM   886  C  CG  . GLU B 1 46 ? 18.854  -1.671  6.888   1.00 75.94 ? 38  GLU B CG  1 
ATOM   887  C  CD  . GLU B 1 46 ? 20.300  -1.179  6.885   1.00 78.05 ? 38  GLU B CD  1 
ATOM   888  O  OE1 . GLU B 1 46 ? 21.073  -1.589  5.988   1.00 77.05 ? 38  GLU B OE1 1 
ATOM   889  O  OE2 . GLU B 1 46 ? 20.660  -0.376  7.777   1.00 78.89 ? 38  GLU B OE2 1 
ATOM   890  N  N   . ASP B 1 47 ? 15.925  -0.607  10.198  1.00 70.26 ? 39  ASP B N   1 
ATOM   891  C  CA  . ASP B 1 47 ? 15.464  -0.499  11.568  1.00 70.78 ? 39  ASP B CA  1 
ATOM   892  C  C   . ASP B 1 47 ? 14.100  -1.118  11.773  1.00 70.15 ? 39  ASP B C   1 
ATOM   893  O  O   . ASP B 1 47 ? 13.882  -1.841  12.745  1.00 70.70 ? 39  ASP B O   1 
ATOM   894  C  CB  . ASP B 1 47 ? 15.437  0.964   12.003  1.00 73.32 ? 39  ASP B CB  1 
ATOM   895  C  CG  . ASP B 1 47 ? 16.809  1.622   11.921  1.00 78.10 ? 39  ASP B CG  1 
ATOM   896  O  OD1 . ASP B 1 47 ? 17.798  1.036   12.434  1.00 78.30 ? 39  ASP B OD1 1 
ATOM   897  O  OD2 . ASP B 1 47 ? 16.894  2.731   11.343  1.00 79.44 ? 39  ASP B OD2 1 
ATOM   898  N  N   . VAL B 1 48 ? 13.177  -0.854  10.860  1.00 68.79 ? 40  VAL B N   1 
ATOM   899  C  CA  . VAL B 1 48 ? 11.846  -1.410  11.014  1.00 68.47 ? 40  VAL B CA  1 
ATOM   900  C  C   . VAL B 1 48 ? 11.882  -2.934  10.903  1.00 67.99 ? 40  VAL B C   1 
ATOM   901  O  O   . VAL B 1 48 ? 11.047  -3.633  11.473  1.00 68.46 ? 40  VAL B O   1 
ATOM   902  C  CB  . VAL B 1 48 ? 10.872  -0.804  9.978   1.00 67.53 ? 40  VAL B CB  1 
ATOM   903  C  CG1 . VAL B 1 48 ? 11.127  -1.387  8.622   1.00 67.93 ? 40  VAL B CG1 1 
ATOM   904  C  CG2 . VAL B 1 48 ? 9.447   -1.033  10.417  1.00 66.82 ? 40  VAL B CG2 1 
ATOM   905  N  N   . LEU B 1 49 ? 12.872  -3.452  10.188  1.00 68.89 ? 41  LEU B N   1 
ATOM   906  C  CA  . LEU B 1 49 ? 13.006  -4.898  10.021  1.00 68.34 ? 41  LEU B CA  1 
ATOM   907  C  C   . LEU B 1 49 ? 13.629  -5.539  11.248  1.00 68.80 ? 41  LEU B C   1 
ATOM   908  O  O   . LEU B 1 49 ? 13.404  -6.715  11.513  1.00 70.29 ? 41  LEU B O   1 
ATOM   909  C  CB  . LEU B 1 49 ? 13.840  -5.223  8.778   1.00 65.59 ? 41  LEU B CB  1 
ATOM   910  C  CG  . LEU B 1 49 ? 13.127  -4.969  7.446   1.00 64.46 ? 41  LEU B CG  1 
ATOM   911  C  CD1 . LEU B 1 49 ? 14.121  -4.929  6.311   1.00 63.14 ? 41  LEU B CD1 1 
ATOM   912  C  CD2 . LEU B 1 49 ? 12.090  -6.040  7.219   1.00 61.44 ? 41  LEU B CD2 1 
ATOM   913  N  N   . LYS B 1 50 ? 14.411  -4.770  11.999  1.00 69.51 ? 42  LYS B N   1 
ATOM   914  C  CA  . LYS B 1 50 ? 15.038  -5.306  13.201  1.00 69.55 ? 42  LYS B CA  1 
ATOM   915  C  C   . LYS B 1 50 ? 14.003  -5.437  14.309  1.00 68.15 ? 42  LYS B C   1 
ATOM   916  O  O   . LYS B 1 50 ? 14.185  -6.209  15.248  1.00 68.33 ? 42  LYS B O   1 
ATOM   917  C  CB  . LYS B 1 50 ? 16.179  -4.400  13.680  1.00 71.64 ? 42  LYS B CB  1 
ATOM   918  C  CG  . LYS B 1 50 ? 17.423  -4.423  12.810  1.00 74.20 ? 42  LYS B CG  1 
ATOM   919  C  CD  . LYS B 1 50 ? 18.682  -4.174  13.642  1.00 78.25 ? 42  LYS B CD  1 
ATOM   920  C  CE  . LYS B 1 50 ? 18.696  -2.778  14.279  1.00 81.39 ? 42  LYS B CE  1 
ATOM   921  N  NZ  . LYS B 1 50 ? 19.603  -2.693  15.476  1.00 81.61 ? 42  LYS B NZ  1 
ATOM   922  N  N   . ARG B 1 51 ? 12.914  -4.684  14.190  1.00 66.80 ? 43  ARG B N   1 
ATOM   923  C  CA  . ARG B 1 51 ? 11.849  -4.704  15.188  1.00 66.53 ? 43  ARG B CA  1 
ATOM   924  C  C   . ARG B 1 51 ? 11.048  -5.997  15.186  1.00 66.35 ? 43  ARG B C   1 
ATOM   925  O  O   . ARG B 1 51 ? 10.997  -6.710  14.181  1.00 67.47 ? 43  ARG B O   1 
ATOM   926  C  CB  . ARG B 1 51 ? 10.923  -3.503  14.986  1.00 64.17 ? 43  ARG B CB  1 
ATOM   927  C  CG  . ARG B 1 51 ? 11.624  -2.202  15.262  1.00 63.66 ? 43  ARG B CG  1 
ATOM   928  C  CD  . ARG B 1 51 ? 10.746  -1.022  15.010  1.00 64.28 ? 43  ARG B CD  1 
ATOM   929  N  NE  . ARG B 1 51 ? 9.432   -1.193  15.614  1.00 65.74 ? 43  ARG B NE  1 
ATOM   930  C  CZ  . ARG B 1 51 ? 8.481   -0.266  15.595  1.00 64.65 ? 43  ARG B CZ  1 
ATOM   931  N  NH1 . ARG B 1 51 ? 8.704   0.902   15.007  1.00 63.16 ? 43  ARG B NH1 1 
ATOM   932  N  NH2 . ARG B 1 51 ? 7.305   -0.515  16.152  1.00 65.48 ? 43  ARG B NH2 1 
ATOM   933  N  N   . ASP B 1 52 ? 10.414  -6.285  16.315  1.00 66.01 ? 44  ASP B N   1 
ATOM   934  C  CA  . ASP B 1 52 ? 9.631   -7.508  16.476  1.00 67.60 ? 44  ASP B CA  1 
ATOM   935  C  C   . ASP B 1 52 ? 8.152   -7.205  16.713  1.00 66.27 ? 44  ASP B C   1 
ATOM   936  O  O   . ASP B 1 52 ? 7.325   -8.121  16.797  1.00 66.25 ? 44  ASP B O   1 
ATOM   937  C  CB  . ASP B 1 52 ? 10.152  -8.267  17.683  1.00 69.61 ? 44  ASP B CB  1 
ATOM   938  C  CG  . ASP B 1 52 ? 9.898   -7.512  18.966  1.00 72.10 ? 44  ASP B CG  1 
ATOM   939  O  OD1 . ASP B 1 52 ? 10.114  -6.272  18.961  1.00 72.69 ? 44  ASP B OD1 1 
ATOM   940  O  OD2 . ASP B 1 52 ? 9.478   -8.144  19.962  1.00 73.59 ? 44  ASP B OD2 1 
ATOM   941  N  N   . ASP B 1 53 ? 7.836   -5.918  16.832  1.00 64.45 ? 45  ASP B N   1 
ATOM   942  C  CA  . ASP B 1 53 ? 6.478   -5.458  17.105  1.00 62.31 ? 45  ASP B CA  1 
ATOM   943  C  C   . ASP B 1 53 ? 5.778   -4.797  15.927  1.00 60.36 ? 45  ASP B C   1 
ATOM   944  O  O   . ASP B 1 53 ? 4.689   -4.248  16.095  1.00 59.37 ? 45  ASP B O   1 
ATOM   945  C  CB  . ASP B 1 53 ? 6.508   -4.460  18.260  1.00 63.97 ? 45  ASP B CB  1 
ATOM   946  C  CG  . ASP B 1 53 ? 7.580   -3.390  18.074  1.00 65.33 ? 45  ASP B CG  1 
ATOM   947  O  OD1 . ASP B 1 53 ? 8.122   -3.269  16.954  1.00 64.91 ? 45  ASP B OD1 1 
ATOM   948  O  OD2 . ASP B 1 53 ? 7.885   -2.663  19.045  1.00 66.81 ? 45  ASP B OD2 1 
ATOM   949  N  N   . VAL B 1 54 ? 6.395   -4.825  14.750  1.00 57.78 ? 46  VAL B N   1 
ATOM   950  C  CA  . VAL B 1 54 ? 5.785   -4.202  13.593  1.00 55.91 ? 46  VAL B CA  1 
ATOM   951  C  C   . VAL B 1 54 ? 5.053   -5.233  12.775  1.00 56.16 ? 46  VAL B C   1 
ATOM   952  O  O   . VAL B 1 54 ? 5.588   -6.305  12.510  1.00 58.60 ? 46  VAL B O   1 
ATOM   953  C  CB  . VAL B 1 54 ? 6.814   -3.545  12.701  1.00 55.71 ? 46  VAL B CB  1 
ATOM   954  C  CG1 . VAL B 1 54 ? 6.116   -2.932  11.502  1.00 57.18 ? 46  VAL B CG1 1 
ATOM   955  C  CG2 . VAL B 1 54 ? 7.561   -2.487  13.467  1.00 56.35 ? 46  VAL B CG2 1 
ATOM   956  N  N   . GLY B 1 55 ? 3.826   -4.907  12.373  1.00 55.19 ? 47  GLY B N   1 
ATOM   957  C  CA  . GLY B 1 55 ? 3.033   -5.827  11.585  1.00 52.37 ? 47  GLY B CA  1 
ATOM   958  C  C   . GLY B 1 55 ? 2.844   -5.322  10.170  1.00 51.87 ? 47  GLY B C   1 
ATOM   959  O  O   . GLY B 1 55 ? 2.722   -6.109  9.239   1.00 51.84 ? 47  GLY B O   1 
ATOM   960  N  N   . VAL B 1 56 ? 2.828   -4.007  10.005  1.00 50.24 ? 48  VAL B N   1 
ATOM   961  C  CA  . VAL B 1 56 ? 2.640   -3.411  8.693   1.00 50.19 ? 48  VAL B CA  1 
ATOM   962  C  C   . VAL B 1 56 ? 3.429   -2.107  8.626   1.00 52.08 ? 48  VAL B C   1 
ATOM   963  O  O   . VAL B 1 56 ? 3.603   -1.425  9.639   1.00 53.35 ? 48  VAL B O   1 
ATOM   964  C  CB  . VAL B 1 56 ? 1.135   -3.077  8.431   1.00 48.53 ? 48  VAL B CB  1 
ATOM   965  C  CG1 . VAL B 1 56 ? 0.951   -2.530  7.030   1.00 44.88 ? 48  VAL B CG1 1 
ATOM   966  C  CG2 . VAL B 1 56 ? 0.270   -4.307  8.639   1.00 50.12 ? 48  VAL B CG2 1 
ATOM   967  N  N   . VAL B 1 57 ? 3.917   -1.764  7.437   1.00 51.88 ? 49  VAL B N   1 
ATOM   968  C  CA  . VAL B 1 57 ? 4.640   -0.515  7.257   1.00 51.28 ? 49  VAL B CA  1 
ATOM   969  C  C   . VAL B 1 57 ? 4.265   0.110   5.923   1.00 50.95 ? 49  VAL B C   1 
ATOM   970  O  O   . VAL B 1 57 ? 4.402   -0.510  4.875   1.00 48.43 ? 49  VAL B O   1 
ATOM   971  C  CB  . VAL B 1 57 ? 6.188   -0.720  7.366   1.00 51.29 ? 49  VAL B CB  1 
ATOM   972  C  CG1 . VAL B 1 57 ? 6.573   -2.050  6.784   1.00 52.95 ? 49  VAL B CG1 1 
ATOM   973  C  CG2 . VAL B 1 57 ? 6.943   0.421   6.661   1.00 49.18 ? 49  VAL B CG2 1 
ATOM   974  N  N   . ILE B 1 58 ? 3.758   1.337   5.991   1.00 53.85 ? 50  ILE B N   1 
ATOM   975  C  CA  . ILE B 1 58 ? 3.353   2.105   4.812   1.00 58.41 ? 50  ILE B CA  1 
ATOM   976  C  C   . ILE B 1 58 ? 4.574   2.808   4.226   1.00 62.01 ? 50  ILE B C   1 
ATOM   977  O  O   . ILE B 1 58 ? 5.398   3.345   4.966   1.00 63.86 ? 50  ILE B O   1 
ATOM   978  C  CB  . ILE B 1 58 ? 2.340   3.226   5.163   1.00 56.94 ? 50  ILE B CB  1 
ATOM   979  C  CG1 . ILE B 1 58 ? 1.206   2.686   6.036   1.00 57.21 ? 50  ILE B CG1 1 
ATOM   980  C  CG2 . ILE B 1 58 ? 1.795   3.833   3.886   1.00 56.96 ? 50  ILE B CG2 1 
ATOM   981  C  CD1 . ILE B 1 58 ? 0.253   1.787   5.310   1.00 59.95 ? 50  ILE B CD1 1 
HETATM 982  N  N   . MSE B 1 59 ? 4.683   2.834   2.904   1.00 66.20 ? 51  MSE B N   1 
HETATM 983  C  CA  . MSE B 1 59 ? 5.813   3.496   2.271   1.00 71.22 ? 51  MSE B CA  1 
HETATM 984  C  C   . MSE B 1 59 ? 5.535   3.946   0.852   1.00 72.32 ? 51  MSE B C   1 
HETATM 985  O  O   . MSE B 1 59 ? 4.623   3.452   0.194   1.00 71.21 ? 51  MSE B O   1 
HETATM 986  C  CB  . MSE B 1 59 ? 7.014   2.566   2.212   1.00 77.20 ? 51  MSE B CB  1 
HETATM 987  C  CG  . MSE B 1 59 ? 7.947   2.595   3.393   1.00 83.54 ? 51  MSE B CG  1 
HETATM 988  SE SE  . MSE B 1 59 ? 9.687   2.063   2.734   1.00 96.44 ? 51  MSE B SE  1 
HETATM 989  C  CE  . MSE B 1 59 ? 9.240   0.304   2.037   1.00 87.91 ? 51  MSE B CE  1 
ATOM   990  N  N   . LYS B 1 60 ? 6.349   4.882   0.381   1.00 73.87 ? 52  LYS B N   1 
ATOM   991  C  CA  . LYS B 1 60 ? 6.228   5.370   -0.976  1.00 75.72 ? 52  LYS B CA  1 
ATOM   992  C  C   . LYS B 1 60 ? 6.724   4.232   -1.858  1.00 77.66 ? 52  LYS B C   1 
ATOM   993  O  O   . LYS B 1 60 ? 7.719   3.580   -1.547  1.00 75.97 ? 52  LYS B O   1 
ATOM   994  C  CB  . LYS B 1 60 ? 7.096   6.610   -1.165  1.00 75.93 ? 52  LYS B CB  1 
ATOM   995  C  CG  . LYS B 1 60 ? 6.581   7.838   -0.438  1.00 76.74 ? 52  LYS B CG  1 
ATOM   996  C  CD  . LYS B 1 60 ? 5.889   8.809   -1.400  1.00 76.31 ? 52  LYS B CD  1 
ATOM   997  C  CE  . LYS B 1 60 ? 6.768   10.021  -1.692  1.00 75.20 ? 52  LYS B CE  1 
ATOM   998  N  NZ  . LYS B 1 60 ? 7.078   10.800  -0.444  1.00 74.19 ? 52  LYS B NZ  1 
ATOM   999  N  N   . GLN B 1 61 ? 6.024   3.988   -2.956  1.00 81.75 ? 53  GLN B N   1 
ATOM   1000 C  CA  . GLN B 1 61 ? 6.394   2.912   -3.861  1.00 86.27 ? 53  GLN B CA  1 
ATOM   1001 C  C   . GLN B 1 61 ? 7.759   3.204   -4.455  1.00 87.42 ? 53  GLN B C   1 
ATOM   1002 O  O   . GLN B 1 61 ? 8.432   2.319   -4.979  1.00 88.84 ? 53  GLN B O   1 
ATOM   1003 C  CB  . GLN B 1 61 ? 5.346   2.800   -4.965  1.00 88.66 ? 53  GLN B CB  1 
ATOM   1004 C  CG  . GLN B 1 61 ? 5.245   1.430   -5.607  1.00 93.84 ? 53  GLN B CG  1 
ATOM   1005 C  CD  . GLN B 1 61 ? 3.927   1.246   -6.352  1.00 97.45 ? 53  GLN B CD  1 
ATOM   1006 O  OE1 . GLN B 1 61 ? 3.623   1.980   -7.301  1.00 99.00 ? 53  GLN B OE1 1 
ATOM   1007 N  NE2 . GLN B 1 61 ? 3.132   0.267   -5.920  1.00 97.92 ? 53  GLN B NE2 1 
ATOM   1008 N  N   . GLU B 1 62 ? 8.165   4.460   -4.348  1.00 88.53 ? 54  GLU B N   1 
ATOM   1009 C  CA  . GLU B 1 62 ? 9.436   4.920   -4.884  1.00 89.12 ? 54  GLU B CA  1 
ATOM   1010 C  C   . GLU B 1 62 ? 10.570  4.805   -3.887  1.00 87.66 ? 54  GLU B C   1 
ATOM   1011 O  O   . GLU B 1 62 ? 11.520  5.578   -3.947  1.00 88.18 ? 54  GLU B O   1 
ATOM   1012 C  CB  . GLU B 1 62 ? 9.305   6.380   -5.303  1.00 91.29 ? 54  GLU B CB  1 
ATOM   1013 C  CG  . GLU B 1 62 ? 8.792   7.245   -4.173  1.00 94.08 ? 54  GLU B CG  1 
ATOM   1014 C  CD  . GLU B 1 62 ? 8.647   8.690   -4.557  1.00 96.00 ? 54  GLU B CD  1 
ATOM   1015 O  OE1 . GLU B 1 62 ? 9.689   9.358   -4.738  1.00 96.99 ? 54  GLU B OE1 1 
ATOM   1016 O  OE2 . GLU B 1 62 ? 7.491   9.154   -4.679  1.00 96.00 ? 54  GLU B OE2 1 
ATOM   1017 N  N   . TYR B 1 63 ? 10.481  3.861   -2.962  1.00 85.89 ? 55  TYR B N   1 
ATOM   1018 C  CA  . TYR B 1 63 ? 11.548  3.723   -1.984  1.00 85.16 ? 55  TYR B CA  1 
ATOM   1019 C  C   . TYR B 1 63 ? 12.325  2.419   -2.111  1.00 84.99 ? 55  TYR B C   1 
ATOM   1020 O  O   . TYR B 1 63 ? 13.503  2.361   -1.751  1.00 82.67 ? 55  TYR B O   1 
ATOM   1021 C  CB  . TYR B 1 63 ? 10.995  3.882   -0.562  1.00 84.84 ? 55  TYR B CB  1 
ATOM   1022 C  CG  . TYR B 1 63 ? 10.736  5.319   -0.144  1.00 83.49 ? 55  TYR B CG  1 
ATOM   1023 C  CD1 . TYR B 1 63 ? 10.316  5.620   1.152   1.00 82.64 ? 55  TYR B CD1 1 
ATOM   1024 C  CD2 . TYR B 1 63 ? 10.936  6.379   -1.032  1.00 83.69 ? 55  TYR B CD2 1 
ATOM   1025 C  CE1 . TYR B 1 63 ? 10.106  6.942   1.552   1.00 82.22 ? 55  TYR B CE1 1 
ATOM   1026 C  CE2 . TYR B 1 63 ? 10.729  7.704   -0.640  1.00 82.80 ? 55  TYR B CE2 1 
ATOM   1027 C  CZ  . TYR B 1 63 ? 10.316  7.978   0.652   1.00 82.25 ? 55  TYR B CZ  1 
ATOM   1028 O  OH  . TYR B 1 63 ? 10.124  9.284   1.042   1.00 81.56 ? 55  TYR B OH  1 
ATOM   1029 N  N   . LEU B 1 64 ? 11.678  1.378   -2.633  1.00 86.06 ? 56  LEU B N   1 
ATOM   1030 C  CA  . LEU B 1 64 ? 12.346  0.090   -2.806  1.00 87.52 ? 56  LEU B CA  1 
ATOM   1031 C  C   . LEU B 1 64 ? 13.584  0.217   -3.691  1.00 87.99 ? 56  LEU B C   1 
ATOM   1032 O  O   . LEU B 1 64 ? 14.639  -0.333  -3.377  1.00 88.87 ? 56  LEU B O   1 
ATOM   1033 C  CB  . LEU B 1 64 ? 11.408  -0.946  -3.431  1.00 88.51 ? 56  LEU B CB  1 
ATOM   1034 C  CG  . LEU B 1 64 ? 10.190  -1.435  -2.655  1.00 89.25 ? 56  LEU B CG  1 
ATOM   1035 C  CD1 . LEU B 1 64 ? 9.089   -0.394  -2.754  1.00 90.19 ? 56  LEU B CD1 1 
ATOM   1036 C  CD2 . LEU B 1 64 ? 9.717   -2.774  -3.229  1.00 89.29 ? 56  LEU B CD2 1 
ATOM   1037 N  N   . LYS B 1 65 ? 13.444  0.935   -4.804  1.00 87.85 ? 57  LYS B N   1 
ATOM   1038 C  CA  . LYS B 1 65 ? 14.542  1.133   -5.740  1.00 86.77 ? 57  LYS B CA  1 
ATOM   1039 C  C   . LYS B 1 65 ? 15.789  1.600   -5.012  1.00 86.73 ? 57  LYS B C   1 
ATOM   1040 O  O   . LYS B 1 65 ? 16.901  1.260   -5.392  1.00 87.88 ? 57  LYS B O   1 
ATOM   1041 C  CB  . LYS B 1 65 ? 14.150  2.151   -6.796  1.00 86.03 ? 57  LYS B CB  1 
ATOM   1042 N  N   . LYS B 1 66 ? 15.595  2.368   -3.950  1.00 86.69 ? 58  LYS B N   1 
ATOM   1043 C  CA  . LYS B 1 66 ? 16.707  2.905   -3.174  1.00 86.11 ? 58  LYS B CA  1 
ATOM   1044 C  C   . LYS B 1 66 ? 17.328  1.911   -2.193  1.00 85.73 ? 58  LYS B C   1 
ATOM   1045 O  O   . LYS B 1 66 ? 18.381  2.169   -1.611  1.00 84.04 ? 58  LYS B O   1 
ATOM   1046 C  CB  . LYS B 1 66 ? 16.229  4.151   -2.423  1.00 86.49 ? 58  LYS B CB  1 
ATOM   1047 C  CG  . LYS B 1 66 ? 15.616  5.202   -3.332  1.00 86.71 ? 58  LYS B CG  1 
ATOM   1048 C  CD  . LYS B 1 66 ? 15.378  6.497   -2.594  1.00 86.70 ? 58  LYS B CD  1 
ATOM   1049 C  CE  . LYS B 1 66 ? 15.136  7.635   -3.567  1.00 87.02 ? 58  LYS B CE  1 
ATOM   1050 N  NZ  . LYS B 1 66 ? 15.097  8.946   -2.860  1.00 86.83 ? 58  LYS B NZ  1 
ATOM   1051 N  N   . LEU B 1 67 ? 16.675  0.770   -2.023  1.00 87.10 ? 59  LEU B N   1 
ATOM   1052 C  CA  . LEU B 1 67 ? 17.145  -0.256  -1.101  1.00 88.57 ? 59  LEU B CA  1 
ATOM   1053 C  C   . LEU B 1 67 ? 18.035  -1.307  -1.767  1.00 89.55 ? 59  LEU B C   1 
ATOM   1054 O  O   . LEU B 1 67 ? 17.659  -1.896  -2.785  1.00 90.06 ? 59  LEU B O   1 
ATOM   1055 C  CB  . LEU B 1 67 ? 15.940  -0.953  -0.460  1.00 89.28 ? 59  LEU B CB  1 
ATOM   1056 C  CG  . LEU B 1 67 ? 14.895  -0.053  0.207   1.00 88.73 ? 59  LEU B CG  1 
ATOM   1057 C  CD1 . LEU B 1 67 ? 13.694  -0.883  0.600   1.00 88.90 ? 59  LEU B CD1 1 
ATOM   1058 C  CD2 . LEU B 1 67 ? 15.491  0.636   1.423   1.00 88.88 ? 59  LEU B CD2 1 
ATOM   1059 N  N   . PRO B 1 68 ? 19.227  -1.562  -1.193  1.00 91.62 ? 60  PRO B N   1 
ATOM   1060 C  CA  . PRO B 1 68 ? 20.143  -2.556  -1.762  1.00 90.46 ? 60  PRO B CA  1 
ATOM   1061 C  C   . PRO B 1 68 ? 19.485  -3.925  -1.969  1.00 90.52 ? 60  PRO B C   1 
ATOM   1062 O  O   . PRO B 1 68 ? 18.538  -4.292  -1.272  1.00 91.55 ? 60  PRO B O   1 
ATOM   1063 C  CB  . PRO B 1 68 ? 21.294  -2.589  -0.752  1.00 90.32 ? 60  PRO B CB  1 
ATOM   1064 C  CG  . PRO B 1 68 ? 20.658  -2.158  0.523   1.00 90.92 ? 60  PRO B CG  1 
ATOM   1065 C  CD  . PRO B 1 68 ? 19.766  -1.028  0.069   1.00 91.14 ? 60  PRO B CD  1 
ATOM   1066 N  N   . PRO B 1 69 ? 19.994  -4.698  -2.938  1.00 91.46 ? 61  PRO B N   1 
ATOM   1067 C  CA  . PRO B 1 69 ? 19.467  -6.025  -3.260  1.00 89.99 ? 61  PRO B CA  1 
ATOM   1068 C  C   . PRO B 1 69 ? 19.155  -6.881  -2.048  1.00 88.55 ? 61  PRO B C   1 
ATOM   1069 O  O   . PRO B 1 69 ? 18.128  -7.551  -2.008  1.00 88.86 ? 61  PRO B O   1 
ATOM   1070 C  CB  . PRO B 1 69 ? 20.569  -6.629  -4.122  1.00 90.88 ? 61  PRO B CB  1 
ATOM   1071 C  CG  . PRO B 1 69 ? 21.139  -5.430  -4.812  1.00 90.96 ? 61  PRO B CG  1 
ATOM   1072 C  CD  . PRO B 1 69 ? 21.232  -4.431  -3.691  1.00 90.49 ? 61  PRO B CD  1 
ATOM   1073 N  N   . VAL B 1 70 ? 20.040  -6.865  -1.060  1.00 88.23 ? 62  VAL B N   1 
ATOM   1074 C  CA  . VAL B 1 70 ? 19.827  -7.671  0.137   1.00 89.30 ? 62  VAL B CA  1 
ATOM   1075 C  C   . VAL B 1 70 ? 18.486  -7.334  0.788   1.00 88.07 ? 62  VAL B C   1 
ATOM   1076 O  O   . VAL B 1 70 ? 17.657  -8.220  1.028   1.00 87.15 ? 62  VAL B O   1 
ATOM   1077 C  CB  . VAL B 1 70 ? 20.958  -7.447  1.170   1.00 89.52 ? 62  VAL B CB  1 
ATOM   1078 C  CG1 . VAL B 1 70 ? 20.820  -8.434  2.326   1.00 88.73 ? 62  VAL B CG1 1 
ATOM   1079 C  CG2 . VAL B 1 70 ? 22.311  -7.598  0.494   1.00 90.65 ? 62  VAL B CG2 1 
ATOM   1080 N  N   . LEU B 1 71 ? 18.287  -6.043  1.058   1.00 87.50 ? 63  LEU B N   1 
ATOM   1081 C  CA  . LEU B 1 71 ? 17.070  -5.546  1.691   1.00 85.89 ? 63  LEU B CA  1 
ATOM   1082 C  C   . LEU B 1 71 ? 15.828  -5.819  0.878   1.00 84.32 ? 63  LEU B C   1 
ATOM   1083 O  O   . LEU B 1 71 ? 14.816  -6.259  1.418   1.00 84.23 ? 63  LEU B O   1 
ATOM   1084 C  CB  . LEU B 1 71 ? 17.170  -4.037  1.950   1.00 85.51 ? 63  LEU B CB  1 
ATOM   1085 C  CG  . LEU B 1 71 ? 17.853  -3.580  3.242   1.00 85.69 ? 63  LEU B CG  1 
ATOM   1086 C  CD1 . LEU B 1 71 ? 17.828  -2.064  3.350   1.00 85.38 ? 63  LEU B CD1 1 
ATOM   1087 C  CD2 . LEU B 1 71 ? 17.133  -4.197  4.426   1.00 86.68 ? 63  LEU B CD2 1 
ATOM   1088 N  N   . ARG B 1 72 ? 15.901  -5.552  -0.419  1.00 83.85 ? 64  ARG B N   1 
ATOM   1089 C  CA  . ARG B 1 72 ? 14.743  -5.766  -1.270  1.00 85.01 ? 64  ARG B CA  1 
ATOM   1090 C  C   . ARG B 1 72 ? 14.286  -7.217  -1.189  1.00 85.91 ? 64  ARG B C   1 
ATOM   1091 O  O   . ARG B 1 72 ? 13.097  -7.484  -1.029  1.00 85.88 ? 64  ARG B O   1 
ATOM   1092 C  CB  . ARG B 1 72 ? 15.054  -5.368  -2.716  1.00 83.45 ? 64  ARG B CB  1 
ATOM   1093 N  N   . ARG B 1 73 ? 15.214  -8.160  -1.275  1.00 87.69 ? 65  ARG B N   1 
ATOM   1094 C  CA  . ARG B 1 73 ? 14.804  -9.550  -1.194  1.00 89.78 ? 65  ARG B CA  1 
ATOM   1095 C  C   . ARG B 1 73 ? 14.412  -9.872  0.246   1.00 91.12 ? 65  ARG B C   1 
ATOM   1096 O  O   . ARG B 1 73 ? 13.476  -10.643 0.490   1.00 90.32 ? 65  ARG B O   1 
ATOM   1097 C  CB  . ARG B 1 73 ? 15.916  -10.485 -1.694  1.00 90.04 ? 65  ARG B CB  1 
ATOM   1098 C  CG  . ARG B 1 73 ? 17.170  -10.590 -0.835  1.00 91.37 ? 65  ARG B CG  1 
ATOM   1099 C  CD  . ARG B 1 73 ? 18.099  -11.668 -1.421  1.00 92.72 ? 65  ARG B CD  1 
ATOM   1100 N  NE  . ARG B 1 73 ? 18.431  -11.362 -2.810  1.00 93.17 ? 65  ARG B NE  1 
ATOM   1101 C  CZ  . ARG B 1 73 ? 19.561  -10.779 -3.203  1.00 93.34 ? 65  ARG B CZ  1 
ATOM   1102 N  NH1 . ARG B 1 73 ? 20.490  -10.452 -2.315  1.00 91.69 ? 65  ARG B NH1 1 
ATOM   1103 N  NH2 . ARG B 1 73 ? 19.740  -10.473 -4.483  1.00 94.12 ? 65  ARG B NH2 1 
ATOM   1104 N  N   . GLU B 1 74 ? 15.120  -9.255  1.191   1.00 92.53 ? 66  GLU B N   1 
ATOM   1105 C  CA  . GLU B 1 74 ? 14.860  -9.459  2.615   1.00 93.35 ? 66  GLU B CA  1 
ATOM   1106 C  C   . GLU B 1 74 ? 13.412  -9.135  2.933   1.00 94.22 ? 66  GLU B C   1 
ATOM   1107 O  O   . GLU B 1 74 ? 12.759  -9.854  3.692   1.00 94.95 ? 66  GLU B O   1 
ATOM   1108 C  CB  . GLU B 1 74 ? 15.781  -8.580  3.453   1.00 92.80 ? 66  GLU B CB  1 
ATOM   1109 N  N   . ILE B 1 75 ? 12.914  -8.049  2.347   1.00 95.19 ? 67  ILE B N   1 
ATOM   1110 C  CA  . ILE B 1 75 ? 11.537  -7.628  2.577   1.00 95.88 ? 67  ILE B CA  1 
ATOM   1111 C  C   . ILE B 1 75 ? 10.621  -8.289  1.566   1.00 96.72 ? 67  ILE B C   1 
ATOM   1112 O  O   . ILE B 1 75 ? 9.400   -8.243  1.698   1.00 96.35 ? 67  ILE B O   1 
ATOM   1113 C  CB  . ILE B 1 75 ? 11.383  -6.092  2.484   1.00 95.30 ? 67  ILE B CB  1 
ATOM   1114 C  CG1 . ILE B 1 75 ? 11.420  -5.635  1.033   1.00 94.31 ? 67  ILE B CG1 1 
ATOM   1115 C  CG2 . ILE B 1 75 ? 12.514  -5.412  3.239   1.00 95.21 ? 67  ILE B CG2 1 
ATOM   1116 C  CD1 . ILE B 1 75 ? 11.129  -4.166  0.880   1.00 93.86 ? 67  ILE B CD1 1 
ATOM   1117 N  N   . ASP B 1 76 ? 11.230  -8.897  0.550   1.00 98.50 ? 68  ASP B N   1 
ATOM   1118 C  CA  . ASP B 1 76 ? 10.490  -9.603  -0.490  1.00 98.96 ? 68  ASP B CA  1 
ATOM   1119 C  C   . ASP B 1 76 ? 9.736   -10.729 0.206   1.00 99.00 ? 68  ASP B C   1 
ATOM   1120 O  O   . ASP B 1 76 ? 8.524   -10.897 0.013   1.00 98.96 ? 68  ASP B O   1 
ATOM   1121 C  CB  . ASP B 1 76 ? 11.459  -10.175 -1.531  1.00 99.00 ? 68  ASP B CB  1 
ATOM   1122 C  CG  . ASP B 1 76 ? 10.829  -11.262 -2.390  1.00 99.00 ? 68  ASP B CG  1 
ATOM   1123 O  OD1 . ASP B 1 76 ? 10.565  -12.374 -1.867  1.00 99.00 ? 68  ASP B OD1 1 
ATOM   1124 O  OD2 . ASP B 1 76 ? 10.597  -11.003 -3.591  1.00 99.00 ? 68  ASP B OD2 1 
ATOM   1125 N  N   . GLU B 1 77 ? 10.469  -11.497 1.015   1.00 98.99 ? 69  GLU B N   1 
ATOM   1126 C  CA  . GLU B 1 77 ? 9.881   -12.592 1.774   1.00 98.98 ? 69  GLU B CA  1 
ATOM   1127 C  C   . GLU B 1 77 ? 8.608   -12.032 2.412   1.00 99.00 ? 69  GLU B C   1 
ATOM   1128 O  O   . GLU B 1 77 ? 7.507   -12.550 2.199   1.00 99.00 ? 69  GLU B O   1 
ATOM   1129 C  CB  . GLU B 1 77 ? 10.854  -13.062 2.850   1.00 97.79 ? 69  GLU B CB  1 
ATOM   1130 N  N   . LYS B 1 78 ? 8.782   -10.953 3.174   1.00 99.00 ? 70  LYS B N   1 
ATOM   1131 C  CA  . LYS B 1 78 ? 7.688   -10.259 3.846   1.00 98.61 ? 70  LYS B CA  1 
ATOM   1132 C  C   . LYS B 1 78 ? 6.777   -11.172 4.666   1.00 97.85 ? 70  LYS B C   1 
ATOM   1133 O  O   . LYS B 1 78 ? 5.553   -11.147 4.502   1.00 97.10 ? 70  LYS B O   1 
ATOM   1134 C  CB  . LYS B 1 78 ? 6.845   -9.489  2.818   1.00 98.60 ? 70  LYS B CB  1 
ATOM   1135 C  CG  . LYS B 1 78 ? 5.795   -8.569  3.440   1.00 98.98 ? 70  LYS B CG  1 
ATOM   1136 C  CD  . LYS B 1 78 ? 4.744   -8.097  2.434   1.00 98.96 ? 70  LYS B CD  1 
ATOM   1137 C  CE  . LYS B 1 78 ? 5.284   -7.077  1.431   1.00 99.00 ? 70  LYS B CE  1 
ATOM   1138 N  NZ  . LYS B 1 78 ? 6.315   -7.634  0.510   1.00 99.00 ? 70  LYS B NZ  1 
ATOM   1139 N  N   . VAL B 1 79 ? 7.367   -11.988 5.536   1.00 96.40 ? 71  VAL B N   1 
ATOM   1140 C  CA  . VAL B 1 79 ? 6.563   -12.859 6.388   1.00 94.74 ? 71  VAL B CA  1 
ATOM   1141 C  C   . VAL B 1 79 ? 5.797   -11.874 7.265   1.00 93.34 ? 71  VAL B C   1 
ATOM   1142 O  O   . VAL B 1 79 ? 4.566   -11.906 7.355   1.00 94.78 ? 71  VAL B O   1 
ATOM   1143 C  CB  . VAL B 1 79 ? 7.463   -13.749 7.245   1.00 94.03 ? 71  VAL B CB  1 
ATOM   1144 N  N   . GLU B 1 80 ? 6.558   -10.978 7.882   1.00 89.84 ? 72  GLU B N   1 
ATOM   1145 C  CA  . GLU B 1 80 ? 6.044   -9.932  8.749   1.00 86.37 ? 72  GLU B CA  1 
ATOM   1146 C  C   . GLU B 1 80 ? 7.236   -8.998  8.931   1.00 83.89 ? 72  GLU B C   1 
ATOM   1147 O  O   . GLU B 1 80 ? 8.360   -9.455  9.124   1.00 84.75 ? 72  GLU B O   1 
ATOM   1148 C  CB  . GLU B 1 80 ? 5.603   -10.514 10.097  1.00 84.94 ? 72  GLU B CB  1 
ATOM   1149 N  N   . PRO B 1 81 ? 7.019   -7.679  8.846   1.00 80.96 ? 73  PRO B N   1 
ATOM   1150 C  CA  . PRO B 1 81 ? 5.749   -6.997  8.593   1.00 77.75 ? 73  PRO B CA  1 
ATOM   1151 C  C   . PRO B 1 81 ? 5.343   -7.016  7.124   1.00 74.67 ? 73  PRO B C   1 
ATOM   1152 O  O   . PRO B 1 81 ? 6.170   -7.188  6.236   1.00 74.62 ? 73  PRO B O   1 
ATOM   1153 C  CB  . PRO B 1 81 ? 6.035   -5.585  9.063   1.00 78.35 ? 73  PRO B CB  1 
ATOM   1154 C  CG  . PRO B 1 81 ? 7.447   -5.405  8.583   1.00 79.10 ? 73  PRO B CG  1 
ATOM   1155 C  CD  . PRO B 1 81 ? 8.104   -6.698  9.027   1.00 78.81 ? 73  PRO B CD  1 
ATOM   1156 N  N   . THR B 1 82 ? 4.056   -6.832  6.880   1.00 71.44 ? 74  THR B N   1 
ATOM   1157 C  CA  . THR B 1 82 ? 3.536   -6.782  5.531   1.00 68.16 ? 74  THR B CA  1 
ATOM   1158 C  C   . THR B 1 82 ? 3.773   -5.361  5.047   1.00 66.72 ? 74  THR B C   1 
ATOM   1159 O  O   . THR B 1 82 ? 3.284   -4.407  5.652   1.00 66.81 ? 74  THR B O   1 
ATOM   1160 C  CB  . THR B 1 82 ? 2.020   -7.067  5.514   1.00 68.27 ? 74  THR B CB  1 
ATOM   1161 O  OG1 . THR B 1 82 ? 1.784   -8.408  5.960   1.00 69.43 ? 74  THR B OG1 1 
ATOM   1162 C  CG2 . THR B 1 82 ? 1.447   -6.881  4.120   1.00 67.75 ? 74  THR B CG2 1 
ATOM   1163 N  N   . PHE B 1 83 ? 4.541   -5.208  3.975   1.00 65.19 ? 75  PHE B N   1 
ATOM   1164 C  CA  . PHE B 1 83 ? 4.787   -3.880  3.442   1.00 65.03 ? 75  PHE B CA  1 
ATOM   1165 C  C   . PHE B 1 83 ? 3.626   -3.430  2.575   1.00 65.24 ? 75  PHE B C   1 
ATOM   1166 O  O   . PHE B 1 83 ? 3.044   -4.224  1.838   1.00 65.81 ? 75  PHE B O   1 
ATOM   1167 C  CB  . PHE B 1 83 ? 6.090   -3.843  2.646   1.00 65.15 ? 75  PHE B CB  1 
ATOM   1168 C  CG  . PHE B 1 83 ? 7.304   -3.723  3.507   1.00 66.77 ? 75  PHE B CG  1 
ATOM   1169 C  CD1 . PHE B 1 83 ? 7.727   -4.797  4.290   1.00 68.44 ? 75  PHE B CD1 1 
ATOM   1170 C  CD2 . PHE B 1 83 ? 7.980   -2.513  3.609   1.00 67.39 ? 75  PHE B CD2 1 
ATOM   1171 C  CE1 . PHE B 1 83 ? 8.806   -4.664  5.173   1.00 68.25 ? 75  PHE B CE1 1 
ATOM   1172 C  CE2 . PHE B 1 83 ? 9.061   -2.365  4.488   1.00 67.90 ? 75  PHE B CE2 1 
ATOM   1173 C  CZ  . PHE B 1 83 ? 9.473   -3.445  5.273   1.00 68.51 ? 75  PHE B CZ  1 
ATOM   1174 N  N   . VAL B 1 84 ? 3.280   -2.154  2.699   1.00 64.36 ? 76  VAL B N   1 
ATOM   1175 C  CA  . VAL B 1 84 ? 2.193   -1.550  1.936   1.00 63.60 ? 76  VAL B CA  1 
ATOM   1176 C  C   . VAL B 1 84 ? 2.841   -0.372  1.207   1.00 62.86 ? 76  VAL B C   1 
ATOM   1177 O  O   . VAL B 1 84 ? 3.377   0.536   1.842   1.00 62.33 ? 76  VAL B O   1 
ATOM   1178 C  CB  . VAL B 1 84 ? 1.073   -1.064  2.897   1.00 63.89 ? 76  VAL B CB  1 
ATOM   1179 C  CG1 . VAL B 1 84 ? -0.074  -0.450  2.132   1.00 64.10 ? 76  VAL B CG1 1 
ATOM   1180 C  CG2 . VAL B 1 84 ? 0.575   -2.219  3.714   1.00 63.84 ? 76  VAL B CG2 1 
ATOM   1181 N  N   . SER B 1 85 ? 2.814   -0.382  -0.122  1.00 62.91 ? 77  SER B N   1 
ATOM   1182 C  CA  . SER B 1 85 ? 3.461   0.697   -0.865  1.00 63.52 ? 77  SER B CA  1 
ATOM   1183 C  C   . SER B 1 85 ? 2.528   1.640   -1.597  1.00 63.11 ? 77  SER B C   1 
ATOM   1184 O  O   . SER B 1 85 ? 1.796   1.244   -2.505  1.00 62.63 ? 77  SER B O   1 
ATOM   1185 C  CB  . SER B 1 85 ? 4.468   0.123   -1.860  1.00 64.89 ? 77  SER B CB  1 
ATOM   1186 O  OG  . SER B 1 85 ? 3.787   -0.518  -2.919  1.00 69.03 ? 77  SER B OG  1 
ATOM   1187 N  N   . VAL B 1 86 ? 2.590   2.902   -1.196  1.00 63.87 ? 78  VAL B N   1 
ATOM   1188 C  CA  . VAL B 1 86 ? 1.774   3.950   -1.773  1.00 66.29 ? 78  VAL B CA  1 
ATOM   1189 C  C   . VAL B 1 86 ? 2.243   4.249   -3.191  1.00 68.12 ? 78  VAL B C   1 
ATOM   1190 O  O   . VAL B 1 86 ? 3.248   4.930   -3.395  1.00 68.09 ? 78  VAL B O   1 
ATOM   1191 C  CB  . VAL B 1 86 ? 1.845   5.241   -0.911  1.00 65.69 ? 78  VAL B CB  1 
ATOM   1192 C  CG1 . VAL B 1 86 ? 0.998   6.330   -1.526  1.00 65.56 ? 78  VAL B CG1 1 
ATOM   1193 C  CG2 . VAL B 1 86 ? 1.367   4.950   0.500   1.00 64.02 ? 78  VAL B CG2 1 
ATOM   1194 N  N   . GLY B 1 87 ? 1.494   3.721   -4.155  1.00 70.92 ? 79  GLY B N   1 
ATOM   1195 C  CA  . GLY B 1 87 ? 1.790   3.898   -5.568  1.00 73.39 ? 79  GLY B CA  1 
ATOM   1196 C  C   . GLY B 1 87 ? 2.328   5.254   -5.984  1.00 76.15 ? 79  GLY B C   1 
ATOM   1197 O  O   . GLY B 1 87 ? 3.191   5.280   -6.894  1.00 77.18 ? 79  GLY B O   1 
HETATM 1198 O  O   . HOH C 2 .  ? -19.626 1.744   6.448   1.00 49.30 ? 101 HOH A O   1 
HETATM 1199 O  O   . HOH C 2 .  ? 6.374   -10.687 -6.229  1.00 57.60 ? 102 HOH A O   1 
HETATM 1200 O  O   . HOH D 2 .  ? -7.001  15.581  14.914  1.00 69.06 ? 104 HOH B O   1 
HETATM 1201 O  O   . HOH D 2 .  ? -0.667  -11.212 20.568  1.00 42.85 ? 105 HOH B O   1 
HETATM 1202 O  O   . HOH D 2 .  ? 7.579   2.741   20.299  1.00 64.11 ? 106 HOH B O   1 
HETATM 1203 O  O   . HOH D 2 .  ? 5.540   10.759  -7.780  1.00 44.81 ? 107 HOH B O   1 
HETATM 1204 O  O   . HOH D 2 .  ? 27.800  15.193  6.450   1.00 70.26 ? 108 HOH B O   1 
HETATM 1205 O  O   . HOH D 2 .  ? 6.882   -16.703 22.454  1.00 68.17 ? 109 HOH B O   1 
HETATM 1206 O  O   . HOH D 2 .  ? 4.084   -6.497  24.356  1.00 62.22 ? 110 HOH B O   1 
# 
